data_6C7E
#
_entry.id   6C7E
#
_cell.length_a   55.960
_cell.length_b   72.650
_cell.length_c   90.730
_cell.angle_alpha   109.110
_cell.angle_beta   91.280
_cell.angle_gamma   91.200
#
_symmetry.space_group_name_H-M   'P 1'
#
loop_
_entity.id
_entity.type
_entity.pdbx_description
1 polymer "cGMP-dependent 3',5'-cyclic phosphodiesterase"
2 non-polymer 1-(2-chlorophenyl)-N,4-dimethyl[1,2,4]triazolo[4,3-a]quinoxaline-8-carboxamide
3 non-polymer 'ZINC ION'
4 non-polymer 'MAGNESIUM ION'
5 water water
#
_entity_poly.entity_id   1
_entity_poly.type   'polypeptide(L)'
_entity_poly.pdbx_seq_one_letter_code
;SAMDDEYTKLLHDGIQPVAAIDSNFASFTYTPRSLPEDDTSMAILSMLQDMNFINNYKIDCPTLARFCLMVKKGYRDPPY
HNWMHAFSVSHFCYLLYKNLELTNYLEDIEIFALFISCMCHDLDHRGTNNSFQVASKSVLAALYSSEGSVMERHHFAQAI
AILNTHGCNIFDHFSRKDYQRMLDLMRDIILATDLAHHLRIFKDLQKMAEVGYDRNNKQHHRLLLCLLMTSCDLSDQTKG
WKTTRKIAELIYKEFFSQGDLEKAMGNRPMEMMDREKAYIPELQISFMEHIAMPIYKLLQDLFPKAAELYERVASNREHW
TKVSHKFTIRGLPSNNSLDFLD
;
_entity_poly.pdbx_strand_id   A,B,C,D
#
# COMPACT_ATOMS: atom_id res chain seq x y z
N SER A 1 1.94 17.41 -18.03
CA SER A 1 1.54 16.01 -18.11
C SER A 1 1.21 15.62 -19.55
N ALA A 2 1.51 14.36 -19.88
CA ALA A 2 1.48 13.89 -21.25
C ALA A 2 0.06 13.75 -21.79
N MET A 3 -0.78 13.02 -21.06
CA MET A 3 -2.15 12.78 -21.51
C MET A 3 -2.87 14.10 -21.67
N ASP A 4 -2.60 15.05 -20.77
CA ASP A 4 -3.32 16.32 -20.80
C ASP A 4 -3.05 17.07 -22.09
N ASP A 5 -1.79 17.13 -22.53
CA ASP A 5 -1.50 17.85 -23.77
C ASP A 5 -2.03 17.10 -24.99
N GLU A 6 -1.90 15.79 -24.97
CA GLU A 6 -2.41 14.98 -26.06
C GLU A 6 -3.93 15.16 -26.20
N TYR A 7 -4.60 15.13 -25.06
CA TYR A 7 -6.04 15.40 -24.98
C TYR A 7 -6.40 16.76 -25.56
N THR A 8 -5.66 17.78 -25.14
CA THR A 8 -5.96 19.14 -25.57
C THR A 8 -5.90 19.26 -27.09
N LYS A 9 -4.91 18.62 -27.70
CA LYS A 9 -4.80 18.65 -29.15
C LYS A 9 -5.89 17.83 -29.82
N LEU A 10 -6.15 16.64 -29.30
CA LEU A 10 -7.15 15.75 -29.85
C LEU A 10 -8.53 16.40 -29.88
N LEU A 11 -8.86 17.15 -28.82
CA LEU A 11 -10.15 17.80 -28.69
C LEU A 11 -10.24 19.09 -29.53
N HIS A 12 -9.23 19.96 -29.42
CA HIS A 12 -9.35 21.30 -29.98
C HIS A 12 -8.87 21.43 -31.42
N ASP A 13 -8.03 20.52 -31.90
CA ASP A 13 -7.47 20.65 -33.24
C ASP A 13 -8.41 20.25 -34.37
N GLY A 14 -9.42 19.44 -34.07
CA GLY A 14 -10.36 18.98 -35.08
C GLY A 14 -10.09 17.55 -35.52
N ILE A 15 -11.13 16.85 -35.95
CA ILE A 15 -11.00 15.47 -36.41
C ILE A 15 -10.59 15.44 -37.87
N GLN A 16 -9.45 14.83 -38.15
CA GLN A 16 -8.89 14.78 -39.50
C GLN A 16 -9.75 13.90 -40.40
N PRO A 17 -9.93 14.32 -41.66
CA PRO A 17 -10.68 13.46 -42.60
C PRO A 17 -10.00 12.11 -42.76
N VAL A 18 -10.78 11.03 -42.82
CA VAL A 18 -10.21 9.70 -42.89
C VAL A 18 -9.31 9.50 -44.13
N ALA A 19 -9.63 10.17 -45.24
CA ALA A 19 -8.84 10.04 -46.47
C ALA A 19 -7.45 10.66 -46.29
N ALA A 20 -7.33 11.57 -45.33
CA ALA A 20 -6.05 12.24 -45.09
C ALA A 20 -5.08 11.32 -44.36
N ILE A 21 -5.59 10.25 -43.76
CA ILE A 21 -4.73 9.29 -43.07
C ILE A 21 -3.95 8.49 -44.10
N ASP A 22 -4.67 7.95 -45.08
CA ASP A 22 -4.09 7.19 -46.16
C ASP A 22 -5.13 7.06 -47.27
N SER A 23 -4.68 7.12 -48.52
CA SER A 23 -5.60 7.06 -49.66
C SER A 23 -6.35 5.73 -49.70
N ASN A 24 -5.72 4.68 -49.21
CA ASN A 24 -6.32 3.35 -49.22
C ASN A 24 -6.81 2.91 -47.84
N PHE A 25 -7.01 3.88 -46.95
CA PHE A 25 -7.38 3.59 -45.56
C PHE A 25 -8.62 2.72 -45.40
N ALA A 26 -9.55 2.80 -46.34
CA ALA A 26 -10.79 2.03 -46.19
C ALA A 26 -10.76 0.77 -47.02
N SER A 27 -9.56 0.35 -47.43
CA SER A 27 -9.42 -0.85 -48.26
C SER A 27 -8.91 -2.06 -47.46
N PHE A 28 -9.40 -3.23 -47.82
CA PHE A 28 -8.95 -4.49 -47.24
C PHE A 28 -7.45 -4.71 -47.43
N THR A 29 -6.86 -4.01 -48.39
CA THR A 29 -5.43 -4.18 -48.64
C THR A 29 -4.55 -3.33 -47.73
N TYR A 30 -5.15 -2.37 -47.04
CA TYR A 30 -4.40 -1.47 -46.17
C TYR A 30 -3.97 -2.14 -44.88
N THR A 31 -2.73 -1.89 -44.46
CA THR A 31 -2.21 -2.44 -43.21
C THR A 31 -2.15 -1.37 -42.13
N PRO A 32 -3.13 -1.36 -41.20
CA PRO A 32 -3.20 -0.28 -40.21
C PRO A 32 -1.97 -0.24 -39.30
N ARG A 33 -1.20 -1.33 -39.22
CA ARG A 33 -0.02 -1.33 -38.39
C ARG A 33 1.05 -0.44 -38.99
N SER A 34 0.86 -0.01 -40.24
CA SER A 34 1.76 0.96 -40.87
C SER A 34 1.59 2.37 -40.32
N LEU A 35 0.46 2.64 -39.68
CA LEU A 35 0.22 3.97 -39.15
C LEU A 35 1.07 4.20 -37.90
N PRO A 36 1.77 5.33 -37.84
CA PRO A 36 2.53 5.62 -36.61
C PRO A 36 1.62 5.60 -35.38
N GLU A 37 2.10 5.05 -34.29
CA GLU A 37 1.27 4.90 -33.10
C GLU A 37 0.76 6.25 -32.59
N ASP A 38 1.58 7.30 -32.75
CA ASP A 38 1.16 8.63 -32.32
C ASP A 38 -0.01 9.19 -33.11
N ASP A 39 -0.36 8.56 -34.23
CA ASP A 39 -1.46 9.03 -35.09
C ASP A 39 -2.74 8.23 -34.88
N THR A 40 -2.68 7.20 -34.04
CA THR A 40 -3.77 6.24 -33.99
C THR A 40 -5.01 6.73 -33.23
N SER A 41 -4.85 7.54 -32.18
CA SER A 41 -6.03 8.01 -31.46
C SER A 41 -6.81 8.96 -32.37
N MET A 42 -6.11 9.79 -33.13
CA MET A 42 -6.80 10.63 -34.10
C MET A 42 -7.52 9.78 -35.14
N ALA A 43 -6.88 8.69 -35.58
CA ALA A 43 -7.48 7.80 -36.57
C ALA A 43 -8.76 7.13 -36.03
N ILE A 44 -8.76 6.78 -34.74
CA ILE A 44 -9.98 6.27 -34.09
C ILE A 44 -11.11 7.29 -34.21
N LEU A 45 -10.83 8.54 -33.88
CA LEU A 45 -11.84 9.58 -33.98
C LEU A 45 -12.30 9.73 -35.41
N SER A 46 -11.34 9.69 -36.35
CA SER A 46 -11.69 9.86 -37.77
C SER A 46 -12.63 8.75 -38.23
N MET A 47 -12.39 7.52 -37.75
CA MET A 47 -13.23 6.38 -38.12
C MET A 47 -14.62 6.49 -37.49
N LEU A 48 -14.69 6.86 -36.21
CA LEU A 48 -15.96 7.08 -35.53
C LEU A 48 -16.79 8.13 -36.24
N GLN A 49 -16.13 9.21 -36.65
CA GLN A 49 -16.80 10.26 -37.42
C GLN A 49 -17.30 9.74 -38.77
N ASP A 50 -16.45 9.00 -39.48
CA ASP A 50 -16.82 8.54 -40.82
C ASP A 50 -17.93 7.51 -40.77
N MET A 51 -18.05 6.78 -39.67
CA MET A 51 -19.14 5.82 -39.49
C MET A 51 -20.40 6.48 -38.94
N ASN A 52 -20.34 7.80 -38.76
CA ASN A 52 -21.45 8.64 -38.31
C ASN A 52 -21.86 8.43 -36.86
N PHE A 53 -21.02 7.77 -36.08
CA PHE A 53 -21.44 7.47 -34.70
C PHE A 53 -21.40 8.70 -33.80
N ILE A 54 -20.48 9.62 -34.06
CA ILE A 54 -20.38 10.80 -33.22
C ILE A 54 -21.67 11.62 -33.34
N ASN A 55 -22.10 11.83 -34.57
CA ASN A 55 -23.33 12.57 -34.84
C ASN A 55 -24.57 11.80 -34.40
N ASN A 56 -24.67 10.53 -34.82
CA ASN A 56 -25.89 9.75 -34.59
C ASN A 56 -26.20 9.61 -33.12
N TYR A 57 -25.16 9.38 -32.33
CA TYR A 57 -25.30 9.18 -30.89
C TYR A 57 -24.97 10.42 -30.08
N LYS A 58 -24.77 11.56 -30.76
CA LYS A 58 -24.50 12.82 -30.08
C LYS A 58 -23.43 12.67 -29.01
N ILE A 59 -22.31 12.05 -29.40
CA ILE A 59 -21.25 11.80 -28.46
C ILE A 59 -20.56 13.13 -28.16
N ASP A 60 -20.35 13.40 -26.88
CA ASP A 60 -19.63 14.58 -26.40
C ASP A 60 -18.15 14.48 -26.76
N CYS A 61 -17.64 15.44 -27.52
CA CYS A 61 -16.28 15.31 -28.03
C CYS A 61 -15.24 15.35 -26.92
N PRO A 62 -15.38 16.23 -25.90
CA PRO A 62 -14.41 16.10 -24.81
C PRO A 62 -14.39 14.71 -24.17
N THR A 63 -15.57 14.15 -23.92
CA THR A 63 -15.66 12.84 -23.29
C THR A 63 -15.04 11.80 -24.20
N LEU A 64 -15.31 11.91 -25.50
CA LEU A 64 -14.82 10.91 -26.45
C LEU A 64 -13.31 10.96 -26.58
N ALA A 65 -12.75 12.15 -26.60
CA ALA A 65 -11.30 12.28 -26.67
C ALA A 65 -10.64 11.67 -25.44
N ARG A 66 -11.20 11.97 -24.27
CA ARG A 66 -10.70 11.40 -23.03
C ARG A 66 -10.81 9.88 -23.05
N PHE A 67 -11.96 9.39 -23.49
CA PHE A 67 -12.21 7.95 -23.55
C PHE A 67 -11.19 7.25 -24.44
N CYS A 68 -10.97 7.80 -25.63
CA CYS A 68 -10.04 7.17 -26.57
C CYS A 68 -8.64 7.12 -25.99
N LEU A 69 -8.20 8.18 -25.32
CA LEU A 69 -6.86 8.17 -24.75
C LEU A 69 -6.78 7.20 -23.58
N MET A 70 -7.83 7.12 -22.76
CA MET A 70 -7.85 6.20 -21.64
C MET A 70 -7.80 4.74 -22.11
N VAL A 71 -8.52 4.41 -23.19
CA VAL A 71 -8.44 3.08 -23.74
C VAL A 71 -7.00 2.79 -24.20
N LYS A 72 -6.41 3.70 -24.95
CA LYS A 72 -5.03 3.52 -25.41
C LYS A 72 -4.09 3.27 -24.23
N LYS A 73 -4.25 4.08 -23.18
CA LYS A 73 -3.41 4.01 -21.98
C LYS A 73 -3.69 2.75 -21.18
N GLY A 74 -4.80 2.07 -21.49
CA GLY A 74 -5.20 0.90 -20.76
C GLY A 74 -4.55 -0.39 -21.26
N TYR A 75 -3.77 -0.27 -22.33
CA TYR A 75 -2.96 -1.38 -22.84
C TYR A 75 -1.52 -1.30 -22.34
N ARG A 76 -0.99 -2.44 -21.92
CA ARG A 76 0.43 -2.56 -21.63
C ARG A 76 1.19 -2.82 -22.92
N ASP A 77 2.46 -3.21 -22.82
CA ASP A 77 3.30 -3.33 -24.02
C ASP A 77 3.91 -4.72 -24.19
N PRO A 78 3.11 -5.80 -24.08
CA PRO A 78 3.67 -7.09 -24.46
C PRO A 78 3.88 -7.14 -25.99
N PRO A 79 4.58 -8.16 -26.48
CA PRO A 79 4.91 -8.10 -27.91
C PRO A 79 3.68 -8.03 -28.82
N TYR A 80 2.63 -8.77 -28.50
CA TYR A 80 1.45 -8.75 -29.36
C TYR A 80 0.23 -8.04 -28.80
N HIS A 81 -0.13 -8.35 -27.55
CA HIS A 81 -1.38 -7.81 -27.00
C HIS A 81 -1.27 -6.41 -26.42
N ASN A 82 -1.04 -5.45 -27.32
CA ASN A 82 -0.75 -4.08 -26.98
C ASN A 82 -1.75 -3.18 -27.72
N TRP A 83 -1.59 -1.87 -27.60
CA TRP A 83 -2.56 -0.97 -28.21
C TRP A 83 -2.58 -1.11 -29.73
N MET A 84 -1.44 -1.37 -30.37
CA MET A 84 -1.45 -1.45 -31.83
C MET A 84 -2.28 -2.66 -32.31
N HIS A 85 -2.37 -3.71 -31.48
CA HIS A 85 -3.30 -4.81 -31.77
C HIS A 85 -4.74 -4.31 -31.71
N ALA A 86 -5.12 -3.66 -30.61
CA ALA A 86 -6.47 -3.14 -30.49
C ALA A 86 -6.79 -2.16 -31.60
N PHE A 87 -5.83 -1.31 -31.95
CA PHE A 87 -6.05 -0.36 -33.02
C PHE A 87 -6.31 -1.08 -34.35
N SER A 88 -5.47 -2.06 -34.69
CA SER A 88 -5.61 -2.77 -35.96
C SER A 88 -6.91 -3.58 -35.99
N VAL A 89 -7.34 -4.12 -34.85
CA VAL A 89 -8.62 -4.84 -34.77
C VAL A 89 -9.78 -3.88 -34.98
N SER A 90 -9.72 -2.70 -34.35
CA SER A 90 -10.73 -1.67 -34.57
C SER A 90 -10.75 -1.22 -36.02
N HIS A 91 -9.58 -1.05 -36.63
CA HIS A 91 -9.54 -0.68 -38.02
C HIS A 91 -10.25 -1.70 -38.92
N PHE A 92 -10.10 -2.98 -38.62
CA PHE A 92 -10.76 -3.99 -39.44
C PHE A 92 -12.26 -3.91 -39.29
N CYS A 93 -12.74 -3.57 -38.10
CA CYS A 93 -14.15 -3.36 -37.89
C CYS A 93 -14.64 -2.26 -38.81
N TYR A 94 -13.89 -1.17 -38.85
CA TYR A 94 -14.20 -0.08 -39.80
C TYR A 94 -14.22 -0.56 -41.27
N LEU A 95 -13.25 -1.40 -41.64
CA LEU A 95 -13.24 -1.98 -42.99
C LEU A 95 -14.49 -2.79 -43.25
N LEU A 96 -14.93 -3.57 -42.27
CA LEU A 96 -16.13 -4.37 -42.46
C LEU A 96 -17.33 -3.46 -42.70
N TYR A 97 -17.41 -2.39 -41.92
CA TYR A 97 -18.43 -1.38 -42.11
C TYR A 97 -18.39 -0.76 -43.52
N LYS A 98 -17.20 -0.40 -43.98
CA LYS A 98 -17.07 0.32 -45.25
C LYS A 98 -17.21 -0.58 -46.47
N ASN A 99 -16.96 -1.87 -46.30
CA ASN A 99 -16.91 -2.78 -47.43
C ASN A 99 -18.05 -3.80 -47.49
N LEU A 100 -18.70 -4.10 -46.37
CA LEU A 100 -19.67 -5.21 -46.35
C LEU A 100 -21.13 -4.89 -46.06
N GLU A 101 -21.50 -3.60 -45.99
CA GLU A 101 -22.92 -3.21 -45.80
C GLU A 101 -23.55 -3.83 -44.55
N LEU A 102 -22.91 -3.61 -43.41
CA LEU A 102 -23.34 -4.21 -42.15
C LEU A 102 -24.71 -3.76 -41.72
N THR A 103 -25.13 -2.60 -42.22
CA THR A 103 -26.42 -2.02 -41.87
C THR A 103 -27.60 -2.80 -42.45
N ASN A 104 -27.33 -3.75 -43.34
CA ASN A 104 -28.34 -4.68 -43.81
C ASN A 104 -28.52 -5.89 -42.89
N TYR A 105 -27.63 -6.02 -41.91
CA TYR A 105 -27.57 -7.20 -41.06
C TYR A 105 -27.78 -6.85 -39.59
N LEU A 106 -27.20 -5.73 -39.18
CA LEU A 106 -27.12 -5.38 -37.78
C LEU A 106 -27.75 -4.03 -37.48
N GLU A 107 -28.25 -3.85 -36.27
CA GLU A 107 -28.74 -2.56 -35.81
C GLU A 107 -27.56 -1.59 -35.68
N ASP A 108 -27.84 -0.30 -35.78
CA ASP A 108 -26.82 0.73 -35.61
C ASP A 108 -26.07 0.55 -34.30
N ILE A 109 -26.82 0.27 -33.23
CA ILE A 109 -26.22 0.24 -31.92
C ILE A 109 -25.29 -0.98 -31.79
N GLU A 110 -25.62 -2.04 -32.54
CA GLU A 110 -24.80 -3.25 -32.55
C GLU A 110 -23.48 -3.00 -33.25
N ILE A 111 -23.50 -2.28 -34.37
CA ILE A 111 -22.26 -1.95 -35.09
C ILE A 111 -21.38 -1.04 -34.23
N PHE A 112 -22.01 -0.09 -33.54
CA PHE A 112 -21.28 0.83 -32.65
C PHE A 112 -20.66 0.05 -31.50
N ALA A 113 -21.44 -0.82 -30.88
CA ALA A 113 -20.89 -1.68 -29.82
C ALA A 113 -19.74 -2.54 -30.31
N LEU A 114 -19.85 -3.07 -31.53
CA LEU A 114 -18.78 -3.88 -32.07
C LEU A 114 -17.49 -3.08 -32.13
N PHE A 115 -17.56 -1.84 -32.64
CA PHE A 115 -16.36 -1.04 -32.78
C PHE A 115 -15.75 -0.69 -31.43
N ILE A 116 -16.59 -0.28 -30.48
CA ILE A 116 -16.08 0.10 -29.18
C ILE A 116 -15.51 -1.14 -28.50
N SER A 117 -16.17 -2.28 -28.69
CA SER A 117 -15.65 -3.54 -28.13
C SER A 117 -14.29 -3.87 -28.70
N CYS A 118 -14.10 -3.66 -30.00
CA CYS A 118 -12.80 -3.91 -30.61
C CYS A 118 -11.71 -3.09 -29.92
N MET A 119 -11.99 -1.83 -29.68
CA MET A 119 -11.01 -0.95 -29.04
C MET A 119 -10.62 -1.51 -27.68
N CYS A 120 -11.60 -2.08 -27.00
CA CYS A 120 -11.43 -2.43 -25.59
C CYS A 120 -11.11 -3.88 -25.31
N HIS A 121 -11.10 -4.74 -26.32
CA HIS A 121 -11.34 -6.16 -26.09
C HIS A 121 -10.15 -6.88 -25.45
N ASP A 122 -8.96 -6.27 -25.44
CA ASP A 122 -7.79 -6.87 -24.79
C ASP A 122 -7.18 -5.92 -23.72
N LEU A 123 -7.99 -5.03 -23.16
CA LEU A 123 -7.49 -4.06 -22.18
C LEU A 123 -6.71 -4.69 -21.02
N ASP A 124 -5.54 -4.15 -20.77
CA ASP A 124 -4.71 -4.55 -19.62
C ASP A 124 -4.23 -6.01 -19.73
N HIS A 125 -4.11 -6.50 -20.95
CA HIS A 125 -3.53 -7.81 -21.20
C HIS A 125 -2.08 -7.83 -20.70
N ARG A 126 -1.69 -8.91 -20.03
CA ARG A 126 -0.36 -9.03 -19.45
C ARG A 126 0.52 -9.99 -20.25
N GLY A 127 0.09 -10.37 -21.44
CA GLY A 127 0.92 -11.26 -22.25
C GLY A 127 0.81 -12.72 -21.84
N THR A 128 -0.17 -13.05 -21.01
CA THR A 128 -0.37 -14.44 -20.62
C THR A 128 -1.83 -14.84 -20.83
N ASN A 129 -2.07 -16.13 -21.02
CA ASN A 129 -3.40 -16.64 -21.37
C ASN A 129 -4.24 -16.98 -20.15
N ASN A 130 -5.41 -17.55 -20.39
CA ASN A 130 -6.33 -17.84 -19.29
C ASN A 130 -5.80 -18.94 -18.37
N SER A 131 -5.23 -19.99 -18.95
CA SER A 131 -4.67 -21.08 -18.17
C SER A 131 -3.60 -20.59 -17.20
N PHE A 132 -2.76 -19.65 -17.66
CA PHE A 132 -1.72 -19.10 -16.81
C PHE A 132 -2.26 -18.39 -15.59
N GLN A 133 -3.40 -17.73 -15.73
CA GLN A 133 -4.02 -17.05 -14.60
C GLN A 133 -4.33 -18.02 -13.48
N VAL A 134 -4.91 -19.15 -13.85
CA VAL A 134 -5.25 -20.19 -12.88
C VAL A 134 -3.99 -20.82 -12.30
N ALA A 135 -3.07 -21.18 -13.17
CA ALA A 135 -1.85 -21.86 -12.76
C ALA A 135 -1.02 -20.99 -11.81
N SER A 136 -0.97 -19.69 -12.10
CA SER A 136 -0.17 -18.77 -11.30
C SER A 136 -0.97 -18.19 -10.14
N LYS A 137 -2.22 -18.62 -9.99
CA LYS A 137 -3.11 -18.11 -8.93
C LYS A 137 -3.12 -16.58 -8.91
N SER A 138 -3.36 -15.99 -10.07
CA SER A 138 -3.40 -14.53 -10.18
C SER A 138 -4.68 -13.96 -9.56
N VAL A 139 -4.65 -12.65 -9.33
CA VAL A 139 -5.83 -11.95 -8.88
C VAL A 139 -6.99 -12.12 -9.85
N LEU A 140 -6.69 -12.09 -11.14
CA LEU A 140 -7.75 -12.24 -12.15
C LEU A 140 -8.42 -13.61 -12.02
N ALA A 141 -7.64 -14.66 -11.80
CA ALA A 141 -8.23 -15.98 -11.57
C ALA A 141 -9.05 -16.00 -10.29
N ALA A 142 -8.56 -15.33 -9.25
CA ALA A 142 -9.30 -15.27 -8.00
C ALA A 142 -10.69 -14.66 -8.22
N LEU A 143 -10.75 -13.66 -9.09
CA LEU A 143 -12.01 -12.99 -9.38
C LEU A 143 -12.93 -13.85 -10.25
N TYR A 144 -12.36 -14.41 -11.32
CA TYR A 144 -13.20 -14.89 -12.42
C TYR A 144 -13.08 -16.38 -12.79
N SER A 145 -12.17 -17.13 -12.18
CA SER A 145 -11.92 -18.49 -12.66
C SER A 145 -13.15 -19.40 -12.56
N SER A 146 -14.06 -19.12 -11.63
CA SER A 146 -15.27 -19.92 -11.50
C SER A 146 -16.20 -19.75 -12.70
N GLU A 147 -16.02 -18.67 -13.44
CA GLU A 147 -16.86 -18.36 -14.60
C GLU A 147 -16.21 -18.73 -15.92
N GLY A 148 -14.88 -18.79 -15.93
CA GLY A 148 -14.19 -19.02 -17.17
C GLY A 148 -13.94 -17.71 -17.93
N SER A 149 -13.22 -17.82 -19.05
CA SER A 149 -12.80 -16.66 -19.82
C SER A 149 -12.22 -15.56 -18.94
N VAL A 150 -11.25 -15.92 -18.11
CA VAL A 150 -10.73 -15.00 -17.10
C VAL A 150 -10.24 -13.68 -17.68
N MET A 151 -9.40 -13.75 -18.71
CA MET A 151 -8.85 -12.53 -19.26
C MET A 151 -9.93 -11.66 -19.89
N GLU A 152 -10.82 -12.31 -20.64
CA GLU A 152 -11.89 -11.59 -21.33
C GLU A 152 -12.85 -10.89 -20.35
N ARG A 153 -13.15 -11.55 -19.23
CA ARG A 153 -13.92 -10.89 -18.18
C ARG A 153 -13.15 -9.67 -17.66
N HIS A 154 -11.84 -9.81 -17.47
CA HIS A 154 -11.05 -8.66 -17.05
C HIS A 154 -11.04 -7.52 -18.07
N HIS A 155 -10.90 -7.85 -19.36
CA HIS A 155 -10.95 -6.83 -20.40
C HIS A 155 -12.27 -6.05 -20.35
N PHE A 156 -13.37 -6.79 -20.24
CA PHE A 156 -14.69 -6.15 -20.12
C PHE A 156 -14.76 -5.27 -18.87
N ALA A 157 -14.32 -5.80 -17.72
CA ALA A 157 -14.36 -5.04 -16.48
C ALA A 157 -13.52 -3.76 -16.61
N GLN A 158 -12.38 -3.85 -17.31
CA GLN A 158 -11.54 -2.68 -17.51
C GLN A 158 -12.24 -1.63 -18.38
N ALA A 159 -12.97 -2.10 -19.38
CA ALA A 159 -13.73 -1.19 -20.25
C ALA A 159 -14.75 -0.43 -19.41
N ILE A 160 -15.45 -1.17 -18.56
CA ILE A 160 -16.44 -0.54 -17.69
C ILE A 160 -15.80 0.44 -16.69
N ALA A 161 -14.63 0.08 -16.19
CA ALA A 161 -13.93 0.97 -15.27
C ALA A 161 -13.55 2.28 -15.96
N ILE A 162 -13.24 2.20 -17.25
CA ILE A 162 -12.91 3.41 -17.99
C ILE A 162 -14.17 4.26 -18.15
N LEU A 163 -15.27 3.63 -18.53
CA LEU A 163 -16.54 4.35 -18.63
C LEU A 163 -16.92 4.97 -17.30
N ASN A 164 -16.62 4.27 -16.21
CA ASN A 164 -17.00 4.77 -14.88
C ASN A 164 -16.03 5.81 -14.32
N THR A 165 -15.00 6.13 -15.09
CA THR A 165 -14.08 7.20 -14.73
C THR A 165 -14.68 8.55 -15.14
N HIS A 166 -14.66 9.50 -14.21
CA HIS A 166 -15.29 10.79 -14.48
C HIS A 166 -14.74 11.43 -15.74
N GLY A 167 -15.64 11.86 -16.60
CA GLY A 167 -15.26 12.53 -17.83
C GLY A 167 -15.11 11.60 -19.02
N CYS A 168 -15.35 10.30 -18.81
CA CYS A 168 -15.01 9.30 -19.83
C CYS A 168 -16.19 8.47 -20.32
N ASN A 169 -17.37 8.71 -19.76
CA ASN A 169 -18.52 7.89 -20.16
C ASN A 169 -19.21 8.43 -21.41
N ILE A 170 -18.77 7.91 -22.55
CA ILE A 170 -19.27 8.34 -23.84
C ILE A 170 -20.74 7.99 -24.02
N PHE A 171 -21.28 7.14 -23.14
CA PHE A 171 -22.68 6.74 -23.23
C PHE A 171 -23.60 7.35 -22.15
N ASP A 172 -23.13 8.29 -21.35
CA ASP A 172 -23.91 8.58 -20.14
C ASP A 172 -25.15 9.45 -20.40
N HIS A 173 -25.34 9.88 -21.64
CA HIS A 173 -26.57 10.59 -22.01
C HIS A 173 -27.56 9.65 -22.67
N PHE A 174 -27.18 8.38 -22.83
CA PHE A 174 -28.07 7.36 -23.39
C PHE A 174 -29.27 7.17 -22.50
N SER A 175 -30.39 6.74 -23.09
CA SER A 175 -31.52 6.28 -22.29
C SER A 175 -31.08 5.08 -21.44
N ARG A 176 -31.80 4.82 -20.37
CA ARG A 176 -31.47 3.71 -19.49
C ARG A 176 -31.43 2.41 -20.27
N LYS A 177 -32.43 2.23 -21.14
CA LYS A 177 -32.52 1.03 -21.96
C LYS A 177 -31.33 0.89 -22.91
N ASP A 178 -30.98 1.96 -23.61
CA ASP A 178 -29.87 1.92 -24.58
C ASP A 178 -28.53 1.74 -23.89
N TYR A 179 -28.37 2.35 -22.72
CA TYR A 179 -27.12 2.22 -21.96
C TYR A 179 -26.95 0.76 -21.54
N GLN A 180 -28.05 0.18 -21.07
CA GLN A 180 -28.05 -1.22 -20.66
C GLN A 180 -27.73 -2.10 -21.85
N ARG A 181 -28.34 -1.80 -23.00
CA ARG A 181 -28.11 -2.54 -24.21
C ARG A 181 -26.65 -2.48 -24.67
N MET A 182 -26.08 -1.28 -24.66
CA MET A 182 -24.69 -1.10 -25.06
C MET A 182 -23.74 -1.91 -24.19
N LEU A 183 -23.96 -1.90 -22.89
CA LEU A 183 -23.01 -2.56 -21.99
C LEU A 183 -23.18 -4.09 -22.09
N ASP A 184 -24.39 -4.56 -22.31
CA ASP A 184 -24.67 -5.97 -22.52
C ASP A 184 -24.01 -6.45 -23.82
N LEU A 185 -24.12 -5.65 -24.87
CA LEU A 185 -23.45 -5.96 -26.13
C LEU A 185 -21.95 -6.04 -25.94
N MET A 186 -21.37 -5.09 -25.20
CA MET A 186 -19.93 -5.11 -24.95
C MET A 186 -19.55 -6.36 -24.19
N ARG A 187 -20.35 -6.76 -23.22
CA ARG A 187 -20.08 -8.02 -22.52
C ARG A 187 -20.02 -9.20 -23.50
N ASP A 188 -21.07 -9.36 -24.30
CA ASP A 188 -21.16 -10.52 -25.17
C ASP A 188 -20.04 -10.52 -26.19
N ILE A 189 -19.80 -9.37 -26.79
CA ILE A 189 -18.80 -9.28 -27.86
C ILE A 189 -17.39 -9.49 -27.29
N ILE A 190 -17.07 -8.87 -26.15
CA ILE A 190 -15.73 -9.06 -25.61
C ILE A 190 -15.55 -10.49 -25.12
N LEU A 191 -16.57 -11.08 -24.50
CA LEU A 191 -16.42 -12.48 -24.07
C LEU A 191 -16.28 -13.41 -25.28
N ALA A 192 -16.83 -13.02 -26.42
CA ALA A 192 -16.71 -13.80 -27.65
C ALA A 192 -15.25 -13.92 -28.15
N THR A 193 -14.36 -13.06 -27.65
CA THR A 193 -12.97 -13.11 -28.12
C THR A 193 -12.17 -14.24 -27.48
N ASP A 194 -12.75 -14.94 -26.51
CA ASP A 194 -12.12 -16.17 -26.01
C ASP A 194 -12.26 -17.19 -27.12
N LEU A 195 -11.15 -17.70 -27.68
CA LEU A 195 -11.30 -18.66 -28.75
C LEU A 195 -12.05 -19.92 -28.32
N ALA A 196 -12.07 -20.21 -27.03
CA ALA A 196 -12.87 -21.34 -26.52
C ALA A 196 -14.37 -21.10 -26.79
N HIS A 197 -14.79 -19.84 -26.72
CA HIS A 197 -16.18 -19.48 -26.97
C HIS A 197 -16.49 -19.66 -28.44
N HIS A 198 -15.57 -19.21 -29.28
CA HIS A 198 -15.72 -19.38 -30.72
C HIS A 198 -15.89 -20.85 -31.07
N LEU A 199 -15.01 -21.68 -30.55
CA LEU A 199 -15.09 -23.10 -30.85
C LEU A 199 -16.41 -23.69 -30.37
N ARG A 200 -16.92 -23.21 -29.23
CA ARG A 200 -18.20 -23.70 -28.72
C ARG A 200 -19.37 -23.32 -29.64
N ILE A 201 -19.34 -22.13 -30.23
CA ILE A 201 -20.47 -21.69 -31.06
C ILE A 201 -20.29 -21.98 -32.55
N PHE A 202 -19.16 -22.57 -32.92
CA PHE A 202 -18.83 -22.75 -34.34
C PHE A 202 -19.92 -23.50 -35.13
N LYS A 203 -20.44 -24.58 -34.57
CA LYS A 203 -21.50 -25.33 -35.24
C LYS A 203 -22.74 -24.47 -35.42
N ASP A 204 -23.00 -23.59 -34.46
CA ASP A 204 -24.16 -22.68 -34.59
C ASP A 204 -23.92 -21.65 -35.69
N LEU A 205 -22.68 -21.19 -35.81
CA LEU A 205 -22.29 -20.30 -36.91
C LEU A 205 -22.48 -20.99 -38.25
N GLN A 206 -22.01 -22.22 -38.35
CA GLN A 206 -22.18 -23.01 -39.56
C GLN A 206 -23.65 -23.12 -39.96
N LYS A 207 -24.49 -23.47 -38.99
CA LYS A 207 -25.93 -23.63 -39.22
C LYS A 207 -26.55 -22.33 -39.74
N MET A 208 -26.14 -21.21 -39.16
CA MET A 208 -26.67 -19.91 -39.58
C MET A 208 -26.29 -19.61 -41.01
N ALA A 209 -25.03 -19.85 -41.36
CA ALA A 209 -24.53 -19.58 -42.71
C ALA A 209 -25.27 -20.43 -43.72
N GLU A 210 -25.62 -21.65 -43.31
CA GLU A 210 -26.19 -22.61 -44.22
C GLU A 210 -27.69 -22.37 -44.44
N VAL A 211 -28.41 -22.00 -43.39
CA VAL A 211 -29.84 -21.72 -43.56
C VAL A 211 -30.05 -20.32 -44.13
N GLY A 212 -29.09 -19.44 -43.89
CA GLY A 212 -29.17 -18.07 -44.34
C GLY A 212 -29.47 -17.12 -43.21
N TYR A 213 -28.77 -15.99 -43.19
CA TYR A 213 -28.95 -15.00 -42.14
C TYR A 213 -30.37 -14.45 -42.15
N ASP A 214 -30.98 -14.43 -40.96
CA ASP A 214 -32.32 -13.87 -40.77
C ASP A 214 -32.22 -12.63 -39.88
N ARG A 215 -32.34 -11.45 -40.48
CA ARG A 215 -32.19 -10.22 -39.71
C ARG A 215 -33.29 -10.03 -38.67
N ASN A 216 -34.34 -10.85 -38.74
CA ASN A 216 -35.40 -10.80 -37.73
C ASN A 216 -35.14 -11.77 -36.58
N ASN A 217 -34.00 -12.47 -36.62
CA ASN A 217 -33.69 -13.48 -35.62
C ASN A 217 -32.64 -12.91 -34.68
N LYS A 218 -33.04 -12.68 -33.44
CA LYS A 218 -32.13 -12.06 -32.48
C LYS A 218 -30.89 -12.91 -32.20
N GLN A 219 -31.03 -14.23 -32.22
CA GLN A 219 -29.86 -15.10 -32.04
C GLN A 219 -28.89 -14.96 -33.22
N HIS A 220 -29.43 -14.79 -34.44
CA HIS A 220 -28.55 -14.57 -35.59
C HIS A 220 -27.71 -13.30 -35.43
N HIS A 221 -28.34 -12.23 -34.93
CA HIS A 221 -27.58 -11.02 -34.64
C HIS A 221 -26.44 -11.30 -33.68
N ARG A 222 -26.74 -12.03 -32.60
CA ARG A 222 -25.73 -12.34 -31.60
C ARG A 222 -24.61 -13.14 -32.19
N LEU A 223 -24.97 -14.18 -32.94
CA LEU A 223 -23.96 -15.03 -33.57
C LEU A 223 -23.10 -14.26 -34.56
N LEU A 224 -23.73 -13.43 -35.38
CA LEU A 224 -22.98 -12.65 -36.37
C LEU A 224 -22.01 -11.71 -35.67
N LEU A 225 -22.42 -11.08 -34.57
CA LEU A 225 -21.51 -10.19 -33.84
C LEU A 225 -20.29 -10.94 -33.35
N CYS A 226 -20.51 -12.15 -32.84
CA CYS A 226 -19.37 -12.97 -32.38
C CYS A 226 -18.44 -13.27 -33.56
N LEU A 227 -19.01 -13.71 -34.68
CA LEU A 227 -18.16 -14.04 -35.84
C LEU A 227 -17.38 -12.82 -36.33
N LEU A 228 -18.04 -11.67 -36.42
CA LEU A 228 -17.37 -10.44 -36.85
C LEU A 228 -16.26 -10.05 -35.89
N MET A 229 -16.52 -10.14 -34.59
CA MET A 229 -15.50 -9.83 -33.58
C MET A 229 -14.27 -10.71 -33.79
N THR A 230 -14.48 -12.01 -33.92
CA THR A 230 -13.37 -12.94 -34.13
C THR A 230 -12.64 -12.57 -35.41
N SER A 231 -13.40 -12.23 -36.45
CA SER A 231 -12.81 -11.83 -37.73
C SER A 231 -11.91 -10.60 -37.58
N CYS A 232 -12.29 -9.68 -36.71
CA CYS A 232 -11.46 -8.51 -36.48
C CYS A 232 -10.23 -8.91 -35.69
N ASP A 233 -10.42 -9.75 -34.67
CA ASP A 233 -9.33 -10.18 -33.79
C ASP A 233 -8.21 -10.89 -34.58
N LEU A 234 -8.59 -11.66 -35.60
CA LEU A 234 -7.62 -12.43 -36.39
C LEU A 234 -7.20 -11.74 -37.68
N SER A 235 -7.57 -10.48 -37.85
CA SER A 235 -7.47 -9.84 -39.16
C SER A 235 -6.05 -9.62 -39.66
N ASP A 236 -5.05 -9.76 -38.78
CA ASP A 236 -3.66 -9.72 -39.28
C ASP A 236 -3.36 -10.81 -40.29
N GLN A 237 -4.18 -11.87 -40.30
CA GLN A 237 -3.96 -12.97 -41.23
C GLN A 237 -4.48 -12.67 -42.63
N THR A 238 -5.19 -11.56 -42.78
CA THR A 238 -5.86 -11.24 -44.04
C THR A 238 -5.09 -10.24 -44.87
N LYS A 239 -3.88 -9.90 -44.41
CA LYS A 239 -3.05 -8.94 -45.12
C LYS A 239 -2.00 -9.71 -45.91
N GLY A 240 -0.83 -9.12 -46.12
CA GLY A 240 0.22 -9.78 -46.86
C GLY A 240 1.07 -10.73 -46.03
N TRP A 241 1.98 -11.44 -46.69
CA TRP A 241 2.87 -12.36 -45.98
C TRP A 241 3.69 -11.68 -44.90
N LYS A 242 4.16 -10.47 -45.21
CA LYS A 242 4.97 -9.72 -44.27
C LYS A 242 4.23 -9.49 -42.95
N THR A 243 2.94 -9.21 -43.02
CA THR A 243 2.18 -8.99 -41.81
C THR A 243 2.03 -10.30 -41.03
N THR A 244 1.71 -11.39 -41.72
CA THR A 244 1.55 -12.68 -41.06
C THR A 244 2.86 -13.09 -40.41
N ARG A 245 3.98 -12.86 -41.10
CA ARG A 245 5.29 -13.23 -40.57
C ARG A 245 5.64 -12.46 -39.31
N LYS A 246 5.46 -11.14 -39.36
CA LYS A 246 5.77 -10.29 -38.22
C LYS A 246 4.88 -10.61 -37.02
N ILE A 247 3.61 -10.86 -37.27
CA ILE A 247 2.69 -11.13 -36.18
C ILE A 247 2.98 -12.51 -35.58
N ALA A 248 3.41 -13.46 -36.39
CA ALA A 248 3.87 -14.73 -35.82
C ALA A 248 5.02 -14.49 -34.86
N GLU A 249 5.96 -13.62 -35.26
CA GLU A 249 7.10 -13.33 -34.41
C GLU A 249 6.65 -12.75 -33.07
N LEU A 250 5.68 -11.84 -33.13
CA LEU A 250 5.19 -11.18 -31.93
C LEU A 250 4.43 -12.13 -31.02
N ILE A 251 3.60 -12.96 -31.64
CA ILE A 251 2.81 -13.89 -30.87
C ILE A 251 3.69 -14.91 -30.17
N TYR A 252 4.66 -15.46 -30.90
CA TYR A 252 5.51 -16.48 -30.27
C TYR A 252 6.49 -15.88 -29.27
N LYS A 253 6.93 -14.64 -29.47
CA LYS A 253 7.70 -13.94 -28.43
C LYS A 253 6.91 -13.93 -27.13
N GLU A 254 5.64 -13.56 -27.26
CA GLU A 254 4.76 -13.48 -26.13
C GLU A 254 4.52 -14.88 -25.54
N PHE A 255 4.18 -15.85 -26.38
CA PHE A 255 3.95 -17.21 -25.90
C PHE A 255 5.18 -17.76 -25.17
N PHE A 256 6.34 -17.61 -25.79
CA PHE A 256 7.54 -18.23 -25.22
C PHE A 256 7.92 -17.59 -23.89
N SER A 257 7.67 -16.29 -23.74
CA SER A 257 7.91 -15.63 -22.45
C SER A 257 7.02 -16.25 -21.38
N GLN A 258 5.76 -16.53 -21.71
CA GLN A 258 4.89 -17.21 -20.75
C GLN A 258 5.41 -18.60 -20.44
N GLY A 259 5.83 -19.33 -21.47
CA GLY A 259 6.36 -20.67 -21.26
C GLY A 259 7.55 -20.67 -20.34
N ASP A 260 8.42 -19.67 -20.48
CA ASP A 260 9.58 -19.56 -19.60
C ASP A 260 9.12 -19.41 -18.14
N LEU A 261 8.09 -18.61 -17.95
CA LEU A 261 7.53 -18.41 -16.61
C LEU A 261 6.92 -19.70 -16.06
N GLU A 262 6.30 -20.49 -16.93
CA GLU A 262 5.68 -21.73 -16.49
C GLU A 262 6.73 -22.74 -16.04
N LYS A 263 7.81 -22.85 -16.82
CA LYS A 263 8.90 -23.74 -16.46
C LYS A 263 9.52 -23.35 -15.11
N ALA A 264 9.65 -22.05 -14.89
CA ALA A 264 10.23 -21.57 -13.63
C ALA A 264 9.34 -21.90 -12.44
N MET A 265 8.05 -22.11 -12.70
CA MET A 265 7.07 -22.46 -11.67
C MET A 265 7.01 -23.97 -11.49
N GLY A 266 7.78 -24.69 -12.29
CA GLY A 266 7.79 -26.14 -12.24
C GLY A 266 6.69 -26.77 -13.07
N ASN A 267 6.08 -25.98 -13.95
CA ASN A 267 5.03 -26.50 -14.82
C ASN A 267 5.50 -26.72 -16.25
N ARG A 268 4.93 -27.70 -16.92
CA ARG A 268 5.28 -27.94 -18.32
C ARG A 268 4.34 -27.12 -19.21
N PRO A 269 4.91 -26.16 -19.95
CA PRO A 269 4.07 -25.35 -20.82
C PRO A 269 3.46 -26.15 -21.97
N MET A 270 2.40 -25.61 -22.55
CA MET A 270 1.88 -26.08 -23.83
C MET A 270 3.05 -26.12 -24.78
N GLU A 271 3.05 -27.08 -25.70
CA GLU A 271 4.09 -27.17 -26.71
C GLU A 271 4.30 -25.85 -27.46
N MET A 272 3.20 -25.15 -27.77
CA MET A 272 3.28 -23.93 -28.58
C MET A 272 3.85 -22.77 -27.79
N MET A 273 3.99 -22.94 -26.48
CA MET A 273 4.58 -21.90 -25.64
C MET A 273 5.95 -22.31 -25.10
N ASP A 274 6.44 -23.44 -25.57
CA ASP A 274 7.74 -23.95 -25.16
C ASP A 274 8.76 -23.71 -26.27
N ARG A 275 9.69 -22.78 -26.06
CA ARG A 275 10.64 -22.41 -27.12
C ARG A 275 11.57 -23.57 -27.49
N GLU A 276 11.58 -24.63 -26.68
CA GLU A 276 12.45 -25.78 -26.97
C GLU A 276 11.72 -26.83 -27.82
N LYS A 277 10.40 -26.73 -27.90
CA LYS A 277 9.57 -27.73 -28.58
C LYS A 277 8.78 -27.17 -29.75
N ALA A 278 8.31 -25.93 -29.61
CA ALA A 278 7.49 -25.27 -30.61
C ALA A 278 8.17 -25.23 -31.98
N TYR A 279 7.49 -25.78 -32.98
CA TYR A 279 7.95 -25.68 -34.37
C TYR A 279 6.99 -24.74 -35.09
N ILE A 280 7.40 -23.49 -35.23
CA ILE A 280 6.48 -22.42 -35.64
C ILE A 280 5.73 -22.64 -36.96
N PRO A 281 6.39 -23.11 -38.03
CA PRO A 281 5.60 -23.22 -39.27
C PRO A 281 4.43 -24.21 -39.16
N GLU A 282 4.62 -25.31 -38.46
CA GLU A 282 3.56 -26.28 -38.27
C GLU A 282 2.47 -25.74 -37.35
N LEU A 283 2.87 -25.03 -36.30
CA LEU A 283 1.91 -24.44 -35.38
C LEU A 283 1.08 -23.37 -36.08
N GLN A 284 1.70 -22.61 -36.98
CA GLN A 284 0.96 -21.57 -37.65
C GLN A 284 0.06 -22.17 -38.74
N ILE A 285 0.53 -23.20 -39.42
CA ILE A 285 -0.34 -23.87 -40.40
C ILE A 285 -1.57 -24.47 -39.71
N SER A 286 -1.36 -25.07 -38.53
CA SER A 286 -2.46 -25.62 -37.76
C SER A 286 -3.42 -24.49 -37.38
N PHE A 287 -2.90 -23.39 -36.86
CA PHE A 287 -3.78 -22.30 -36.48
C PHE A 287 -4.60 -21.81 -37.66
N MET A 288 -3.97 -21.68 -38.81
CA MET A 288 -4.65 -21.23 -39.99
C MET A 288 -5.71 -22.19 -40.51
N GLU A 289 -5.40 -23.46 -40.52
CA GLU A 289 -6.30 -24.47 -41.02
C GLU A 289 -7.43 -24.75 -40.11
N HIS A 290 -7.14 -24.77 -38.82
CA HIS A 290 -8.11 -25.16 -37.81
C HIS A 290 -8.96 -24.03 -37.31
N ILE A 291 -8.42 -22.85 -37.28
CA ILE A 291 -9.13 -21.71 -36.76
C ILE A 291 -9.38 -20.57 -37.72
N ALA A 292 -8.33 -20.00 -38.27
CA ALA A 292 -8.48 -18.78 -39.04
C ALA A 292 -9.23 -19.00 -40.36
N MET A 293 -8.81 -19.97 -41.16
CA MET A 293 -9.47 -20.19 -42.45
C MET A 293 -10.97 -20.50 -42.33
N PRO A 294 -11.37 -21.37 -41.38
CA PRO A 294 -12.83 -21.60 -41.28
C PRO A 294 -13.61 -20.35 -40.89
N ILE A 295 -13.01 -19.48 -40.09
CA ILE A 295 -13.66 -18.23 -39.74
C ILE A 295 -13.88 -17.37 -40.98
N TYR A 296 -12.87 -17.24 -41.83
CA TYR A 296 -13.03 -16.36 -42.99
C TYR A 296 -13.83 -17.03 -44.09
N LYS A 297 -13.89 -18.36 -44.07
CA LYS A 297 -14.80 -19.07 -44.97
C LYS A 297 -16.26 -18.79 -44.59
N LEU A 298 -16.56 -18.81 -43.29
CA LEU A 298 -17.91 -18.48 -42.83
C LEU A 298 -18.26 -17.06 -43.22
N LEU A 299 -17.30 -16.16 -43.05
CA LEU A 299 -17.49 -14.76 -43.38
C LEU A 299 -17.80 -14.62 -44.86
N GLN A 300 -17.06 -15.35 -45.69
CA GLN A 300 -17.33 -15.35 -47.13
C GLN A 300 -18.71 -15.93 -47.44
N ASP A 301 -19.09 -16.97 -46.69
CA ASP A 301 -20.39 -17.59 -46.92
C ASP A 301 -21.52 -16.60 -46.65
N LEU A 302 -21.33 -15.73 -45.67
CA LEU A 302 -22.37 -14.76 -45.29
C LEU A 302 -22.27 -13.48 -46.11
N PHE A 303 -21.05 -13.11 -46.48
CA PHE A 303 -20.79 -11.89 -47.24
C PHE A 303 -19.91 -12.23 -48.43
N PRO A 304 -20.49 -12.36 -49.63
CA PRO A 304 -19.69 -12.69 -50.81
C PRO A 304 -18.54 -11.71 -51.05
N LYS A 305 -18.68 -10.46 -50.60
CA LYS A 305 -17.63 -9.47 -50.83
C LYS A 305 -16.41 -9.70 -49.93
N ALA A 306 -16.54 -10.62 -48.98
CA ALA A 306 -15.44 -10.97 -48.08
C ALA A 306 -14.58 -12.10 -48.64
N ALA A 307 -14.88 -12.56 -49.85
CA ALA A 307 -14.16 -13.67 -50.46
C ALA A 307 -12.64 -13.42 -50.50
N GLU A 308 -12.26 -12.18 -50.81
CA GLU A 308 -10.83 -11.87 -50.92
C GLU A 308 -10.10 -12.06 -49.59
N LEU A 309 -10.80 -11.87 -48.48
CA LEU A 309 -10.22 -12.10 -47.17
C LEU A 309 -9.85 -13.57 -47.00
N TYR A 310 -10.79 -14.46 -47.29
CA TYR A 310 -10.52 -15.89 -47.18
C TYR A 310 -9.38 -16.32 -48.09
N GLU A 311 -9.40 -15.86 -49.33
CA GLU A 311 -8.34 -16.19 -50.29
C GLU A 311 -6.96 -15.70 -49.81
N ARG A 312 -6.92 -14.55 -49.14
CA ARG A 312 -5.67 -14.04 -48.58
C ARG A 312 -5.13 -14.91 -47.45
N VAL A 313 -6.02 -15.33 -46.54
CA VAL A 313 -5.61 -16.20 -45.45
C VAL A 313 -5.09 -17.53 -46.00
N ALA A 314 -5.82 -18.10 -46.96
CA ALA A 314 -5.41 -19.33 -47.61
C ALA A 314 -4.04 -19.18 -48.27
N SER A 315 -3.83 -18.03 -48.92
CA SER A 315 -2.54 -17.75 -49.57
C SER A 315 -1.40 -17.67 -48.56
N ASN A 316 -1.64 -16.96 -47.46
CA ASN A 316 -0.67 -16.85 -46.40
C ASN A 316 -0.38 -18.18 -45.78
N ARG A 317 -1.37 -19.03 -45.67
CA ARG A 317 -1.15 -20.37 -45.22
C ARG A 317 -0.22 -21.17 -46.13
N GLU A 318 -0.34 -20.95 -47.40
CA GLU A 318 0.45 -21.72 -48.36
C GLU A 318 1.87 -21.26 -48.28
N HIS A 319 2.05 -19.99 -48.04
CA HIS A 319 3.35 -19.40 -47.84
C HIS A 319 4.08 -19.97 -46.63
N TRP A 320 3.39 -20.33 -45.56
CA TRP A 320 4.02 -21.03 -44.46
C TRP A 320 4.60 -22.36 -44.90
N THR A 321 3.86 -23.10 -45.70
CA THR A 321 4.34 -24.35 -46.22
C THR A 321 5.59 -24.11 -47.06
N LYS A 322 5.60 -23.05 -47.84
CA LYS A 322 6.70 -22.79 -48.77
C LYS A 322 7.98 -22.39 -48.10
N VAL A 323 7.89 -21.81 -46.93
CA VAL A 323 9.08 -21.35 -46.23
C VAL A 323 9.51 -22.26 -45.09
N SER A 324 8.77 -23.35 -44.86
CA SER A 324 9.03 -24.22 -43.72
C SER A 324 10.44 -24.80 -43.76
N HIS A 325 10.89 -25.14 -44.96
CA HIS A 325 12.19 -25.76 -45.15
C HIS A 325 13.33 -24.91 -44.58
N LYS A 326 13.11 -23.60 -44.52
CA LYS A 326 14.11 -22.67 -44.00
C LYS A 326 14.36 -22.82 -42.51
N PHE A 327 13.47 -23.53 -41.82
CA PHE A 327 13.66 -23.79 -40.40
C PHE A 327 14.60 -24.97 -40.17
N THR A 328 14.99 -25.65 -41.25
CA THR A 328 16.00 -26.69 -41.17
C THR A 328 17.35 -26.11 -41.55
N ILE A 329 18.35 -26.27 -40.66
CA ILE A 329 19.67 -25.73 -40.88
C ILE A 329 20.47 -26.60 -41.84
N ARG A 330 20.68 -26.11 -43.04
CA ARG A 330 21.48 -26.80 -44.02
C ARG A 330 22.81 -26.12 -44.13
N GLY A 331 23.83 -26.90 -44.42
CA GLY A 331 25.19 -26.40 -44.35
C GLY A 331 25.53 -26.06 -42.91
N LEU A 332 26.39 -25.05 -42.76
CA LEU A 332 26.79 -24.56 -41.45
C LEU A 332 25.97 -23.33 -41.10
N PRO A 333 25.87 -23.01 -39.80
CA PRO A 333 25.18 -21.78 -39.42
C PRO A 333 25.93 -20.54 -39.90
N SER A 334 25.36 -19.37 -39.63
CA SER A 334 25.89 -18.07 -40.03
C SER A 334 27.38 -17.91 -39.77
N ASN A 335 27.82 -18.32 -38.58
CA ASN A 335 29.18 -18.07 -38.12
C ASN A 335 30.17 -19.19 -38.44
N ASN A 336 29.77 -20.11 -39.32
CA ASN A 336 30.59 -21.27 -39.69
C ASN A 336 30.93 -22.15 -38.49
N SER A 337 30.10 -22.12 -37.46
CA SER A 337 30.43 -22.84 -36.23
C SER A 337 29.36 -23.83 -35.79
N LEU A 338 29.81 -24.97 -35.28
CA LEU A 338 28.92 -25.99 -34.74
C LEU A 338 28.90 -25.92 -33.22
N ASP A 339 29.40 -24.81 -32.67
CA ASP A 339 29.44 -24.57 -31.23
C ASP A 339 28.07 -24.70 -30.56
N PHE A 340 27.00 -24.44 -31.30
CA PHE A 340 25.66 -24.48 -30.72
C PHE A 340 25.24 -25.90 -30.36
N LEU A 341 25.92 -26.90 -30.91
CA LEU A 341 25.63 -28.29 -30.57
C LEU A 341 26.00 -28.58 -29.12
N ASP A 342 26.88 -27.74 -28.55
CA ASP A 342 27.18 -27.78 -27.13
C ASP A 342 26.38 -26.71 -26.39
N MET B 3 -9.65 13.09 6.64
CA MET B 3 -9.20 11.99 5.79
C MET B 3 -7.71 11.68 6.03
N ASP B 4 -6.83 12.47 5.42
CA ASP B 4 -5.40 12.32 5.70
C ASP B 4 -5.16 12.72 7.16
N ASP B 5 -5.99 13.63 7.64
CA ASP B 5 -6.10 14.01 9.04
C ASP B 5 -6.37 12.76 9.88
N GLU B 6 -7.41 12.06 9.45
CA GLU B 6 -7.83 10.83 10.10
C GLU B 6 -6.72 9.79 10.04
N TYR B 7 -6.08 9.66 8.87
CA TYR B 7 -4.97 8.72 8.72
C TYR B 7 -3.85 8.99 9.70
N THR B 8 -3.43 10.26 9.76
CA THR B 8 -2.37 10.65 10.67
C THR B 8 -2.65 10.23 12.10
N LYS B 9 -3.85 10.52 12.58
CA LYS B 9 -4.21 10.17 13.95
C LYS B 9 -4.33 8.66 14.11
N LEU B 10 -4.94 8.02 13.12
CA LEU B 10 -5.17 6.58 13.19
C LEU B 10 -3.83 5.87 13.31
N LEU B 11 -2.82 6.39 12.63
CA LEU B 11 -1.52 5.75 12.60
C LEU B 11 -0.69 6.12 13.84
N HIS B 12 -0.56 7.42 14.13
CA HIS B 12 0.44 7.83 15.10
C HIS B 12 -0.03 7.95 16.55
N ASP B 13 -1.34 7.98 16.78
CA ASP B 13 -1.84 7.87 18.14
C ASP B 13 -1.86 6.41 18.60
N GLY B 14 -1.67 6.18 19.89
CA GLY B 14 -1.78 4.82 20.40
C GLY B 14 -3.18 4.26 20.16
N ILE B 15 -3.25 2.95 19.97
CA ILE B 15 -4.55 2.31 19.84
C ILE B 15 -5.21 2.17 21.22
N GLN B 16 -6.36 2.81 21.37
CA GLN B 16 -7.09 2.88 22.65
C GLN B 16 -7.48 1.47 23.15
N PRO B 17 -7.33 1.23 24.47
CA PRO B 17 -7.91 -0.02 24.98
C PRO B 17 -9.42 -0.07 24.72
N VAL B 18 -9.98 -1.24 24.45
CA VAL B 18 -11.40 -1.31 24.11
C VAL B 18 -12.32 -0.76 25.21
N ALA B 19 -11.97 -0.98 26.48
CA ALA B 19 -12.84 -0.55 27.57
C ALA B 19 -12.80 0.96 27.74
N ALA B 20 -11.79 1.59 27.17
CA ALA B 20 -11.71 3.05 27.20
C ALA B 20 -12.67 3.65 26.16
N ILE B 21 -13.09 2.85 25.18
CA ILE B 21 -14.07 3.31 24.20
C ILE B 21 -15.44 3.42 24.85
N ASP B 22 -15.80 2.38 25.58
CA ASP B 22 -17.01 2.32 26.38
C ASP B 22 -16.81 1.21 27.39
N SER B 23 -17.26 1.40 28.63
CA SER B 23 -17.08 0.38 29.66
C SER B 23 -17.75 -0.94 29.25
N ASN B 24 -18.78 -0.84 28.41
CA ASN B 24 -19.60 -1.97 28.00
C ASN B 24 -19.31 -2.46 26.58
N PHE B 25 -18.20 -2.00 26.01
CA PHE B 25 -17.89 -2.24 24.60
C PHE B 25 -17.85 -3.73 24.22
N ALA B 26 -17.42 -4.58 25.15
CA ALA B 26 -17.30 -6.01 24.85
C ALA B 26 -18.51 -6.82 25.30
N SER B 27 -19.63 -6.14 25.58
CA SER B 27 -20.84 -6.82 26.00
C SER B 27 -21.86 -6.95 24.87
N PHE B 28 -22.63 -8.04 24.87
CA PHE B 28 -23.71 -8.22 23.92
C PHE B 28 -24.76 -7.12 24.02
N THR B 29 -24.75 -6.39 25.14
CA THR B 29 -25.75 -5.35 25.35
C THR B 29 -25.35 -4.04 24.67
N TYR B 30 -24.09 -3.95 24.28
CA TYR B 30 -23.56 -2.74 23.64
C TYR B 30 -24.08 -2.55 22.23
N THR B 31 -24.47 -1.32 21.91
CA THR B 31 -24.90 -0.97 20.56
C THR B 31 -23.82 -0.20 19.79
N PRO B 32 -23.07 -0.89 18.91
CA PRO B 32 -21.96 -0.23 18.23
C PRO B 32 -22.41 0.92 17.34
N ARG B 33 -23.67 0.94 16.93
CA ARG B 33 -24.14 2.07 16.12
C ARG B 33 -24.26 3.36 16.93
N SER B 34 -24.12 3.26 18.25
CA SER B 34 -24.06 4.44 19.12
C SER B 34 -22.72 5.17 18.99
N LEU B 35 -21.69 4.47 18.54
CA LEU B 35 -20.38 5.06 18.40
C LEU B 35 -20.37 6.02 17.23
N PRO B 36 -19.93 7.27 17.45
CA PRO B 36 -19.81 8.23 16.35
C PRO B 36 -19.00 7.65 15.19
N GLU B 37 -19.44 7.92 13.96
CA GLU B 37 -18.81 7.30 12.80
C GLU B 37 -17.33 7.67 12.73
N ASP B 38 -16.98 8.85 13.22
CA ASP B 38 -15.60 9.31 13.21
C ASP B 38 -14.69 8.49 14.12
N ASP B 39 -15.27 7.74 15.04
CA ASP B 39 -14.48 6.95 15.98
C ASP B 39 -14.40 5.48 15.57
N THR B 40 -15.08 5.11 14.49
CA THR B 40 -15.20 3.69 14.16
C THR B 40 -13.91 3.05 13.64
N SER B 41 -13.15 3.75 12.82
CA SER B 41 -11.91 3.15 12.34
C SER B 41 -10.94 2.90 13.49
N MET B 42 -10.90 3.82 14.45
CA MET B 42 -10.06 3.63 15.62
C MET B 42 -10.56 2.43 16.42
N ALA B 43 -11.86 2.26 16.51
CA ALA B 43 -12.43 1.12 17.22
C ALA B 43 -12.09 -0.21 16.55
N ILE B 44 -12.02 -0.22 15.21
CA ILE B 44 -11.57 -1.42 14.49
C ILE B 44 -10.17 -1.79 14.95
N LEU B 45 -9.28 -0.80 15.01
CA LEU B 45 -7.91 -1.03 15.48
C LEU B 45 -7.90 -1.54 16.91
N SER B 46 -8.74 -0.94 17.75
CA SER B 46 -8.83 -1.36 19.14
C SER B 46 -9.24 -2.83 19.25
N MET B 47 -10.19 -3.24 18.43
CA MET B 47 -10.65 -4.62 18.47
C MET B 47 -9.58 -5.54 17.97
N LEU B 48 -8.89 -5.16 16.92
CA LEU B 48 -7.84 -6.01 16.38
C LEU B 48 -6.67 -6.18 17.36
N GLN B 49 -6.35 -5.12 18.05
CA GLN B 49 -5.34 -5.17 19.07
C GLN B 49 -5.74 -6.09 20.24
N ASP B 50 -6.99 -6.01 20.65
CA ASP B 50 -7.47 -6.84 21.74
C ASP B 50 -7.51 -8.30 21.41
N MET B 51 -7.75 -8.62 20.14
CA MET B 51 -7.73 -10.00 19.65
C MET B 51 -6.30 -10.46 19.31
N ASN B 52 -5.33 -9.58 19.52
CA ASN B 52 -3.90 -9.85 19.30
C ASN B 52 -3.56 -10.24 17.87
N PHE B 53 -4.37 -9.78 16.91
CA PHE B 53 -4.12 -10.12 15.52
C PHE B 53 -2.99 -9.29 14.94
N ILE B 54 -2.88 -8.05 15.42
CA ILE B 54 -1.84 -7.15 14.94
C ILE B 54 -0.47 -7.75 15.26
N ASN B 55 -0.38 -8.40 16.41
CA ASN B 55 0.84 -9.11 16.80
C ASN B 55 0.99 -10.48 16.16
N ASN B 56 -0.04 -11.32 16.26
CA ASN B 56 0.02 -12.67 15.70
C ASN B 56 0.38 -12.70 14.21
N TYR B 57 -0.06 -11.69 13.47
CA TYR B 57 0.16 -11.67 12.04
C TYR B 57 1.06 -10.52 11.62
N LYS B 58 1.81 -10.02 12.60
CA LYS B 58 2.85 -9.00 12.40
C LYS B 58 2.42 -7.91 11.44
N ILE B 59 1.25 -7.33 11.69
CA ILE B 59 0.69 -6.39 10.73
C ILE B 59 1.34 -5.02 10.86
N ASP B 60 1.90 -4.56 9.74
CA ASP B 60 2.50 -3.24 9.64
C ASP B 60 1.43 -2.17 9.95
N CYS B 61 1.72 -1.31 10.91
CA CYS B 61 0.73 -0.33 11.36
C CYS B 61 0.25 0.64 10.26
N PRO B 62 1.16 1.25 9.47
CA PRO B 62 0.67 2.11 8.39
C PRO B 62 -0.23 1.37 7.42
N THR B 63 0.14 0.13 7.11
CA THR B 63 -0.64 -0.70 6.20
C THR B 63 -2.03 -0.94 6.76
N LEU B 64 -2.09 -1.26 8.05
CA LEU B 64 -3.37 -1.55 8.69
C LEU B 64 -4.27 -0.31 8.74
N ALA B 65 -3.67 0.84 9.05
CA ALA B 65 -4.43 2.09 9.04
C ALA B 65 -4.97 2.41 7.65
N ARG B 66 -4.13 2.28 6.64
CA ARG B 66 -4.54 2.52 5.26
C ARG B 66 -5.63 1.55 4.85
N PHE B 67 -5.47 0.28 5.20
CA PHE B 67 -6.48 -0.73 4.88
C PHE B 67 -7.84 -0.39 5.47
N CYS B 68 -7.85 -0.02 6.74
CA CYS B 68 -9.13 0.26 7.41
C CYS B 68 -9.82 1.45 6.75
N LEU B 69 -9.05 2.49 6.41
CA LEU B 69 -9.65 3.66 5.78
C LEU B 69 -10.13 3.35 4.36
N MET B 70 -9.41 2.49 3.64
CA MET B 70 -9.82 2.12 2.29
C MET B 70 -11.09 1.30 2.33
N VAL B 71 -11.20 0.41 3.31
CA VAL B 71 -12.41 -0.39 3.46
C VAL B 71 -13.59 0.54 3.76
N LYS B 72 -13.40 1.48 4.67
CA LYS B 72 -14.48 2.42 5.01
C LYS B 72 -14.90 3.21 3.77
N LYS B 73 -13.91 3.69 3.03
CA LYS B 73 -14.14 4.50 1.84
C LYS B 73 -14.80 3.69 0.71
N GLY B 74 -14.71 2.36 0.82
CA GLY B 74 -15.24 1.46 -0.19
C GLY B 74 -16.73 1.18 -0.04
N TYR B 75 -17.34 1.72 1.00
CA TYR B 75 -18.79 1.68 1.13
C TYR B 75 -19.43 2.93 0.55
N ARG B 76 -20.58 2.75 -0.11
CA ARG B 76 -21.40 3.87 -0.55
C ARG B 76 -22.32 4.24 0.60
N ASP B 77 -23.34 5.05 0.31
CA ASP B 77 -24.22 5.54 1.37
C ASP B 77 -25.71 5.27 1.11
N PRO B 78 -26.05 4.00 0.76
CA PRO B 78 -27.49 3.70 0.78
C PRO B 78 -27.97 3.71 2.23
N PRO B 79 -29.29 3.69 2.46
CA PRO B 79 -29.76 3.78 3.85
C PRO B 79 -29.22 2.72 4.82
N TYR B 80 -29.13 1.46 4.38
CA TYR B 80 -28.69 0.38 5.29
C TYR B 80 -27.28 -0.14 4.99
N HIS B 81 -27.01 -0.47 3.73
CA HIS B 81 -25.74 -1.14 3.41
C HIS B 81 -24.59 -0.16 3.24
N ASN B 82 -24.23 0.46 4.35
CA ASN B 82 -23.18 1.45 4.39
C ASN B 82 -22.08 1.01 5.37
N TRP B 83 -21.11 1.87 5.59
CA TRP B 83 -20.00 1.51 6.48
C TRP B 83 -20.48 1.23 7.92
N MET B 84 -21.47 1.96 8.43
CA MET B 84 -21.89 1.70 9.80
C MET B 84 -22.47 0.29 9.96
N HIS B 85 -23.06 -0.24 8.88
CA HIS B 85 -23.44 -1.66 8.90
C HIS B 85 -22.21 -2.55 9.01
N ALA B 86 -21.23 -2.35 8.12
CA ALA B 86 -20.01 -3.14 8.18
C ALA B 86 -19.33 -3.02 9.54
N PHE B 87 -19.30 -1.81 10.08
CA PHE B 87 -18.69 -1.62 11.41
C PHE B 87 -19.43 -2.42 12.49
N SER B 88 -20.76 -2.35 12.49
CA SER B 88 -21.51 -3.03 13.53
C SER B 88 -21.44 -4.55 13.38
N VAL B 89 -21.35 -5.03 12.15
CA VAL B 89 -21.16 -6.46 11.91
C VAL B 89 -19.79 -6.91 12.43
N SER B 90 -18.76 -6.12 12.16
CA SER B 90 -17.42 -6.44 12.66
C SER B 90 -17.37 -6.40 14.18
N HIS B 91 -18.06 -5.42 14.77
CA HIS B 91 -18.13 -5.37 16.21
C HIS B 91 -18.75 -6.64 16.79
N PHE B 92 -19.78 -7.16 16.14
CA PHE B 92 -20.39 -8.38 16.66
C PHE B 92 -19.43 -9.57 16.58
N CYS B 93 -18.64 -9.64 15.53
CA CYS B 93 -17.63 -10.67 15.41
C CYS B 93 -16.70 -10.60 16.62
N TYR B 94 -16.27 -9.38 16.97
CA TYR B 94 -15.46 -9.19 18.15
C TYR B 94 -16.19 -9.66 19.41
N LEU B 95 -17.47 -9.36 19.52
CA LEU B 95 -18.26 -9.82 20.66
C LEU B 95 -18.29 -11.35 20.75
N LEU B 96 -18.46 -12.00 19.61
CA LEU B 96 -18.44 -13.47 19.60
C LEU B 96 -17.09 -14.01 20.05
N TYR B 97 -16.02 -13.44 19.50
CA TYR B 97 -14.67 -13.81 19.93
C TYR B 97 -14.52 -13.72 21.45
N LYS B 98 -14.93 -12.58 22.03
CA LYS B 98 -14.73 -12.34 23.47
C LYS B 98 -15.65 -13.18 24.34
N ASN B 99 -16.90 -13.29 23.93
CA ASN B 99 -17.92 -13.88 24.81
C ASN B 99 -18.06 -15.38 24.64
N LEU B 100 -17.82 -15.87 23.41
CA LEU B 100 -17.95 -17.30 23.15
C LEU B 100 -16.60 -18.00 23.16
N GLU B 101 -15.53 -17.23 23.34
CA GLU B 101 -14.17 -17.75 23.40
C GLU B 101 -13.82 -18.58 22.16
N LEU B 102 -13.90 -17.94 20.99
CA LEU B 102 -13.73 -18.64 19.73
C LEU B 102 -12.37 -19.30 19.56
N THR B 103 -11.35 -18.87 20.30
CA THR B 103 -10.03 -19.48 20.15
C THR B 103 -10.01 -20.95 20.54
N ASN B 104 -11.06 -21.39 21.23
CA ASN B 104 -11.17 -22.79 21.60
C ASN B 104 -11.90 -23.62 20.54
N TYR B 105 -12.44 -22.95 19.53
CA TYR B 105 -13.23 -23.61 18.50
C TYR B 105 -12.60 -23.49 17.11
N LEU B 106 -12.03 -22.33 16.83
CA LEU B 106 -11.55 -22.03 15.48
C LEU B 106 -10.07 -21.77 15.52
N GLU B 107 -9.40 -22.02 14.40
CA GLU B 107 -7.99 -21.66 14.31
C GLU B 107 -7.90 -20.14 14.24
N ASP B 108 -6.78 -19.59 14.70
CA ASP B 108 -6.62 -18.13 14.78
C ASP B 108 -6.79 -17.49 13.40
N ILE B 109 -6.23 -18.13 12.38
CA ILE B 109 -6.29 -17.62 11.02
C ILE B 109 -7.74 -17.58 10.53
N GLU B 110 -8.56 -18.50 11.03
CA GLU B 110 -9.98 -18.52 10.65
C GLU B 110 -10.75 -17.38 11.29
N ILE B 111 -10.43 -17.07 12.54
CA ILE B 111 -11.08 -15.95 13.22
C ILE B 111 -10.69 -14.62 12.58
N PHE B 112 -9.40 -14.49 12.23
CA PHE B 112 -8.90 -13.32 11.54
C PHE B 112 -9.64 -13.14 10.21
N ALA B 113 -9.75 -14.21 9.44
CA ALA B 113 -10.47 -14.18 8.18
C ALA B 113 -11.91 -13.75 8.37
N LEU B 114 -12.53 -14.26 9.43
CA LEU B 114 -13.91 -13.91 9.73
C LEU B 114 -14.08 -12.42 9.99
N PHE B 115 -13.20 -11.87 10.83
CA PHE B 115 -13.28 -10.46 11.17
C PHE B 115 -13.04 -9.55 9.98
N ILE B 116 -12.01 -9.84 9.18
CA ILE B 116 -11.72 -9.06 8.00
C ILE B 116 -12.87 -9.21 7.01
N SER B 117 -13.41 -10.42 6.91
CA SER B 117 -14.59 -10.62 6.05
C SER B 117 -15.77 -9.75 6.50
N CYS B 118 -16.01 -9.66 7.81
CA CYS B 118 -17.09 -8.79 8.29
C CYS B 118 -16.90 -7.35 7.82
N MET B 119 -15.67 -6.84 7.94
CA MET B 119 -15.36 -5.49 7.50
C MET B 119 -15.70 -5.27 6.02
N CYS B 120 -15.42 -6.29 5.21
CA CYS B 120 -15.44 -6.18 3.77
C CYS B 120 -16.71 -6.69 3.11
N HIS B 121 -17.60 -7.32 3.89
CA HIS B 121 -18.56 -8.25 3.29
C HIS B 121 -19.64 -7.59 2.46
N ASP B 122 -19.81 -6.26 2.56
CA ASP B 122 -20.83 -5.58 1.73
C ASP B 122 -20.19 -4.43 0.92
N LEU B 123 -18.87 -4.48 0.68
CA LEU B 123 -18.17 -3.41 -0.01
C LEU B 123 -18.81 -3.01 -1.34
N ASP B 124 -18.98 -1.70 -1.53
CA ASP B 124 -19.51 -1.14 -2.78
C ASP B 124 -20.96 -1.57 -3.05
N HIS B 125 -21.70 -1.89 -1.98
CA HIS B 125 -23.12 -2.18 -2.13
C HIS B 125 -23.82 -0.95 -2.68
N ARG B 126 -24.77 -1.16 -3.60
CA ARG B 126 -25.44 -0.04 -4.25
C ARG B 126 -26.89 0.10 -3.78
N GLY B 127 -27.27 -0.66 -2.76
CA GLY B 127 -28.65 -0.60 -2.28
C GLY B 127 -29.62 -1.43 -3.10
N THR B 128 -29.09 -2.35 -3.89
CA THR B 128 -29.93 -3.26 -4.67
C THR B 128 -29.51 -4.70 -4.42
N ASN B 129 -30.46 -5.63 -4.57
CA ASN B 129 -30.20 -7.03 -4.26
C ASN B 129 -29.69 -7.78 -5.48
N ASN B 130 -29.52 -9.10 -5.33
CA ASN B 130 -28.99 -9.90 -6.42
C ASN B 130 -29.95 -10.00 -7.58
N SER B 131 -31.25 -10.14 -7.30
CA SER B 131 -32.22 -10.28 -8.37
C SER B 131 -32.24 -9.01 -9.25
N PHE B 132 -32.02 -7.84 -8.63
CA PHE B 132 -31.97 -6.61 -9.40
C PHE B 132 -30.81 -6.63 -10.40
N GLN B 133 -29.66 -7.14 -9.96
CA GLN B 133 -28.49 -7.18 -10.82
C GLN B 133 -28.78 -8.01 -12.06
N VAL B 134 -29.36 -9.18 -11.84
CA VAL B 134 -29.69 -10.08 -12.93
C VAL B 134 -30.72 -9.46 -13.89
N ALA B 135 -31.81 -8.95 -13.33
CA ALA B 135 -32.94 -8.47 -14.14
C ALA B 135 -32.57 -7.22 -14.94
N SER B 136 -31.71 -6.40 -14.36
CA SER B 136 -31.29 -5.16 -15.02
C SER B 136 -30.05 -5.36 -15.87
N LYS B 137 -29.58 -6.61 -15.98
CA LYS B 137 -28.37 -6.92 -16.72
C LYS B 137 -27.20 -6.02 -16.34
N SER B 138 -26.95 -5.88 -15.05
CA SER B 138 -25.88 -5.00 -14.58
C SER B 138 -24.52 -5.58 -14.95
N VAL B 139 -23.48 -4.75 -14.85
CA VAL B 139 -22.14 -5.23 -15.16
C VAL B 139 -21.73 -6.32 -14.18
N LEU B 140 -22.26 -6.26 -12.95
CA LEU B 140 -21.91 -7.27 -11.96
C LEU B 140 -22.52 -8.62 -12.34
N ALA B 141 -23.78 -8.63 -12.75
CA ALA B 141 -24.39 -9.87 -13.24
C ALA B 141 -23.75 -10.37 -14.54
N ALA B 142 -23.25 -9.43 -15.34
CA ALA B 142 -22.52 -9.76 -16.57
C ALA B 142 -21.26 -10.56 -16.31
N LEU B 143 -20.55 -10.17 -15.25
CA LEU B 143 -19.30 -10.81 -14.89
C LEU B 143 -19.57 -12.13 -14.17
N TYR B 144 -20.44 -12.08 -13.18
CA TYR B 144 -20.74 -13.26 -12.39
C TYR B 144 -22.01 -13.87 -12.92
N SER B 145 -21.91 -14.50 -14.08
CA SER B 145 -23.04 -15.01 -14.89
C SER B 145 -23.59 -16.35 -14.42
N SER B 146 -22.75 -17.19 -13.81
CA SER B 146 -23.23 -18.46 -13.27
C SER B 146 -24.10 -18.14 -12.07
N GLU B 147 -23.86 -16.95 -11.55
CA GLU B 147 -24.74 -16.19 -10.67
C GLU B 147 -25.28 -16.89 -9.47
N GLY B 148 -26.41 -16.38 -9.00
CA GLY B 148 -26.82 -16.52 -7.64
C GLY B 148 -26.28 -15.30 -6.92
N SER B 149 -25.13 -15.49 -6.28
CA SER B 149 -24.55 -14.56 -5.32
C SER B 149 -23.72 -13.46 -5.99
N VAL B 150 -24.36 -12.73 -6.90
CA VAL B 150 -23.69 -11.70 -7.67
C VAL B 150 -23.05 -10.63 -6.80
N MET B 151 -23.81 -10.04 -5.89
CA MET B 151 -23.26 -8.96 -5.08
C MET B 151 -22.13 -9.47 -4.20
N GLU B 152 -22.30 -10.67 -3.66
CA GLU B 152 -21.30 -11.21 -2.74
C GLU B 152 -19.97 -11.50 -3.45
N ARG B 153 -20.02 -12.01 -4.68
CA ARG B 153 -18.83 -12.10 -5.53
C ARG B 153 -18.17 -10.73 -5.72
N HIS B 154 -18.99 -9.71 -5.92
CA HIS B 154 -18.44 -8.38 -6.07
C HIS B 154 -17.81 -7.86 -4.77
N HIS B 155 -18.46 -8.08 -3.62
CA HIS B 155 -17.87 -7.63 -2.35
C HIS B 155 -16.51 -8.24 -2.14
N PHE B 156 -16.40 -9.54 -2.42
CA PHE B 156 -15.12 -10.22 -2.34
C PHE B 156 -14.12 -9.59 -3.31
N ALA B 157 -14.53 -9.32 -4.54
CA ALA B 157 -13.65 -8.69 -5.52
C ALA B 157 -13.13 -7.36 -5.05
N GLN B 158 -14.00 -6.56 -4.44
CA GLN B 158 -13.59 -5.27 -3.92
C GLN B 158 -12.57 -5.43 -2.79
N ALA B 159 -12.78 -6.42 -1.95
CA ALA B 159 -11.85 -6.75 -0.87
C ALA B 159 -10.46 -7.07 -1.44
N ILE B 160 -10.44 -7.92 -2.47
CA ILE B 160 -9.20 -8.29 -3.15
C ILE B 160 -8.51 -7.07 -3.75
N ALA B 161 -9.28 -6.18 -4.36
CA ALA B 161 -8.68 -5.02 -5.00
C ALA B 161 -8.04 -4.12 -3.95
N ILE B 162 -8.67 -4.00 -2.78
CA ILE B 162 -8.08 -3.22 -1.71
C ILE B 162 -6.78 -3.86 -1.24
N LEU B 163 -6.81 -5.17 -0.99
CA LEU B 163 -5.60 -5.86 -0.51
C LEU B 163 -4.44 -5.73 -1.49
N ASN B 164 -4.77 -5.67 -2.78
CA ASN B 164 -3.76 -5.57 -3.81
C ASN B 164 -3.40 -4.12 -4.18
N THR B 165 -3.94 -3.18 -3.40
CA THR B 165 -3.57 -1.78 -3.56
C THR B 165 -2.28 -1.52 -2.78
N HIS B 166 -1.36 -0.79 -3.42
CA HIS B 166 -0.08 -0.46 -2.80
C HIS B 166 -0.30 0.11 -1.40
N GLY B 167 0.31 -0.52 -0.40
CA GLY B 167 0.25 -0.02 0.96
C GLY B 167 -0.90 -0.52 1.81
N CYS B 168 -1.70 -1.44 1.26
CA CYS B 168 -2.89 -1.92 1.96
C CYS B 168 -2.93 -3.42 2.22
N ASN B 169 -1.88 -4.14 1.88
CA ASN B 169 -1.93 -5.60 2.05
C ASN B 169 -1.60 -6.03 3.47
N ILE B 170 -2.61 -6.10 4.31
CA ILE B 170 -2.45 -6.50 5.70
C ILE B 170 -2.14 -7.98 5.83
N PHE B 171 -2.12 -8.70 4.70
CA PHE B 171 -1.76 -10.12 4.70
C PHE B 171 -0.34 -10.34 4.18
N ASP B 172 0.46 -9.28 4.16
CA ASP B 172 1.82 -9.36 3.63
C ASP B 172 2.70 -10.34 4.41
N HIS B 173 2.39 -10.54 5.69
CA HIS B 173 3.21 -11.41 6.56
C HIS B 173 3.03 -12.90 6.23
N PHE B 174 1.92 -13.24 5.57
CA PHE B 174 1.65 -14.65 5.30
C PHE B 174 2.53 -15.24 4.22
N SER B 175 2.88 -16.51 4.40
CA SER B 175 3.49 -17.29 3.33
C SER B 175 2.53 -17.32 2.16
N ARG B 176 3.03 -17.69 0.99
CA ARG B 176 2.15 -17.76 -0.17
C ARG B 176 1.05 -18.78 0.07
N LYS B 177 1.34 -19.84 0.82
CA LYS B 177 0.34 -20.85 1.13
C LYS B 177 -0.77 -20.28 1.99
N ASP B 178 -0.37 -19.60 3.06
CA ASP B 178 -1.36 -19.03 3.98
C ASP B 178 -2.09 -17.84 3.37
N TYR B 179 -1.43 -17.13 2.45
CA TYR B 179 -2.09 -16.02 1.76
C TYR B 179 -3.25 -16.56 0.94
N GLN B 180 -3.01 -17.63 0.19
CA GLN B 180 -4.07 -18.27 -0.59
C GLN B 180 -5.15 -18.82 0.32
N ARG B 181 -4.77 -19.40 1.46
CA ARG B 181 -5.77 -19.90 2.41
C ARG B 181 -6.67 -18.77 2.87
N MET B 182 -6.06 -17.63 3.16
CA MET B 182 -6.80 -16.47 3.60
C MET B 182 -7.78 -15.99 2.56
N LEU B 183 -7.33 -15.85 1.32
CA LEU B 183 -8.20 -15.39 0.25
C LEU B 183 -9.38 -16.34 0.08
N ASP B 184 -9.13 -17.64 0.15
CA ASP B 184 -10.19 -18.61 -0.05
C ASP B 184 -11.16 -18.64 1.13
N LEU B 185 -10.65 -18.44 2.35
CA LEU B 185 -11.49 -18.27 3.54
C LEU B 185 -12.39 -17.05 3.34
N MET B 186 -11.81 -15.92 2.96
CA MET B 186 -12.60 -14.70 2.78
C MET B 186 -13.69 -14.88 1.72
N ARG B 187 -13.38 -15.55 0.62
CA ARG B 187 -14.40 -15.78 -0.41
C ARG B 187 -15.52 -16.64 0.15
N ASP B 188 -15.19 -17.70 0.87
CA ASP B 188 -16.22 -18.59 1.42
C ASP B 188 -17.10 -17.87 2.43
N ILE B 189 -16.49 -17.04 3.26
CA ILE B 189 -17.23 -16.37 4.32
C ILE B 189 -18.09 -15.26 3.73
N ILE B 190 -17.56 -14.51 2.75
CA ILE B 190 -18.36 -13.45 2.14
C ILE B 190 -19.48 -14.06 1.31
N LEU B 191 -19.23 -15.17 0.63
CA LEU B 191 -20.30 -15.83 -0.13
C LEU B 191 -21.39 -16.35 0.80
N ALA B 192 -21.03 -16.67 2.05
CA ALA B 192 -21.99 -17.17 3.01
C ALA B 192 -23.00 -16.09 3.44
N THR B 193 -22.70 -14.82 3.17
CA THR B 193 -23.63 -13.74 3.54
C THR B 193 -24.79 -13.63 2.58
N ASP B 194 -24.79 -14.43 1.52
CA ASP B 194 -26.00 -14.55 0.69
C ASP B 194 -26.99 -15.39 1.48
N LEU B 195 -28.16 -14.84 1.83
CA LEU B 195 -29.11 -15.60 2.63
C LEU B 195 -29.55 -16.87 1.88
N ALA B 196 -29.43 -16.88 0.56
CA ALA B 196 -29.78 -18.06 -0.22
C ALA B 196 -28.82 -19.19 0.13
N HIS B 197 -27.56 -18.82 0.37
CA HIS B 197 -26.54 -19.78 0.77
C HIS B 197 -26.88 -20.32 2.15
N HIS B 198 -27.24 -19.44 3.06
CA HIS B 198 -27.59 -19.86 4.41
C HIS B 198 -28.74 -20.84 4.39
N LEU B 199 -29.75 -20.55 3.58
CA LEU B 199 -30.90 -21.44 3.52
C LEU B 199 -30.54 -22.80 2.94
N ARG B 200 -29.57 -22.84 2.03
CA ARG B 200 -29.13 -24.10 1.45
C ARG B 200 -28.37 -24.97 2.46
N ILE B 201 -27.59 -24.35 3.33
CA ILE B 201 -26.79 -25.12 4.28
C ILE B 201 -27.48 -25.26 5.64
N PHE B 202 -28.70 -24.73 5.76
CA PHE B 202 -29.40 -24.72 7.05
C PHE B 202 -29.51 -26.12 7.66
N LYS B 203 -29.89 -27.12 6.87
CA LYS B 203 -30.04 -28.46 7.44
C LYS B 203 -28.70 -29.03 7.93
N ASP B 204 -27.61 -28.69 7.24
CA ASP B 204 -26.29 -29.11 7.68
C ASP B 204 -25.91 -28.42 8.98
N LEU B 205 -26.26 -27.14 9.11
CA LEU B 205 -26.05 -26.42 10.35
C LEU B 205 -26.82 -27.08 11.49
N GLN B 206 -28.08 -27.42 11.23
CA GLN B 206 -28.92 -28.13 12.20
C GLN B 206 -28.29 -29.44 12.64
N LYS B 207 -27.78 -30.19 11.68
CA LYS B 207 -27.14 -31.46 11.98
C LYS B 207 -25.94 -31.25 12.89
N MET B 208 -25.12 -30.24 12.57
CA MET B 208 -23.95 -29.94 13.37
C MET B 208 -24.33 -29.58 14.80
N ALA B 209 -25.36 -28.76 14.95
CA ALA B 209 -25.82 -28.35 16.29
C ALA B 209 -26.33 -29.55 17.08
N GLU B 210 -26.95 -30.49 16.38
CA GLU B 210 -27.52 -31.68 17.01
C GLU B 210 -26.44 -32.63 17.53
N VAL B 211 -25.40 -32.86 16.73
CA VAL B 211 -24.34 -33.79 17.10
C VAL B 211 -23.28 -33.10 17.96
N GLY B 212 -23.15 -31.79 17.80
CA GLY B 212 -22.17 -31.03 18.53
C GLY B 212 -20.95 -30.70 17.70
N TYR B 213 -20.45 -29.48 17.86
CA TYR B 213 -19.27 -29.04 17.12
C TYR B 213 -18.05 -29.87 17.46
N ASP B 214 -17.36 -30.33 16.42
CA ASP B 214 -16.11 -31.07 16.59
C ASP B 214 -14.98 -30.30 15.92
N ARG B 215 -14.06 -29.79 16.73
CA ARG B 215 -12.97 -28.97 16.20
C ARG B 215 -12.04 -29.77 15.30
N ASN B 216 -12.08 -31.09 15.40
CA ASN B 216 -11.25 -31.92 14.54
C ASN B 216 -11.95 -32.25 13.23
N ASN B 217 -13.16 -31.73 13.06
CA ASN B 217 -13.95 -31.91 11.85
C ASN B 217 -13.84 -30.66 10.97
N LYS B 218 -13.18 -30.79 9.82
CA LYS B 218 -12.94 -29.62 8.99
C LYS B 218 -14.23 -29.05 8.39
N GLN B 219 -15.20 -29.92 8.11
CA GLN B 219 -16.49 -29.46 7.62
C GLN B 219 -17.21 -28.62 8.68
N HIS B 220 -17.05 -29.01 9.94
CA HIS B 220 -17.62 -28.23 11.03
C HIS B 220 -17.01 -26.83 11.09
N HIS B 221 -15.71 -26.72 10.86
CA HIS B 221 -15.09 -25.39 10.80
C HIS B 221 -15.76 -24.52 9.74
N ARG B 222 -15.95 -25.07 8.54
CA ARG B 222 -16.53 -24.32 7.43
C ARG B 222 -17.97 -23.90 7.75
N LEU B 223 -18.75 -24.82 8.30
CA LEU B 223 -20.12 -24.51 8.65
C LEU B 223 -20.20 -23.47 9.77
N LEU B 224 -19.34 -23.60 10.78
CA LEU B 224 -19.35 -22.66 11.89
C LEU B 224 -19.01 -21.25 11.41
N LEU B 225 -18.02 -21.14 10.55
CA LEU B 225 -17.68 -19.84 9.98
C LEU B 225 -18.87 -19.22 9.27
N CYS B 226 -19.63 -20.02 8.53
CA CYS B 226 -20.82 -19.52 7.83
C CYS B 226 -21.84 -19.00 8.82
N LEU B 227 -22.14 -19.82 9.82
CA LEU B 227 -23.14 -19.44 10.83
C LEU B 227 -22.74 -18.20 11.62
N LEU B 228 -21.48 -18.12 12.03
CA LEU B 228 -21.00 -16.95 12.74
C LEU B 228 -21.10 -15.69 11.86
N MET B 229 -20.74 -15.81 10.58
CA MET B 229 -20.85 -14.68 9.67
C MET B 229 -22.31 -14.23 9.55
N THR B 230 -23.22 -15.18 9.35
CA THR B 230 -24.62 -14.82 9.27
C THR B 230 -25.09 -14.16 10.56
N SER B 231 -24.64 -14.71 11.69
CA SER B 231 -25.01 -14.15 12.98
C SER B 231 -24.52 -12.71 13.14
N CYS B 232 -23.36 -12.41 12.56
CA CYS B 232 -22.84 -11.05 12.61
C CYS B 232 -23.68 -10.13 11.70
N ASP B 233 -23.99 -10.61 10.50
CA ASP B 233 -24.74 -9.85 9.50
C ASP B 233 -26.12 -9.43 10.04
N LEU B 234 -26.75 -10.31 10.81
CA LEU B 234 -28.09 -10.04 11.32
C LEU B 234 -28.12 -9.50 12.74
N SER B 235 -26.96 -9.12 13.27
CA SER B 235 -26.86 -8.85 14.71
C SER B 235 -27.61 -7.61 15.22
N ASP B 236 -28.09 -6.75 14.32
CA ASP B 236 -28.96 -5.64 14.74
C ASP B 236 -30.24 -6.15 15.40
N GLN B 237 -30.60 -7.40 15.12
CA GLN B 237 -31.81 -7.96 15.70
C GLN B 237 -31.63 -8.39 17.15
N THR B 238 -30.38 -8.43 17.60
CA THR B 238 -30.04 -8.92 18.93
C THR B 238 -29.88 -7.83 20.00
N LYS B 239 -30.08 -6.57 19.61
CA LYS B 239 -29.98 -5.47 20.56
C LYS B 239 -31.37 -5.17 21.13
N GLY B 240 -31.63 -3.90 21.44
CA GLY B 240 -32.93 -3.51 21.97
C GLY B 240 -33.95 -3.22 20.87
N TRP B 241 -35.17 -2.92 21.28
CA TRP B 241 -36.23 -2.61 20.33
C TRP B 241 -35.87 -1.45 19.43
N LYS B 242 -35.30 -0.40 20.02
CA LYS B 242 -35.00 0.81 19.26
C LYS B 242 -34.11 0.49 18.05
N THR B 243 -33.17 -0.42 18.24
CA THR B 243 -32.25 -0.77 17.14
C THR B 243 -33.01 -1.51 16.03
N THR B 244 -33.88 -2.46 16.39
CA THR B 244 -34.56 -3.20 15.34
C THR B 244 -35.56 -2.31 14.60
N ARG B 245 -36.14 -1.33 15.31
CA ARG B 245 -37.05 -0.39 14.67
C ARG B 245 -36.29 0.50 13.69
N LYS B 246 -35.15 1.02 14.11
CA LYS B 246 -34.38 1.90 13.24
C LYS B 246 -33.86 1.14 12.02
N ILE B 247 -33.38 -0.06 12.25
CA ILE B 247 -32.79 -0.80 11.14
C ILE B 247 -33.91 -1.23 10.16
N ALA B 248 -35.12 -1.45 10.68
CA ALA B 248 -36.26 -1.70 9.79
C ALA B 248 -36.53 -0.49 8.87
N GLU B 249 -36.46 0.72 9.44
CA GLU B 249 -36.61 1.96 8.66
C GLU B 249 -35.62 1.98 7.51
N LEU B 250 -34.35 1.70 7.83
CA LEU B 250 -33.27 1.79 6.84
C LEU B 250 -33.40 0.75 5.75
N ILE B 251 -33.64 -0.48 6.16
CA ILE B 251 -33.76 -1.58 5.21
C ILE B 251 -34.91 -1.34 4.24
N TYR B 252 -36.07 -0.91 4.75
CA TYR B 252 -37.22 -0.73 3.85
C TYR B 252 -37.08 0.55 3.03
N LYS B 253 -36.44 1.60 3.56
CA LYS B 253 -36.12 2.74 2.71
C LYS B 253 -35.26 2.30 1.52
N GLU B 254 -34.26 1.46 1.79
CA GLU B 254 -33.41 0.95 0.74
C GLU B 254 -34.21 0.09 -0.26
N PHE B 255 -34.95 -0.88 0.27
CA PHE B 255 -35.80 -1.75 -0.55
C PHE B 255 -36.73 -0.94 -1.45
N PHE B 256 -37.45 0.01 -0.86
CA PHE B 256 -38.44 0.74 -1.64
C PHE B 256 -37.82 1.60 -2.74
N SER B 257 -36.62 2.13 -2.51
CA SER B 257 -35.91 2.81 -3.59
C SER B 257 -35.66 1.88 -4.78
N GLN B 258 -35.26 0.64 -4.51
CA GLN B 258 -35.05 -0.33 -5.59
C GLN B 258 -36.39 -0.62 -6.29
N GLY B 259 -37.43 -0.80 -5.50
CA GLY B 259 -38.75 -1.06 -6.06
C GLY B 259 -39.25 0.05 -6.98
N ASP B 260 -39.03 1.29 -6.56
CA ASP B 260 -39.43 2.47 -7.34
C ASP B 260 -38.76 2.43 -8.70
N LEU B 261 -37.47 2.15 -8.67
CA LEU B 261 -36.69 2.06 -9.90
C LEU B 261 -37.18 0.94 -10.81
N GLU B 262 -37.46 -0.23 -10.22
CA GLU B 262 -37.96 -1.37 -10.98
C GLU B 262 -39.27 -1.03 -11.69
N LYS B 263 -40.17 -0.34 -11.00
CA LYS B 263 -41.44 0.06 -11.61
C LYS B 263 -41.27 0.97 -12.81
N ALA B 264 -40.36 1.93 -12.68
CA ALA B 264 -40.07 2.85 -13.78
C ALA B 264 -39.49 2.10 -14.96
N MET B 265 -38.67 1.08 -14.67
CA MET B 265 -38.04 0.28 -15.70
C MET B 265 -39.00 -0.67 -16.39
N GLY B 266 -40.15 -0.91 -15.77
CA GLY B 266 -41.13 -1.82 -16.34
C GLY B 266 -41.04 -3.22 -15.77
N ASN B 267 -40.35 -3.35 -14.65
CA ASN B 267 -40.23 -4.63 -13.98
C ASN B 267 -41.11 -4.65 -12.77
N ARG B 268 -41.55 -5.83 -12.36
CA ARG B 268 -42.38 -5.84 -11.18
C ARG B 268 -41.55 -6.15 -9.97
N PRO B 269 -41.60 -5.25 -8.99
CA PRO B 269 -40.75 -5.49 -7.81
C PRO B 269 -41.32 -6.56 -6.92
N MET B 270 -40.46 -7.23 -6.15
CA MET B 270 -40.91 -8.05 -5.03
C MET B 270 -41.89 -7.23 -4.20
N GLU B 271 -42.89 -7.89 -3.62
CA GLU B 271 -43.84 -7.19 -2.76
C GLU B 271 -43.16 -6.43 -1.62
N MET B 272 -42.12 -7.04 -1.05
CA MET B 272 -41.46 -6.43 0.10
C MET B 272 -40.67 -5.18 -0.29
N MET B 273 -40.56 -4.94 -1.60
CA MET B 273 -39.83 -3.77 -2.08
C MET B 273 -40.76 -2.78 -2.74
N ASP B 274 -42.05 -3.10 -2.73
CA ASP B 274 -43.08 -2.24 -3.30
C ASP B 274 -43.70 -1.42 -2.17
N ARG B 275 -43.39 -0.12 -2.12
CA ARG B 275 -43.90 0.71 -1.02
C ARG B 275 -45.42 0.85 -0.99
N GLU B 276 -46.10 0.41 -2.06
CA GLU B 276 -47.56 0.48 -2.11
C GLU B 276 -48.21 -0.82 -1.63
N LYS B 277 -47.40 -1.85 -1.44
CA LYS B 277 -47.94 -3.16 -1.03
C LYS B 277 -47.35 -3.63 0.30
N ALA B 278 -46.07 -3.35 0.51
CA ALA B 278 -45.36 -3.85 1.68
C ALA B 278 -46.02 -3.43 3.00
N TYR B 279 -46.26 -4.41 3.86
CA TYR B 279 -46.77 -4.14 5.19
C TYR B 279 -45.65 -4.49 6.16
N ILE B 280 -44.91 -3.48 6.59
CA ILE B 280 -43.65 -3.66 7.29
C ILE B 280 -43.69 -4.56 8.54
N PRO B 281 -44.68 -4.37 9.45
CA PRO B 281 -44.57 -5.22 10.65
C PRO B 281 -44.70 -6.72 10.35
N GLU B 282 -45.53 -7.06 9.38
CA GLU B 282 -45.73 -8.44 8.98
C GLU B 282 -44.48 -9.00 8.31
N LEU B 283 -43.86 -8.18 7.45
CA LEU B 283 -42.64 -8.57 6.76
C LEU B 283 -41.52 -8.79 7.76
N GLN B 284 -41.41 -7.88 8.75
CA GLN B 284 -40.36 -7.95 9.74
C GLN B 284 -40.57 -9.15 10.66
N ILE B 285 -41.81 -9.38 11.07
CA ILE B 285 -42.08 -10.50 11.96
C ILE B 285 -41.76 -11.80 11.24
N SER B 286 -42.12 -11.88 9.96
CA SER B 286 -41.79 -13.06 9.16
C SER B 286 -40.28 -13.28 9.02
N PHE B 287 -39.53 -12.21 8.74
CA PHE B 287 -38.08 -12.33 8.67
C PHE B 287 -37.53 -12.85 9.99
N MET B 288 -38.07 -12.34 11.10
CA MET B 288 -37.62 -12.80 12.41
C MET B 288 -38.03 -14.24 12.66
N GLU B 289 -39.25 -14.60 12.31
CA GLU B 289 -39.75 -15.96 12.51
C GLU B 289 -38.92 -16.99 11.80
N HIS B 290 -38.74 -16.75 10.51
CA HIS B 290 -38.32 -17.78 9.59
C HIS B 290 -36.83 -17.73 9.26
N ILE B 291 -36.18 -16.61 9.55
CA ILE B 291 -34.78 -16.47 9.24
C ILE B 291 -33.93 -16.18 10.48
N ALA B 292 -34.19 -15.06 11.16
CA ALA B 292 -33.30 -14.61 12.24
C ALA B 292 -33.35 -15.50 13.48
N MET B 293 -34.54 -15.80 13.98
CA MET B 293 -34.66 -16.63 15.18
C MET B 293 -34.02 -18.01 15.01
N PRO B 294 -34.25 -18.70 13.87
CA PRO B 294 -33.58 -20.00 13.73
C PRO B 294 -32.06 -19.90 13.74
N ILE B 295 -31.51 -18.81 13.21
CA ILE B 295 -30.07 -18.60 13.22
C ILE B 295 -29.52 -18.51 14.64
N TYR B 296 -30.14 -17.69 15.49
CA TYR B 296 -29.63 -17.52 16.85
C TYR B 296 -30.01 -18.71 17.73
N LYS B 297 -31.05 -19.45 17.36
CA LYS B 297 -31.30 -20.71 18.07
C LYS B 297 -30.18 -21.71 17.80
N LEU B 298 -29.75 -21.80 16.54
CA LEU B 298 -28.61 -22.63 16.19
C LEU B 298 -27.38 -22.21 16.98
N LEU B 299 -27.12 -20.92 17.05
CA LEU B 299 -25.98 -20.39 17.78
C LEU B 299 -26.06 -20.76 19.26
N GLN B 300 -27.25 -20.64 19.84
CA GLN B 300 -27.47 -21.04 21.22
C GLN B 300 -27.28 -22.54 21.45
N ASP B 301 -27.70 -23.36 20.49
CA ASP B 301 -27.54 -24.81 20.61
C ASP B 301 -26.07 -25.22 20.61
N LEU B 302 -25.25 -24.44 19.91
CA LEU B 302 -23.83 -24.69 19.80
C LEU B 302 -23.08 -24.07 20.96
N PHE B 303 -23.54 -22.90 21.39
CA PHE B 303 -22.88 -22.13 22.43
C PHE B 303 -23.88 -21.67 23.48
N PRO B 304 -23.94 -22.34 24.64
CA PRO B 304 -24.91 -21.90 25.65
C PRO B 304 -24.79 -20.42 26.04
N LYS B 305 -23.59 -19.86 25.96
CA LYS B 305 -23.37 -18.45 26.31
C LYS B 305 -24.03 -17.49 25.32
N ALA B 306 -24.49 -18.03 24.18
CA ALA B 306 -25.16 -17.19 23.19
C ALA B 306 -26.66 -17.17 23.42
N ALA B 307 -27.11 -17.78 24.52
CA ALA B 307 -28.53 -17.88 24.79
C ALA B 307 -29.24 -16.53 24.83
N GLU B 308 -28.59 -15.52 25.41
CA GLU B 308 -29.25 -14.22 25.52
C GLU B 308 -29.52 -13.59 24.16
N LEU B 309 -28.73 -13.96 23.16
CA LEU B 309 -28.90 -13.41 21.82
C LEU B 309 -30.22 -13.88 21.26
N TYR B 310 -30.46 -15.19 21.34
CA TYR B 310 -31.72 -15.74 20.87
C TYR B 310 -32.90 -15.13 21.62
N GLU B 311 -32.77 -15.01 22.93
CA GLU B 311 -33.93 -14.50 23.65
C GLU B 311 -34.17 -13.00 23.36
N ARG B 312 -33.15 -12.24 23.00
CA ARG B 312 -33.41 -10.86 22.61
C ARG B 312 -34.13 -10.78 21.26
N VAL B 313 -33.71 -11.59 20.30
CA VAL B 313 -34.38 -11.61 19.01
C VAL B 313 -35.85 -12.02 19.17
N ALA B 314 -36.07 -13.03 20.01
CA ALA B 314 -37.44 -13.48 20.28
C ALA B 314 -38.26 -12.40 20.94
N SER B 315 -37.66 -11.69 21.90
CA SER B 315 -38.34 -10.60 22.58
C SER B 315 -38.64 -9.45 21.63
N ASN B 316 -37.70 -9.15 20.73
CA ASN B 316 -37.88 -8.06 19.79
C ASN B 316 -38.99 -8.38 18.81
N ARG B 317 -39.11 -9.63 18.45
CA ARG B 317 -40.17 -10.05 17.56
C ARG B 317 -41.55 -9.96 18.22
N GLU B 318 -41.67 -10.39 19.44
CA GLU B 318 -42.98 -10.26 20.07
C GLU B 318 -43.29 -8.79 20.30
N HIS B 319 -42.27 -7.96 20.45
CA HIS B 319 -42.45 -6.51 20.52
C HIS B 319 -43.05 -5.98 19.22
N TRP B 320 -42.54 -6.46 18.08
CA TRP B 320 -43.09 -6.09 16.78
C TRP B 320 -44.56 -6.50 16.67
N THR B 321 -44.88 -7.70 17.15
CA THR B 321 -46.27 -8.16 17.15
C THR B 321 -47.15 -7.20 17.95
N LYS B 322 -46.61 -6.68 19.04
CA LYS B 322 -47.38 -5.82 19.93
C LYS B 322 -47.68 -4.46 19.33
N VAL B 323 -46.80 -3.98 18.46
CA VAL B 323 -46.99 -2.64 17.88
C VAL B 323 -47.45 -2.71 16.44
N SER B 324 -47.65 -3.92 15.92
CA SER B 324 -48.06 -4.11 14.53
C SER B 324 -49.34 -3.33 14.22
N HIS B 325 -50.25 -3.30 15.18
CA HIS B 325 -51.54 -2.64 15.03
C HIS B 325 -51.39 -1.15 14.70
N LYS B 326 -50.25 -0.57 15.07
CA LYS B 326 -50.05 0.87 14.86
C LYS B 326 -49.94 1.23 13.39
N PHE B 327 -49.73 0.22 12.53
CA PHE B 327 -49.61 0.46 11.11
C PHE B 327 -50.97 0.55 10.44
N THR B 328 -52.02 0.29 11.20
CA THR B 328 -53.36 0.60 10.74
C THR B 328 -53.86 1.76 11.57
N ILE B 329 -54.08 2.89 10.92
CA ILE B 329 -54.36 4.14 11.61
C ILE B 329 -55.72 4.15 12.33
N ARG B 330 -55.67 4.16 13.66
CA ARG B 330 -56.87 4.37 14.45
C ARG B 330 -56.81 5.77 15.01
N GLY B 331 -57.97 6.35 15.27
CA GLY B 331 -58.03 7.75 15.62
C GLY B 331 -57.71 8.59 14.40
N LEU B 332 -57.24 9.81 14.62
CA LEU B 332 -56.79 10.67 13.54
C LEU B 332 -55.28 10.61 13.45
N PRO B 333 -54.72 11.02 12.31
CA PRO B 333 -53.27 11.24 12.25
C PRO B 333 -52.82 12.32 13.24
N SER B 334 -51.51 12.50 13.41
CA SER B 334 -50.99 13.45 14.38
C SER B 334 -51.51 14.88 14.18
N ASN B 335 -51.69 15.26 12.92
CA ASN B 335 -52.12 16.62 12.58
C ASN B 335 -53.62 16.86 12.72
N ASN B 336 -54.35 15.86 13.21
CA ASN B 336 -55.80 15.92 13.34
C ASN B 336 -56.50 16.15 12.00
N SER B 337 -55.87 15.68 10.93
CA SER B 337 -56.35 15.96 9.59
C SER B 337 -56.55 14.68 8.77
N LEU B 338 -57.62 14.66 7.98
CA LEU B 338 -57.88 13.55 7.06
C LEU B 338 -57.50 13.94 5.64
N ASP B 339 -56.68 14.97 5.51
CA ASP B 339 -56.29 15.49 4.20
C ASP B 339 -55.58 14.44 3.35
N PHE B 340 -54.96 13.47 4.00
CA PHE B 340 -54.21 12.43 3.29
C PHE B 340 -55.12 11.51 2.49
N LEU B 341 -56.44 11.61 2.70
CA LEU B 341 -57.38 10.79 1.95
C LEU B 341 -57.49 11.24 0.49
N TYR C 7 28.25 22.87 37.51
CA TYR C 7 29.23 21.79 37.40
C TYR C 7 30.14 21.79 38.61
N THR C 8 30.60 22.97 39.00
CA THR C 8 31.42 23.15 40.18
C THR C 8 30.74 22.60 41.44
N LYS C 9 29.45 22.92 41.60
CA LYS C 9 28.79 22.42 42.81
C LYS C 9 28.58 20.91 42.78
N LEU C 10 28.45 20.29 41.60
CA LEU C 10 28.33 18.84 41.52
C LEU C 10 29.62 18.12 41.89
N ILE C 15 29.60 13.90 46.18
CA ILE C 15 28.32 13.22 45.99
C ILE C 15 27.71 12.83 47.34
N GLN C 16 26.51 13.34 47.62
CA GLN C 16 25.86 13.11 48.90
C GLN C 16 25.29 11.70 49.05
N PRO C 17 25.32 11.17 50.28
CA PRO C 17 24.52 10.00 50.61
C PRO C 17 23.04 10.31 50.41
N VAL C 18 22.25 9.33 49.98
CA VAL C 18 20.83 9.59 49.71
C VAL C 18 20.09 9.96 50.99
N ALA C 19 20.55 9.44 52.12
CA ALA C 19 19.94 9.72 53.40
C ALA C 19 20.13 11.18 53.80
N ALA C 20 21.17 11.82 53.25
CA ALA C 20 21.44 13.23 53.52
C ALA C 20 20.49 14.14 52.77
N ILE C 21 19.93 13.66 51.66
CA ILE C 21 18.95 14.42 50.91
C ILE C 21 17.61 14.43 51.64
N ASP C 22 17.16 13.23 52.01
CA ASP C 22 15.92 13.06 52.75
C ASP C 22 15.91 11.66 53.38
N SER C 23 15.40 11.56 54.60
CA SER C 23 15.36 10.27 55.29
C SER C 23 14.41 9.30 54.61
N ASN C 24 13.49 9.84 53.82
CA ASN C 24 12.50 9.01 53.17
C ASN C 24 12.73 8.86 51.66
N PHE C 25 13.93 9.23 51.23
CA PHE C 25 14.25 9.33 49.81
C PHE C 25 14.10 8.03 49.02
N ALA C 26 14.31 6.89 49.67
CA ALA C 26 14.23 5.61 48.96
C ALA C 26 12.91 4.89 49.24
N SER C 27 11.94 5.63 49.77
CA SER C 27 10.60 5.07 50.01
C SER C 27 9.62 5.42 48.88
N PHE C 28 8.69 4.50 48.62
CA PHE C 28 7.63 4.75 47.64
C PHE C 28 6.73 5.92 48.00
N THR C 29 6.76 6.35 49.26
CA THR C 29 5.93 7.47 49.70
C THR C 29 6.60 8.81 49.40
N TYR C 30 7.87 8.78 49.04
CA TYR C 30 8.59 10.00 48.76
C TYR C 30 8.12 10.61 47.44
N THR C 31 7.92 11.92 47.46
CA THR C 31 7.55 12.65 46.25
C THR C 31 8.76 13.44 45.75
N PRO C 32 9.44 12.91 44.73
CA PRO C 32 10.66 13.56 44.24
C PRO C 32 10.42 14.97 43.68
N ARG C 33 9.19 15.27 43.30
CA ARG C 33 8.88 16.61 42.81
C ARG C 33 8.96 17.67 43.90
N SER C 34 9.03 17.23 45.16
CA SER C 34 9.19 18.13 46.29
C SER C 34 10.61 18.65 46.38
N LEU C 35 11.55 17.96 45.73
CA LEU C 35 12.94 18.37 45.77
C LEU C 35 13.16 19.60 44.89
N PRO C 36 13.81 20.65 45.43
CA PRO C 36 14.08 21.85 44.64
C PRO C 36 14.77 21.49 43.33
N GLU C 37 14.32 22.06 42.22
CA GLU C 37 14.87 21.70 40.92
C GLU C 37 16.39 21.89 40.86
N ASP C 38 16.90 22.83 41.63
CA ASP C 38 18.32 23.10 41.60
C ASP C 38 19.14 22.03 42.34
N ASP C 39 18.47 21.18 43.09
CA ASP C 39 19.13 20.09 43.80
C ASP C 39 19.04 18.74 43.09
N THR C 40 18.32 18.70 41.96
CA THR C 40 18.04 17.44 41.28
C THR C 40 19.25 16.81 40.60
N SER C 41 20.18 17.60 40.09
CA SER C 41 21.38 17.01 39.46
C SER C 41 22.23 16.27 40.49
N MET C 42 22.39 16.85 41.67
CA MET C 42 23.11 16.16 42.75
C MET C 42 22.37 14.89 43.15
N ALA C 43 21.05 14.94 43.13
CA ALA C 43 20.27 13.77 43.52
C ALA C 43 20.43 12.65 42.50
N ILE C 44 20.61 13.03 41.23
CA ILE C 44 20.89 12.06 40.18
C ILE C 44 22.21 11.35 40.47
N LEU C 45 23.25 12.13 40.73
CA LEU C 45 24.57 11.56 41.06
C LEU C 45 24.49 10.67 42.29
N SER C 46 23.76 11.13 43.29
CA SER C 46 23.63 10.39 44.54
C SER C 46 22.92 9.05 44.35
N MET C 47 21.91 9.01 43.49
CA MET C 47 21.24 7.76 43.19
C MET C 47 22.16 6.79 42.47
N LEU C 48 22.91 7.31 41.50
CA LEU C 48 23.86 6.49 40.75
C LEU C 48 24.95 5.93 41.66
N GLN C 49 25.36 6.72 42.64
CA GLN C 49 26.35 6.29 43.62
C GLN C 49 25.74 5.24 44.55
N ASP C 50 24.49 5.45 44.95
CA ASP C 50 23.84 4.55 45.91
C ASP C 50 23.62 3.17 45.28
N MET C 51 23.43 3.16 43.97
CA MET C 51 23.28 1.91 43.23
C MET C 51 24.65 1.36 42.85
N ASN C 52 25.70 2.14 43.17
CA ASN C 52 27.11 1.83 42.93
C ASN C 52 27.54 1.62 41.46
N PHE C 53 26.76 2.17 40.52
CA PHE C 53 27.09 2.04 39.10
C PHE C 53 28.38 2.79 38.74
N ILE C 54 28.64 3.87 39.46
CA ILE C 54 29.84 4.65 39.22
C ILE C 54 31.10 3.84 39.53
N ASN C 55 31.10 3.15 40.66
CA ASN C 55 32.19 2.27 41.00
C ASN C 55 32.24 1.01 40.13
N ASN C 56 31.08 0.41 39.86
CA ASN C 56 31.09 -0.84 39.11
C ASN C 56 31.56 -0.67 37.66
N TYR C 57 31.12 0.39 36.97
CA TYR C 57 31.53 0.59 35.59
C TYR C 57 32.64 1.62 35.45
N LYS C 58 33.23 2.02 36.59
CA LYS C 58 34.31 3.00 36.61
C LYS C 58 33.98 4.30 35.85
N ILE C 59 32.78 4.83 36.09
CA ILE C 59 32.36 6.06 35.45
C ILE C 59 33.20 7.24 35.95
N ASP C 60 33.70 8.04 35.02
CA ASP C 60 34.45 9.26 35.36
C ASP C 60 33.47 10.30 35.88
N CYS C 61 33.65 10.75 37.12
CA CYS C 61 32.65 11.61 37.73
C CYS C 61 32.50 12.99 37.07
N PRO C 62 33.61 13.66 36.68
CA PRO C 62 33.42 14.90 35.93
C PRO C 62 32.58 14.71 34.68
N THR C 63 32.84 13.64 33.93
CA THR C 63 32.08 13.35 32.72
C THR C 63 30.61 13.11 33.04
N LEU C 64 30.36 12.41 34.14
CA LEU C 64 28.99 12.14 34.56
C LEU C 64 28.30 13.43 34.97
N ALA C 65 29.02 14.32 35.64
CA ALA C 65 28.44 15.59 36.05
C ALA C 65 28.02 16.41 34.83
N ARG C 66 28.91 16.51 33.85
CA ARG C 66 28.64 17.25 32.63
C ARG C 66 27.49 16.60 31.87
N PHE C 67 27.49 15.28 31.81
CA PHE C 67 26.40 14.55 31.16
C PHE C 67 25.04 14.90 31.80
N CYS C 68 25.00 14.86 33.12
CA CYS C 68 23.76 15.13 33.84
C CYS C 68 23.25 16.56 33.62
N LEU C 69 24.17 17.53 33.57
CA LEU C 69 23.74 18.92 33.37
C LEU C 69 23.27 19.13 31.92
N MET C 70 23.88 18.42 30.99
CA MET C 70 23.48 18.50 29.59
C MET C 70 22.10 17.91 29.38
N VAL C 71 21.83 16.82 30.08
CA VAL C 71 20.53 16.18 29.93
C VAL C 71 19.46 17.13 30.50
N LYS C 72 19.71 17.67 31.69
CA LYS C 72 18.76 18.61 32.30
C LYS C 72 18.49 19.79 31.38
N LYS C 73 19.56 20.33 30.80
CA LYS C 73 19.46 21.50 29.91
C LYS C 73 18.72 21.14 28.62
N GLY C 74 18.69 19.86 28.30
CA GLY C 74 18.08 19.37 27.07
C GLY C 74 16.58 19.27 27.12
N TYR C 75 15.99 19.55 28.28
CA TYR C 75 14.52 19.62 28.38
C TYR C 75 14.03 21.03 28.18
N ARG C 76 12.92 21.17 27.44
CA ARG C 76 12.25 22.44 27.32
C ARG C 76 11.30 22.65 28.50
N ASP C 77 10.42 23.65 28.39
CA ASP C 77 9.58 24.00 29.52
C ASP C 77 8.07 23.92 29.28
N PRO C 78 7.58 22.84 28.64
CA PRO C 78 6.12 22.73 28.60
C PRO C 78 5.62 22.43 30.00
N PRO C 79 4.30 22.50 30.24
CA PRO C 79 3.82 22.31 31.62
C PRO C 79 4.16 20.94 32.24
N TYR C 80 4.18 19.87 31.44
CA TYR C 80 4.39 18.54 31.99
C TYR C 80 5.71 17.92 31.54
N HIS C 81 5.96 17.92 30.23
CA HIS C 81 7.15 17.21 29.72
C HIS C 81 8.45 18.01 29.83
N ASN C 82 8.84 18.25 31.07
CA ASN C 82 10.02 19.05 31.39
C ASN C 82 11.02 18.23 32.20
N TRP C 83 12.10 18.87 32.63
CA TRP C 83 13.12 18.12 33.39
C TRP C 83 12.56 17.53 34.68
N MET C 84 11.67 18.24 35.37
CA MET C 84 11.18 17.68 36.64
C MET C 84 10.42 16.37 36.42
N HIS C 85 9.77 16.21 35.26
CA HIS C 85 9.21 14.92 34.87
C HIS C 85 10.33 13.88 34.73
N ALA C 86 11.33 14.16 33.91
CA ALA C 86 12.42 13.20 33.73
C ALA C 86 13.10 12.89 35.06
N PHE C 87 13.26 13.90 35.93
CA PHE C 87 13.87 13.64 37.22
C PHE C 87 13.01 12.72 38.06
N SER C 88 11.70 12.95 38.10
CA SER C 88 10.83 12.14 38.95
C SER C 88 10.71 10.71 38.41
N VAL C 89 10.78 10.58 37.09
CA VAL C 89 10.75 9.27 36.45
C VAL C 89 12.02 8.49 36.81
N SER C 90 13.15 9.19 36.81
CA SER C 90 14.43 8.57 37.15
C SER C 90 14.46 8.17 38.62
N HIS C 91 13.90 9.02 39.46
CA HIS C 91 13.79 8.68 40.86
C HIS C 91 12.95 7.41 41.09
N PHE C 92 11.88 7.24 40.31
CA PHE C 92 11.07 6.05 40.48
C PHE C 92 11.87 4.81 40.11
N CYS C 93 12.68 4.92 39.06
CA CYS C 93 13.55 3.82 38.66
C CYS C 93 14.44 3.41 39.83
N TYR C 94 15.00 4.41 40.48
CA TYR C 94 15.81 4.20 41.68
C TYR C 94 15.00 3.50 42.77
N LEU C 95 13.76 3.94 42.96
CA LEU C 95 12.87 3.33 43.95
C LEU C 95 12.62 1.86 43.62
N LEU C 96 12.44 1.53 42.36
CA LEU C 96 12.23 0.14 41.98
C LEU C 96 13.47 -0.67 42.32
N TYR C 97 14.63 -0.10 42.02
CA TYR C 97 15.88 -0.75 42.36
C TYR C 97 16.01 -1.04 43.86
N LYS C 98 15.67 -0.05 44.68
CA LYS C 98 15.86 -0.17 46.14
C LYS C 98 14.82 -1.06 46.82
N ASN C 99 13.62 -1.09 46.27
CA ASN C 99 12.51 -1.76 46.93
C ASN C 99 12.16 -3.13 46.35
N LEU C 100 12.51 -3.38 45.09
CA LEU C 100 12.05 -4.59 44.40
C LEU C 100 13.14 -5.59 44.03
N GLU C 101 14.36 -5.36 44.50
CA GLU C 101 15.51 -6.27 44.29
C GLU C 101 15.70 -6.60 42.78
N LEU C 102 15.66 -5.53 41.99
CA LEU C 102 15.82 -5.66 40.53
C LEU C 102 17.03 -6.50 40.10
N THR C 103 18.08 -6.51 40.92
CA THR C 103 19.28 -7.27 40.61
C THR C 103 19.04 -8.77 40.62
N ASN C 104 17.88 -9.20 41.13
CA ASN C 104 17.50 -10.61 41.09
C ASN C 104 16.89 -11.00 39.74
N TYR C 105 16.61 -10.02 38.89
CA TYR C 105 15.87 -10.27 37.66
C TYR C 105 16.54 -9.67 36.42
N LEU C 106 17.32 -8.61 36.61
CA LEU C 106 17.98 -7.92 35.50
C LEU C 106 19.49 -7.85 35.67
N GLU C 107 20.20 -7.80 34.54
CA GLU C 107 21.64 -7.59 34.58
C GLU C 107 21.91 -6.15 35.00
N ASP C 108 23.07 -5.93 35.62
CA ASP C 108 23.47 -4.60 36.07
C ASP C 108 23.40 -3.58 34.93
N ILE C 109 23.84 -3.99 33.75
CA ILE C 109 23.88 -3.05 32.63
C ILE C 109 22.46 -2.70 32.15
N GLU C 110 21.52 -3.61 32.35
CA GLU C 110 20.13 -3.34 31.97
C GLU C 110 19.49 -2.34 32.91
N ILE C 111 19.76 -2.49 34.20
CA ILE C 111 19.23 -1.57 35.21
C ILE C 111 19.84 -0.18 35.00
N PHE C 112 21.14 -0.15 34.73
CA PHE C 112 21.84 1.09 34.48
C PHE C 112 21.24 1.79 33.25
N ALA C 113 21.06 1.02 32.18
CA ALA C 113 20.46 1.55 30.96
C ALA C 113 19.05 2.07 31.22
N LEU C 114 18.31 1.37 32.07
CA LEU C 114 16.96 1.82 32.39
C LEU C 114 17.00 3.20 33.04
N PHE C 115 17.92 3.37 34.00
CA PHE C 115 18.01 4.64 34.70
C PHE C 115 18.45 5.78 33.78
N ILE C 116 19.47 5.54 32.97
CA ILE C 116 19.91 6.56 32.02
C ILE C 116 18.81 6.86 31.01
N SER C 117 18.10 5.82 30.57
CA SER C 117 16.99 6.04 29.66
C SER C 117 15.91 6.91 30.31
N CYS C 118 15.65 6.70 31.59
CA CYS C 118 14.63 7.50 32.28
C CYS C 118 15.03 8.97 32.22
N MET C 119 16.30 9.26 32.49
CA MET C 119 16.80 10.64 32.44
C MET C 119 16.57 11.28 31.07
N CYS C 120 16.76 10.47 30.02
CA CYS C 120 16.81 10.99 28.67
C CYS C 120 15.53 10.85 27.88
N HIS C 121 14.53 10.18 28.45
CA HIS C 121 13.46 9.62 27.59
C HIS C 121 12.49 10.61 26.97
N ASP C 122 12.45 11.86 27.44
CA ASP C 122 11.58 12.87 26.84
C ASP C 122 12.39 14.10 26.39
N LEU C 123 13.68 13.92 26.12
CA LEU C 123 14.55 15.05 25.79
C LEU C 123 13.99 15.90 24.67
N ASP C 124 13.97 17.22 24.90
CA ASP C 124 13.56 18.19 23.88
C ASP C 124 12.10 18.00 23.46
N HIS C 125 11.27 17.44 24.35
CA HIS C 125 9.83 17.38 24.12
C HIS C 125 9.26 18.77 23.92
N ARG C 126 8.30 18.91 23.00
CA ARG C 126 7.76 20.22 22.68
C ARG C 126 6.33 20.40 23.18
N GLY C 127 5.88 19.51 24.05
CA GLY C 127 4.56 19.65 24.63
C GLY C 127 3.47 19.21 23.68
N THR C 128 3.85 18.45 22.64
CA THR C 128 2.89 17.88 21.71
C THR C 128 3.11 16.37 21.53
N ASN C 129 2.07 15.66 21.09
CA ASN C 129 2.21 14.23 20.82
C ASN C 129 2.77 13.97 19.41
N ASN C 130 2.80 12.71 19.03
CA ASN C 130 3.41 12.34 17.75
C ASN C 130 2.55 12.75 16.56
N SER C 131 1.24 12.57 16.66
CA SER C 131 0.37 12.88 15.52
C SER C 131 0.47 14.37 15.19
N PHE C 132 0.66 15.22 16.21
CA PHE C 132 0.79 16.64 15.94
C PHE C 132 2.02 16.99 15.11
N GLN C 133 3.15 16.35 15.42
CA GLN C 133 4.36 16.57 14.62
C GLN C 133 4.08 16.24 13.16
N VAL C 134 3.41 15.13 12.93
CA VAL C 134 3.10 14.71 11.57
C VAL C 134 2.10 15.65 10.88
N ALA C 135 1.03 16.02 11.58
CA ALA C 135 0.01 16.92 11.04
C ALA C 135 0.60 18.27 10.67
N SER C 136 1.51 18.76 11.50
CA SER C 136 2.11 20.08 11.29
C SER C 136 3.31 20.03 10.35
N LYS C 137 3.67 18.82 9.91
CA LYS C 137 4.78 18.59 8.99
C LYS C 137 6.07 19.22 9.52
N SER C 138 6.34 18.99 10.80
CA SER C 138 7.58 19.45 11.42
C SER C 138 8.80 18.72 10.86
N VAL C 139 9.97 19.27 11.09
CA VAL C 139 11.21 18.61 10.70
C VAL C 139 11.31 17.24 11.34
N LEU C 140 10.81 17.12 12.56
CA LEU C 140 10.86 15.83 13.24
C LEU C 140 10.01 14.80 12.50
N ALA C 141 8.87 15.24 11.97
CA ALA C 141 8.04 14.35 11.19
C ALA C 141 8.75 13.95 9.91
N ALA C 142 9.41 14.92 9.28
CA ALA C 142 10.12 14.65 8.04
C ALA C 142 11.16 13.57 8.26
N LEU C 143 11.79 13.62 9.43
CA LEU C 143 12.87 12.68 9.74
C LEU C 143 12.37 11.32 10.21
N TYR C 144 11.28 11.29 10.96
CA TYR C 144 10.90 10.08 11.67
C TYR C 144 9.50 9.51 11.41
N SER C 145 8.64 10.21 10.68
CA SER C 145 7.25 9.78 10.60
C SER C 145 7.12 8.39 9.98
N SER C 146 7.98 8.07 9.02
CA SER C 146 7.90 6.79 8.31
C SER C 146 8.32 5.62 9.18
N GLU C 147 9.06 5.90 10.25
CA GLU C 147 9.52 4.85 11.16
C GLU C 147 8.58 4.70 12.36
N GLY C 148 7.79 5.74 12.61
CA GLY C 148 6.89 5.74 13.76
C GLY C 148 7.57 6.24 15.02
N SER C 149 6.78 6.43 16.07
CA SER C 149 7.26 6.97 17.35
C SER C 149 8.14 8.20 17.16
N VAL C 150 7.58 9.21 16.50
CA VAL C 150 8.35 10.38 16.09
C VAL C 150 9.10 11.06 17.22
N MET C 151 8.41 11.40 18.31
CA MET C 151 9.13 12.09 19.39
C MET C 151 10.15 11.19 20.07
N GLU C 152 9.81 9.92 20.24
CA GLU C 152 10.70 9.01 20.96
C GLU C 152 11.98 8.77 20.16
N ARG C 153 11.90 8.71 18.84
CA ARG C 153 13.09 8.66 18.01
C ARG C 153 13.92 9.94 18.16
N HIS C 154 13.26 11.09 18.28
CA HIS C 154 13.97 12.35 18.53
C HIS C 154 14.64 12.33 19.92
N HIS C 155 13.92 11.83 20.95
CA HIS C 155 14.49 11.80 22.29
C HIS C 155 15.80 10.97 22.31
N PHE C 156 15.75 9.79 21.69
CA PHE C 156 16.95 8.97 21.58
C PHE C 156 18.06 9.66 20.80
N ALA C 157 17.73 10.30 19.68
CA ALA C 157 18.74 11.03 18.92
C ALA C 157 19.36 12.18 19.73
N GLN C 158 18.57 12.85 20.55
CA GLN C 158 19.11 13.91 21.42
C GLN C 158 20.07 13.31 22.45
N ALA C 159 19.73 12.14 22.97
CA ALA C 159 20.60 11.47 23.94
C ALA C 159 21.93 11.13 23.28
N ILE C 160 21.86 10.65 22.04
CA ILE C 160 23.07 10.35 21.28
C ILE C 160 23.90 11.62 21.04
N ALA C 161 23.23 12.71 20.69
CA ALA C 161 23.93 13.96 20.47
C ALA C 161 24.64 14.44 21.74
N ILE C 162 24.02 14.22 22.89
CA ILE C 162 24.64 14.59 24.17
C ILE C 162 25.89 13.73 24.43
N LEU C 163 25.75 12.43 24.27
CA LEU C 163 26.89 11.52 24.45
C LEU C 163 28.01 11.83 23.46
N ASN C 164 27.67 12.42 22.31
CA ASN C 164 28.65 12.74 21.28
C ASN C 164 29.23 14.15 21.48
N THR C 165 28.82 14.81 22.56
CA THR C 165 29.35 16.13 22.91
C THR C 165 30.64 15.96 23.72
N HIS C 166 31.66 16.76 23.41
CA HIS C 166 32.94 16.62 24.12
C HIS C 166 32.76 16.65 25.63
N GLY C 167 33.40 15.70 26.30
CA GLY C 167 33.36 15.62 27.75
C GLY C 167 32.09 15.05 28.38
N CYS C 168 31.19 14.51 27.56
CA CYS C 168 29.91 14.03 28.08
C CYS C 168 29.64 12.55 27.85
N ASN C 169 30.59 11.84 27.23
CA ASN C 169 30.33 10.44 26.92
C ASN C 169 30.69 9.56 28.10
N ILE C 170 29.72 9.33 28.97
CA ILE C 170 29.96 8.56 30.19
C ILE C 170 30.30 7.10 29.92
N PHE C 171 30.12 6.67 28.67
CA PHE C 171 30.34 5.27 28.30
C PHE C 171 31.62 5.05 27.50
N ASP C 172 32.44 6.08 27.31
CA ASP C 172 33.48 5.96 26.29
C ASP C 172 34.67 5.12 26.74
N HIS C 173 34.64 4.64 27.98
CA HIS C 173 35.67 3.72 28.47
C HIS C 173 35.14 2.29 28.61
N PHE C 174 33.85 2.11 28.34
CA PHE C 174 33.23 0.78 28.35
C PHE C 174 33.86 -0.18 27.35
N SER C 175 33.73 -1.48 27.62
CA SER C 175 34.07 -2.51 26.63
C SER C 175 33.18 -2.30 25.41
N ARG C 176 33.62 -2.77 24.26
CA ARG C 176 32.81 -2.60 23.05
C ARG C 176 31.46 -3.29 23.21
N LYS C 177 31.43 -4.44 23.87
CA LYS C 177 30.14 -5.09 24.06
C LYS C 177 29.25 -4.33 25.05
N ASP C 178 29.79 -3.84 26.16
CA ASP C 178 29.00 -3.07 27.12
C ASP C 178 28.49 -1.75 26.51
N TYR C 179 29.34 -1.12 25.69
CA TYR C 179 28.98 0.13 25.03
C TYR C 179 27.81 -0.09 24.10
N GLN C 180 27.91 -1.15 23.31
CA GLN C 180 26.88 -1.44 22.31
C GLN C 180 25.58 -1.85 22.99
N ARG C 181 25.70 -2.61 24.09
CA ARG C 181 24.55 -3.04 24.86
C ARG C 181 23.83 -1.82 25.39
N MET C 182 24.61 -0.85 25.85
CA MET C 182 24.03 0.35 26.42
C MET C 182 23.23 1.13 25.39
N LEU C 183 23.83 1.34 24.22
CA LEU C 183 23.13 2.07 23.16
C LEU C 183 21.88 1.34 22.71
N ASP C 184 21.97 0.04 22.54
CA ASP C 184 20.83 -0.75 22.07
C ASP C 184 19.73 -0.75 23.14
N LEU C 185 20.13 -0.85 24.41
CA LEU C 185 19.15 -0.79 25.49
C LEU C 185 18.48 0.56 25.56
N MET C 186 19.26 1.63 25.48
CA MET C 186 18.66 2.97 25.51
C MET C 186 17.67 3.16 24.36
N ARG C 187 17.99 2.70 23.17
CA ARG C 187 17.10 2.81 22.02
C ARG C 187 15.79 2.07 22.31
N ASP C 188 15.90 0.82 22.76
CA ASP C 188 14.72 -0.01 22.97
C ASP C 188 13.86 0.57 24.08
N ILE C 189 14.51 0.98 25.17
CA ILE C 189 13.76 1.46 26.32
C ILE C 189 13.09 2.80 26.00
N ILE C 190 13.79 3.68 25.31
CA ILE C 190 13.19 4.98 25.01
C ILE C 190 12.06 4.80 23.98
N LEU C 191 12.23 3.90 23.01
CA LEU C 191 11.14 3.64 22.07
C LEU C 191 9.93 3.04 22.81
N ALA C 192 10.20 2.30 23.88
CA ALA C 192 9.12 1.69 24.68
C ALA C 192 8.24 2.71 25.40
N THR C 193 8.71 3.95 25.50
CA THR C 193 7.94 5.00 26.17
C THR C 193 6.82 5.55 25.31
N ASP C 194 6.77 5.15 24.04
CA ASP C 194 5.59 5.45 23.24
C ASP C 194 4.46 4.60 23.79
N LEU C 195 3.40 5.24 24.30
CA LEU C 195 2.25 4.45 24.80
C LEU C 195 1.70 3.51 23.73
N ALA C 196 1.89 3.86 22.46
CA ALA C 196 1.46 2.99 21.36
C ALA C 196 2.18 1.65 21.44
N HIS C 197 3.45 1.70 21.82
CA HIS C 197 4.27 0.51 21.95
C HIS C 197 3.81 -0.34 23.13
N HIS C 198 3.57 0.33 24.26
CA HIS C 198 3.11 -0.35 25.45
C HIS C 198 1.82 -1.13 25.20
N LEU C 199 0.86 -0.45 24.58
CA LEU C 199 -0.43 -1.06 24.33
C LEU C 199 -0.31 -2.23 23.36
N ARG C 200 0.66 -2.16 22.45
CA ARG C 200 0.88 -3.24 21.50
C ARG C 200 1.50 -4.48 22.16
N ILE C 201 2.37 -4.27 23.13
CA ILE C 201 3.06 -5.40 23.75
C ILE C 201 2.38 -5.87 25.04
N PHE C 202 1.24 -5.25 25.37
CA PHE C 202 0.57 -5.53 26.65
C PHE C 202 0.23 -7.01 26.86
N LYS C 203 -0.25 -7.67 25.83
CA LYS C 203 -0.62 -9.09 25.98
C LYS C 203 0.62 -9.97 26.20
N ASP C 204 1.74 -9.60 25.57
CA ASP C 204 3.01 -10.26 25.82
C ASP C 204 3.46 -10.06 27.27
N LEU C 205 3.26 -8.87 27.80
CA LEU C 205 3.55 -8.60 29.21
C LEU C 205 2.71 -9.49 30.13
N GLN C 206 1.42 -9.60 29.82
CA GLN C 206 0.53 -10.47 30.57
C GLN C 206 0.98 -11.92 30.56
N LYS C 207 1.41 -12.39 29.38
CA LYS C 207 1.83 -13.77 29.21
C LYS C 207 3.04 -14.09 30.07
N MET C 208 3.99 -13.15 30.11
CA MET C 208 5.19 -13.32 30.90
C MET C 208 4.85 -13.46 32.38
N ALA C 209 3.93 -12.62 32.84
CA ALA C 209 3.49 -12.65 34.23
C ALA C 209 2.88 -13.99 34.59
N GLU C 210 2.10 -14.56 33.66
CA GLU C 210 1.43 -15.81 33.99
C GLU C 210 2.38 -17.01 34.01
N VAL C 211 3.26 -17.15 33.02
CA VAL C 211 4.14 -18.32 32.97
C VAL C 211 5.26 -18.20 34.00
N GLY C 212 5.54 -16.97 34.42
CA GLY C 212 6.60 -16.70 35.39
C GLY C 212 7.85 -16.17 34.73
N TYR C 213 8.42 -15.11 35.31
CA TYR C 213 9.64 -14.50 34.77
C TYR C 213 10.80 -15.49 34.78
N ASP C 214 11.43 -15.64 33.62
CA ASP C 214 12.51 -16.58 33.43
C ASP C 214 13.82 -15.82 33.25
N ARG C 215 14.64 -15.79 34.29
CA ARG C 215 15.88 -15.02 34.28
C ARG C 215 16.81 -15.44 33.14
N ASN C 216 16.66 -16.66 32.66
CA ASN C 216 17.46 -17.15 31.53
C ASN C 216 16.83 -16.84 30.18
N ASN C 217 15.67 -16.19 30.23
CA ASN C 217 15.00 -15.75 29.00
C ASN C 217 15.29 -14.28 28.72
N LYS C 218 16.10 -14.03 27.70
CA LYS C 218 16.50 -12.67 27.37
C LYS C 218 15.34 -11.86 26.81
N GLN C 219 14.35 -12.54 26.24
CA GLN C 219 13.15 -11.83 25.77
C GLN C 219 12.34 -11.34 26.98
N HIS C 220 12.32 -12.14 28.05
CA HIS C 220 11.68 -11.70 29.29
C HIS C 220 12.39 -10.46 29.86
N HIS C 221 13.71 -10.41 29.76
CA HIS C 221 14.46 -9.25 30.21
C HIS C 221 14.00 -8.00 29.47
N ARG C 222 13.87 -8.12 28.16
CA ARG C 222 13.46 -7.01 27.31
C ARG C 222 12.06 -6.54 27.65
N LEU C 223 11.17 -7.50 27.87
CA LEU C 223 9.79 -7.21 28.20
C LEU C 223 9.67 -6.55 29.56
N LEU C 224 10.40 -7.06 30.54
CA LEU C 224 10.39 -6.47 31.86
C LEU C 224 10.87 -5.01 31.84
N LEU C 225 11.94 -4.75 31.07
CA LEU C 225 12.46 -3.39 30.98
C LEU C 225 11.42 -2.40 30.42
N CYS C 226 10.62 -2.88 29.47
CA CYS C 226 9.55 -2.04 28.91
C CYS C 226 8.53 -1.72 29.97
N LEU C 227 8.11 -2.74 30.71
CA LEU C 227 7.12 -2.56 31.76
C LEU C 227 7.63 -1.61 32.83
N LEU C 228 8.88 -1.81 33.25
CA LEU C 228 9.47 -0.95 34.27
C LEU C 228 9.55 0.49 33.79
N MET C 229 9.96 0.67 32.54
CA MET C 229 10.03 2.02 31.97
C MET C 229 8.66 2.71 32.01
N THR C 230 7.64 2.02 31.54
CA THR C 230 6.31 2.61 31.55
C THR C 230 5.87 2.91 32.99
N SER C 231 6.16 2.00 33.90
CA SER C 231 5.83 2.21 35.32
C SER C 231 6.53 3.46 35.88
N CYS C 232 7.74 3.73 35.40
CA CYS C 232 8.44 4.95 35.84
C CYS C 232 7.79 6.19 35.22
N ASP C 233 7.43 6.10 33.94
CA ASP C 233 6.87 7.22 33.20
C ASP C 233 5.54 7.67 33.82
N LEU C 234 4.77 6.72 34.35
CA LEU C 234 3.43 7.02 34.91
C LEU C 234 3.42 7.14 36.42
N SER C 235 4.60 7.17 37.04
CA SER C 235 4.68 7.01 38.48
C SER C 235 4.08 8.15 39.31
N ASP C 236 3.80 9.30 38.69
CA ASP C 236 3.07 10.37 39.40
C ASP C 236 1.72 9.88 39.92
N GLN C 237 1.18 8.84 39.29
CA GLN C 237 -0.11 8.29 39.73
C GLN C 237 0.01 7.45 41.00
N THR C 238 1.24 7.16 41.43
CA THR C 238 1.47 6.27 42.57
C THR C 238 1.75 7.00 43.87
N LYS C 239 1.69 8.32 43.83
CA LYS C 239 1.90 9.13 45.01
C LYS C 239 0.54 9.45 45.63
N GLY C 240 0.43 10.61 46.29
CA GLY C 240 -0.82 10.99 46.92
C GLY C 240 -1.78 11.69 45.97
N TRP C 241 -2.93 12.07 46.51
CA TRP C 241 -3.94 12.80 45.75
C TRP C 241 -3.41 14.10 45.17
N LYS C 242 -2.72 14.86 46.00
CA LYS C 242 -2.24 16.17 45.56
C LYS C 242 -1.34 16.04 44.33
N THR C 243 -0.55 14.97 44.24
CA THR C 243 0.33 14.79 43.09
C THR C 243 -0.49 14.48 41.84
N THR C 244 -1.42 13.54 41.92
CA THR C 244 -2.20 13.23 40.72
C THR C 244 -3.07 14.42 40.31
N ARG C 245 -3.57 15.19 41.25
CA ARG C 245 -4.33 16.40 40.92
C ARG C 245 -3.48 17.41 40.16
N LYS C 246 -2.31 17.70 40.71
CA LYS C 246 -1.41 18.68 40.11
C LYS C 246 -0.93 18.23 38.72
N ILE C 247 -0.63 16.95 38.57
CA ILE C 247 -0.08 16.50 37.30
C ILE C 247 -1.18 16.50 36.24
N ALA C 248 -2.43 16.27 36.65
CA ALA C 248 -3.56 16.37 35.72
C ALA C 248 -3.66 17.79 35.17
N GLU C 249 -3.51 18.76 36.07
CA GLU C 249 -3.49 20.15 35.67
C GLU C 249 -2.40 20.39 34.62
N LEU C 250 -1.19 19.89 34.87
CA LEU C 250 -0.09 20.10 33.94
C LEU C 250 -0.33 19.41 32.59
N ILE C 251 -0.79 18.16 32.66
CA ILE C 251 -1.09 17.39 31.45
C ILE C 251 -2.16 18.05 30.57
N TYR C 252 -3.28 18.45 31.17
CA TYR C 252 -4.36 19.02 30.34
C TYR C 252 -4.01 20.44 29.88
N LYS C 253 -3.21 21.18 30.67
CA LYS C 253 -2.65 22.44 30.18
C LYS C 253 -1.89 22.19 28.88
N GLU C 254 -1.04 21.17 28.92
CA GLU C 254 -0.25 20.83 27.74
C GLU C 254 -1.14 20.39 26.58
N PHE C 255 -2.04 19.43 26.85
CA PHE C 255 -2.96 18.91 25.84
C PHE C 255 -3.79 20.00 25.17
N PHE C 256 -4.36 20.89 25.98
CA PHE C 256 -5.27 21.90 25.44
C PHE C 256 -4.54 22.92 24.57
N SER C 257 -3.28 23.20 24.90
CA SER C 257 -2.49 24.07 24.04
C SER C 257 -2.30 23.44 22.67
N GLN C 258 -2.05 22.14 22.64
CA GLN C 258 -1.90 21.45 21.36
C GLN C 258 -3.21 21.49 20.58
N GLY C 259 -4.31 21.26 21.30
CA GLY C 259 -5.62 21.30 20.67
C GLY C 259 -5.91 22.66 20.06
N ASP C 260 -5.46 23.71 20.74
CA ASP C 260 -5.63 25.07 20.24
C ASP C 260 -4.87 25.26 18.93
N LEU C 261 -3.66 24.70 18.86
CA LEU C 261 -2.85 24.81 17.65
C LEU C 261 -3.51 24.05 16.51
N GLU C 262 -4.05 22.87 16.82
CA GLU C 262 -4.71 22.04 15.81
C GLU C 262 -5.92 22.75 15.21
N LYS C 263 -6.67 23.44 16.06
CA LYS C 263 -7.83 24.22 15.58
C LYS C 263 -7.39 25.35 14.66
N ALA C 264 -6.31 26.02 15.03
CA ALA C 264 -5.76 27.11 14.22
C ALA C 264 -5.26 26.59 12.87
N MET C 265 -4.94 25.29 12.83
CA MET C 265 -4.48 24.65 11.60
C MET C 265 -5.66 24.19 10.75
N GLY C 266 -6.87 24.34 11.27
CA GLY C 266 -8.06 23.93 10.56
C GLY C 266 -8.40 22.48 10.81
N ASN C 267 -7.68 21.88 11.77
CA ASN C 267 -7.95 20.50 12.15
C ASN C 267 -8.77 20.45 13.44
N ARG C 268 -9.36 19.28 13.68
CA ARG C 268 -10.12 19.04 14.89
C ARG C 268 -9.38 18.08 15.80
N PRO C 269 -8.93 18.58 16.96
CA PRO C 269 -8.17 17.76 17.89
C PRO C 269 -8.99 16.64 18.50
N MET C 270 -8.32 15.61 19.04
CA MET C 270 -9.01 14.58 19.79
C MET C 270 -9.70 15.24 20.98
N GLU C 271 -10.77 14.61 21.45
CA GLU C 271 -11.58 15.16 22.53
C GLU C 271 -10.73 15.59 23.74
N MET C 272 -9.75 14.78 24.10
CA MET C 272 -8.98 15.05 25.32
C MET C 272 -8.04 16.25 25.19
N MET C 273 -7.89 16.77 23.98
CA MET C 273 -7.05 17.94 23.75
C MET C 273 -7.85 19.19 23.41
N ASP C 274 -9.16 19.05 23.44
CA ASP C 274 -10.07 20.14 23.10
C ASP C 274 -10.65 20.74 24.38
N ARG C 275 -10.19 21.93 24.75
CA ARG C 275 -10.59 22.53 26.02
C ARG C 275 -12.09 22.83 26.07
N GLU C 276 -12.77 22.80 24.93
CA GLU C 276 -14.21 23.07 24.87
C GLU C 276 -15.04 21.79 24.96
N LYS C 277 -14.36 20.64 24.88
CA LYS C 277 -15.06 19.35 24.90
C LYS C 277 -14.60 18.45 26.04
N ALA C 278 -13.32 18.53 26.39
CA ALA C 278 -12.72 17.65 27.39
C ALA C 278 -13.40 17.75 28.74
N TYR C 279 -13.72 16.60 29.31
CA TYR C 279 -14.31 16.53 30.64
C TYR C 279 -13.28 15.80 31.51
N ILE C 280 -12.48 16.59 32.22
CA ILE C 280 -11.26 16.07 32.83
C ILE C 280 -11.46 14.87 33.77
N PRO C 281 -12.47 14.90 34.67
CA PRO C 281 -12.55 13.74 35.57
C PRO C 281 -12.80 12.41 34.86
N GLU C 282 -13.64 12.38 33.83
CA GLU C 282 -13.83 11.12 33.10
C GLU C 282 -12.56 10.72 32.36
N LEU C 283 -11.87 11.69 31.79
CA LEU C 283 -10.64 11.41 31.05
C LEU C 283 -9.54 10.87 31.95
N GLN C 284 -9.39 11.47 33.13
CA GLN C 284 -8.37 11.06 34.08
C GLN C 284 -8.73 9.68 34.64
N ILE C 285 -10.00 9.46 34.98
CA ILE C 285 -10.41 8.17 35.50
C ILE C 285 -10.23 7.06 34.46
N SER C 286 -10.54 7.35 33.20
CA SER C 286 -10.30 6.38 32.13
C SER C 286 -8.81 6.07 31.96
N PHE C 287 -7.97 7.11 31.98
CA PHE C 287 -6.54 6.89 31.90
C PHE C 287 -6.06 5.99 33.04
N MET C 288 -6.55 6.23 34.25
CA MET C 288 -6.14 5.42 35.39
C MET C 288 -6.67 3.99 35.29
N GLU C 289 -7.94 3.83 34.98
CA GLU C 289 -8.53 2.50 35.00
C GLU C 289 -8.06 1.64 33.84
N HIS C 290 -7.84 2.24 32.67
CA HIS C 290 -7.60 1.46 31.47
C HIS C 290 -6.15 1.45 31.02
N ILE C 291 -5.34 2.36 31.55
CA ILE C 291 -3.93 2.34 31.21
C ILE C 291 -3.03 2.16 32.44
N ALA C 292 -3.15 3.05 33.43
CA ALA C 292 -2.22 3.01 34.56
C ALA C 292 -2.41 1.82 35.49
N MET C 293 -3.64 1.55 35.90
CA MET C 293 -3.87 0.45 36.84
C MET C 293 -3.43 -0.92 36.28
N PRO C 294 -3.72 -1.22 34.99
CA PRO C 294 -3.23 -2.50 34.44
C PRO C 294 -1.72 -2.62 34.46
N ILE C 295 -1.01 -1.51 34.27
CA ILE C 295 0.44 -1.50 34.35
C ILE C 295 0.90 -1.90 35.76
N TYR C 296 0.31 -1.26 36.76
CA TYR C 296 0.77 -1.51 38.14
C TYR C 296 0.23 -2.83 38.67
N LYS C 297 -0.84 -3.34 38.08
CA LYS C 297 -1.32 -4.68 38.42
C LYS C 297 -0.33 -5.73 37.90
N LEU C 298 0.13 -5.55 36.67
CA LEU C 298 1.16 -6.41 36.09
C LEU C 298 2.41 -6.39 36.95
N LEU C 299 2.82 -5.20 37.37
CA LEU C 299 4.00 -5.04 38.22
C LEU C 299 3.82 -5.81 39.53
N GLN C 300 2.63 -5.71 40.11
CA GLN C 300 2.30 -6.44 41.34
C GLN C 300 2.32 -7.94 41.09
N ASP C 301 1.82 -8.36 39.94
CA ASP C 301 1.78 -9.78 39.58
C ASP C 301 3.20 -10.37 39.51
N LEU C 302 4.16 -9.54 39.13
CA LEU C 302 5.55 -9.96 39.02
C LEU C 302 6.32 -9.75 40.32
N PHE C 303 6.07 -8.62 40.98
CA PHE C 303 6.74 -8.30 42.24
C PHE C 303 5.70 -8.07 43.34
N PRO C 304 5.53 -9.05 44.22
CA PRO C 304 4.54 -8.92 45.31
C PRO C 304 4.70 -7.62 46.12
N LYS C 305 5.93 -7.14 46.24
CA LYS C 305 6.19 -5.93 47.01
C LYS C 305 5.78 -4.64 46.29
N ALA C 306 5.28 -4.77 45.06
CA ALA C 306 4.79 -3.60 44.31
C ALA C 306 3.30 -3.41 44.52
N ALA C 307 2.73 -4.24 45.39
CA ALA C 307 1.31 -4.18 45.67
C ALA C 307 0.85 -2.78 46.09
N GLU C 308 1.65 -2.11 46.92
CA GLU C 308 1.25 -0.80 47.43
C GLU C 308 1.13 0.23 46.32
N LEU C 309 1.89 0.03 45.24
CA LEU C 309 1.85 0.95 44.12
C LEU C 309 0.49 0.88 43.44
N TYR C 310 0.06 -0.34 43.13
CA TYR C 310 -1.25 -0.56 42.52
C TYR C 310 -2.37 -0.05 43.43
N GLU C 311 -2.27 -0.33 44.72
CA GLU C 311 -3.29 0.10 45.68
C GLU C 311 -3.38 1.63 45.75
N ARG C 312 -2.25 2.31 45.71
CA ARG C 312 -2.27 3.78 45.68
C ARG C 312 -2.93 4.32 44.41
N VAL C 313 -2.63 3.73 43.25
CA VAL C 313 -3.25 4.19 42.01
C VAL C 313 -4.75 3.98 42.07
N ALA C 314 -5.18 2.80 42.52
CA ALA C 314 -6.61 2.52 42.64
C ALA C 314 -7.25 3.48 43.63
N SER C 315 -6.54 3.78 44.71
CA SER C 315 -7.06 4.70 45.71
C SER C 315 -7.18 6.11 45.14
N ASN C 316 -6.21 6.49 44.32
CA ASN C 316 -6.23 7.83 43.74
C ASN C 316 -7.37 7.95 42.73
N ARG C 317 -7.65 6.86 42.02
CA ARG C 317 -8.77 6.83 41.09
C ARG C 317 -10.09 7.01 41.82
N GLU C 318 -10.24 6.29 42.94
CA GLU C 318 -11.42 6.43 43.79
C GLU C 318 -11.61 7.88 44.20
N HIS C 319 -10.50 8.56 44.51
CA HIS C 319 -10.57 9.96 44.92
C HIS C 319 -11.11 10.81 43.78
N TRP C 320 -10.64 10.55 42.57
CA TRP C 320 -11.13 11.28 41.41
C TRP C 320 -12.64 11.09 41.22
N THR C 321 -13.11 9.87 41.46
CA THR C 321 -14.55 9.60 41.40
C THR C 321 -15.30 10.44 42.42
N LYS C 322 -14.69 10.66 43.58
CA LYS C 322 -15.44 11.35 44.64
C LYS C 322 -15.38 12.87 44.53
N VAL C 323 -14.57 13.41 43.64
CA VAL C 323 -14.57 14.85 43.42
C VAL C 323 -15.06 15.22 42.02
N SER C 324 -15.43 14.22 41.23
CA SER C 324 -15.89 14.45 39.86
C SER C 324 -17.08 15.40 39.83
N HIS C 325 -17.93 15.31 40.84
CA HIS C 325 -19.13 16.14 40.93
C HIS C 325 -18.80 17.63 40.92
N LYS C 326 -17.59 17.99 41.35
CA LYS C 326 -17.21 19.40 41.44
C LYS C 326 -17.08 20.07 40.08
N PHE C 327 -16.98 19.27 39.03
CA PHE C 327 -16.90 19.82 37.67
C PHE C 327 -18.28 20.22 37.15
N THR C 328 -19.33 19.96 37.92
CA THR C 328 -20.65 20.48 37.60
C THR C 328 -20.93 21.62 38.55
N ILE C 329 -21.36 22.76 38.00
CA ILE C 329 -21.61 23.93 38.83
C ILE C 329 -22.95 23.84 39.52
N ARG C 330 -22.90 23.60 40.82
CA ARG C 330 -24.10 23.65 41.65
C ARG C 330 -24.07 24.93 42.44
N GLY C 331 -25.26 25.43 42.79
CA GLY C 331 -25.35 26.77 43.34
C GLY C 331 -24.94 27.79 42.29
N LEU C 332 -24.39 28.90 42.73
CA LEU C 332 -23.89 29.95 41.83
C LEU C 332 -22.39 29.79 41.69
N PRO C 333 -21.84 30.31 40.63
CA PRO C 333 -20.40 30.38 40.51
C PRO C 333 -19.87 31.15 41.66
N SER C 334 -18.59 31.04 41.92
CA SER C 334 -18.04 31.66 43.10
C SER C 334 -18.18 33.16 43.13
N ASN C 335 -18.53 33.76 42.01
CA ASN C 335 -18.72 35.19 41.90
C ASN C 335 -20.12 35.66 42.15
N ASN C 336 -21.03 34.72 42.39
CA ASN C 336 -22.40 35.02 42.55
C ASN C 336 -23.11 35.51 41.33
N SER C 337 -22.54 35.27 40.17
CA SER C 337 -23.05 35.78 38.91
C SER C 337 -23.39 34.69 37.91
N LEU C 338 -24.45 34.92 37.14
CA LEU C 338 -24.81 34.04 36.05
C LEU C 338 -24.43 34.69 34.73
N ASP C 339 -23.56 35.71 34.82
CA ASP C 339 -23.16 36.47 33.64
C ASP C 339 -22.54 35.59 32.57
N PHE C 340 -21.86 34.54 33.00
CA PHE C 340 -21.18 33.63 32.08
C PHE C 340 -22.15 32.92 31.13
N LEU C 341 -23.43 32.92 31.46
CA LEU C 341 -24.42 32.29 30.60
C LEU C 341 -24.60 33.07 29.29
N ILE D 15 20.73 31.68 -16.23
CA ILE D 15 20.48 30.32 -16.68
C ILE D 15 20.55 30.23 -18.20
N GLN D 16 21.47 29.40 -18.69
CA GLN D 16 21.85 29.20 -20.08
C GLN D 16 21.05 28.07 -20.74
N PRO D 17 20.75 28.13 -22.05
CA PRO D 17 20.22 26.96 -22.75
C PRO D 17 21.24 25.82 -22.74
N VAL D 18 20.78 24.58 -22.69
CA VAL D 18 21.70 23.44 -22.62
C VAL D 18 22.56 23.33 -23.88
N ALA D 19 22.05 23.84 -25.00
CA ALA D 19 22.80 23.84 -26.25
C ALA D 19 24.04 24.73 -26.12
N ALA D 20 23.94 25.73 -25.24
CA ALA D 20 25.05 26.64 -25.01
C ALA D 20 26.16 26.00 -24.19
N ILE D 21 25.81 24.98 -23.41
CA ILE D 21 26.79 24.23 -22.64
C ILE D 21 27.59 23.32 -23.57
N ASP D 22 26.86 22.55 -24.36
CA ASP D 22 27.44 21.60 -25.29
C ASP D 22 26.35 21.17 -26.26
N SER D 23 26.66 21.14 -27.55
CA SER D 23 25.66 20.75 -28.54
C SER D 23 25.18 19.32 -28.32
N ASN D 24 25.98 18.53 -27.61
CA ASN D 24 25.65 17.13 -27.34
C ASN D 24 25.18 16.88 -25.91
N PHE D 25 24.85 17.95 -25.20
CA PHE D 25 24.58 17.88 -23.76
C PHE D 25 23.44 16.92 -23.39
N ALA D 26 22.48 16.78 -24.28
CA ALA D 26 21.30 15.95 -24.02
C ALA D 26 21.41 14.57 -24.64
N SER D 27 22.62 14.20 -25.05
CA SER D 27 22.85 12.89 -25.65
C SER D 27 23.45 11.91 -24.65
N PHE D 28 23.05 10.63 -24.76
CA PHE D 28 23.68 9.57 -23.95
C PHE D 28 25.19 9.48 -24.15
N THR D 29 25.70 10.03 -25.25
CA THR D 29 27.13 9.98 -25.47
C THR D 29 27.88 11.04 -24.68
N TYR D 30 27.16 12.02 -24.15
CA TYR D 30 27.81 13.10 -23.41
C TYR D 30 28.33 12.63 -22.06
N THR D 31 29.56 13.02 -21.74
CA THR D 31 30.16 12.70 -20.44
C THR D 31 30.13 13.92 -19.52
N PRO D 32 29.20 13.94 -18.56
CA PRO D 32 29.06 15.15 -17.71
C PRO D 32 30.29 15.44 -16.86
N ARG D 33 31.11 14.42 -16.57
CA ARG D 33 32.32 14.65 -15.80
C ARG D 33 33.32 15.53 -16.55
N SER D 34 33.06 15.76 -17.83
CA SER D 34 33.91 16.64 -18.64
C SER D 34 33.67 18.12 -18.33
N LEU D 35 32.50 18.43 -17.80
CA LEU D 35 32.19 19.81 -17.45
C LEU D 35 33.03 20.24 -16.24
N PRO D 36 33.63 21.44 -16.30
CA PRO D 36 34.37 21.98 -15.16
C PRO D 36 33.47 22.11 -13.93
N GLU D 37 33.99 21.82 -12.75
CA GLU D 37 33.15 21.76 -11.55
C GLU D 37 32.53 23.12 -11.22
N ASP D 38 33.23 24.18 -11.61
CA ASP D 38 32.78 25.56 -11.43
C ASP D 38 31.51 25.87 -12.20
N ASP D 39 31.21 25.04 -13.20
CA ASP D 39 30.08 25.27 -14.08
C ASP D 39 28.93 24.32 -13.80
N THR D 40 29.09 23.42 -12.84
CA THR D 40 28.08 22.38 -12.64
C THR D 40 26.78 22.89 -12.02
N SER D 41 26.85 23.86 -11.11
CA SER D 41 25.64 24.43 -10.52
C SER D 41 24.79 25.08 -11.60
N MET D 42 25.44 25.85 -12.46
CA MET D 42 24.79 26.44 -13.63
C MET D 42 24.09 25.37 -14.46
N ALA D 43 24.77 24.24 -14.67
CA ALA D 43 24.23 23.18 -15.52
C ALA D 43 23.00 22.55 -14.88
N ILE D 44 23.01 22.41 -13.55
CA ILE D 44 21.83 21.96 -12.82
C ILE D 44 20.64 22.88 -13.10
N LEU D 45 20.82 24.18 -12.95
CA LEU D 45 19.78 25.14 -13.26
C LEU D 45 19.34 25.01 -14.70
N SER D 46 20.30 24.82 -15.60
CA SER D 46 20.00 24.73 -17.02
C SER D 46 19.19 23.48 -17.36
N MET D 47 19.44 22.38 -16.67
CA MET D 47 18.68 21.14 -16.91
C MET D 47 17.26 21.26 -16.40
N LEU D 48 17.10 21.83 -15.21
CA LEU D 48 15.76 22.08 -14.69
C LEU D 48 14.97 23.01 -15.60
N GLN D 49 15.64 24.02 -16.18
CA GLN D 49 14.98 24.94 -17.11
C GLN D 49 14.63 24.25 -18.42
N ASP D 50 15.52 23.41 -18.93
CA ASP D 50 15.26 22.72 -20.20
C ASP D 50 14.10 21.75 -20.05
N MET D 51 14.00 21.15 -18.87
CA MET D 51 12.86 20.29 -18.54
C MET D 51 11.62 21.11 -18.20
N ASN D 52 11.81 22.42 -18.15
CA ASN D 52 10.77 23.40 -17.82
C ASN D 52 10.15 23.20 -16.44
N PHE D 53 10.91 22.64 -15.51
CA PHE D 53 10.42 22.45 -14.14
C PHE D 53 10.39 23.77 -13.37
N ILE D 54 11.31 24.68 -13.69
CA ILE D 54 11.34 25.96 -12.97
C ILE D 54 10.05 26.74 -13.22
N ASN D 55 9.66 26.86 -14.49
CA ASN D 55 8.41 27.53 -14.84
C ASN D 55 7.18 26.74 -14.40
N ASN D 56 7.14 25.47 -14.77
CA ASN D 56 5.94 24.67 -14.51
C ASN D 56 5.66 24.44 -13.04
N TYR D 57 6.71 24.45 -12.20
CA TYR D 57 6.49 24.29 -10.78
C TYR D 57 6.63 25.60 -10.00
N LYS D 58 6.72 26.70 -10.74
CA LYS D 58 6.78 28.03 -10.14
C LYS D 58 7.91 28.07 -9.11
N ILE D 59 9.04 27.50 -9.46
CA ILE D 59 10.15 27.46 -8.55
C ILE D 59 10.83 28.83 -8.48
N ASP D 60 11.02 29.32 -7.26
CA ASP D 60 11.75 30.56 -7.05
C ASP D 60 13.23 30.36 -7.35
N CYS D 61 13.74 31.05 -8.37
CA CYS D 61 15.12 30.86 -8.79
C CYS D 61 16.16 31.22 -7.73
N PRO D 62 15.99 32.34 -7.00
CA PRO D 62 16.97 32.59 -5.94
C PRO D 62 17.02 31.46 -4.92
N THR D 63 15.86 30.92 -4.54
CA THR D 63 15.79 29.79 -3.61
C THR D 63 16.45 28.56 -4.23
N LEU D 64 16.18 28.33 -5.50
CA LEU D 64 16.75 27.20 -6.22
C LEU D 64 18.27 27.31 -6.29
N ALA D 65 18.76 28.51 -6.54
CA ALA D 65 20.22 28.73 -6.60
C ALA D 65 20.85 28.47 -5.23
N ARG D 66 20.20 28.97 -4.18
CA ARG D 66 20.69 28.74 -2.83
C ARG D 66 20.69 27.24 -2.52
N PHE D 67 19.58 26.57 -2.80
CA PHE D 67 19.48 25.14 -2.63
C PHE D 67 20.60 24.37 -3.34
N CYS D 68 20.81 24.67 -4.63
CA CYS D 68 21.85 24.00 -5.42
C CYS D 68 23.23 24.16 -4.82
N LEU D 69 23.55 25.39 -4.45
CA LEU D 69 24.85 25.67 -3.83
C LEU D 69 25.02 24.92 -2.52
N MET D 70 23.96 24.86 -1.73
CA MET D 70 23.99 24.16 -0.44
C MET D 70 24.17 22.67 -0.62
N VAL D 71 23.51 22.11 -1.63
CA VAL D 71 23.65 20.70 -1.94
C VAL D 71 25.09 20.39 -2.37
N LYS D 72 25.62 21.20 -3.27
CA LYS D 72 27.00 21.04 -3.74
C LYS D 72 28.00 21.07 -2.58
N LYS D 73 27.84 22.03 -1.67
CA LYS D 73 28.78 22.15 -0.56
C LYS D 73 28.58 21.06 0.48
N GLY D 74 27.45 20.35 0.40
CA GLY D 74 27.13 19.27 1.31
C GLY D 74 27.86 17.96 0.99
N TYR D 75 28.63 17.96 -0.11
CA TYR D 75 29.47 16.81 -0.44
C TYR D 75 30.89 17.03 0.05
N ARG D 76 31.48 15.96 0.57
CA ARG D 76 32.90 15.93 0.91
C ARG D 76 33.70 15.57 -0.32
N ASP D 77 35.00 15.28 -0.13
CA ASP D 77 35.97 15.03 -1.19
C ASP D 77 36.55 13.62 -1.22
N PRO D 78 35.79 12.53 -0.98
CA PRO D 78 36.43 11.23 -1.21
C PRO D 78 36.67 11.03 -2.70
N PRO D 79 37.46 10.03 -3.08
CA PRO D 79 37.76 9.87 -4.51
C PRO D 79 36.53 9.74 -5.42
N TYR D 80 35.51 9.02 -4.97
CA TYR D 80 34.33 8.81 -5.82
C TYR D 80 33.06 9.53 -5.36
N HIS D 81 32.69 9.35 -4.10
CA HIS D 81 31.42 9.87 -3.60
C HIS D 81 31.46 11.36 -3.25
N ASN D 82 31.67 12.17 -4.29
CA ASN D 82 31.82 13.61 -4.18
C ASN D 82 30.76 14.30 -5.04
N TRP D 83 30.81 15.62 -5.12
CA TRP D 83 29.76 16.34 -5.84
C TRP D 83 29.73 15.97 -7.32
N MET D 84 30.90 15.71 -7.92
CA MET D 84 30.90 15.39 -9.34
C MET D 84 30.17 14.06 -9.61
N HIS D 85 30.15 13.16 -8.64
CA HIS D 85 29.31 11.98 -8.76
C HIS D 85 27.82 12.37 -8.75
N ALA D 86 27.41 13.15 -7.76
CA ALA D 86 26.01 13.56 -7.67
C ALA D 86 25.59 14.34 -8.91
N PHE D 87 26.49 15.21 -9.40
CA PHE D 87 26.18 15.96 -10.60
C PHE D 87 26.00 15.06 -11.82
N SER D 88 26.91 14.11 -12.01
CA SER D 88 26.83 13.22 -13.17
C SER D 88 25.61 12.29 -13.08
N VAL D 89 25.23 11.91 -11.86
CA VAL D 89 24.02 11.13 -11.63
C VAL D 89 22.78 11.95 -12.00
N SER D 90 22.77 13.21 -11.61
CA SER D 90 21.66 14.11 -11.90
C SER D 90 21.57 14.34 -13.40
N HIS D 91 22.72 14.49 -14.04
CA HIS D 91 22.73 14.66 -15.47
C HIS D 91 22.10 13.46 -16.16
N PHE D 92 22.39 12.25 -15.66
CA PHE D 92 21.81 11.06 -16.28
C PHE D 92 20.29 11.06 -16.16
N CYS D 93 19.78 11.47 -14.99
CA CYS D 93 18.35 11.61 -14.82
C CYS D 93 17.76 12.51 -15.92
N TYR D 94 18.39 13.66 -16.12
CA TYR D 94 18.03 14.54 -17.20
C TYR D 94 18.08 13.83 -18.56
N LEU D 95 19.12 13.04 -18.82
CA LEU D 95 19.20 12.29 -20.08
C LEU D 95 18.04 11.29 -20.25
N LEU D 96 17.66 10.61 -19.18
CA LEU D 96 16.52 9.70 -19.23
C LEU D 96 15.24 10.44 -19.60
N TYR D 97 15.05 11.61 -19.01
CA TYR D 97 13.89 12.44 -19.33
C TYR D 97 13.91 12.88 -20.79
N LYS D 98 15.08 13.27 -21.29
CA LYS D 98 15.17 13.82 -22.65
C LYS D 98 15.09 12.75 -23.73
N ASN D 99 15.54 11.54 -23.41
CA ASN D 99 15.70 10.49 -24.41
C ASN D 99 14.67 9.39 -24.32
N LEU D 100 14.12 9.19 -23.13
CA LEU D 100 13.11 8.15 -22.93
C LEU D 100 11.76 8.83 -22.72
N GLU D 101 10.70 8.09 -22.94
CA GLU D 101 9.39 8.70 -22.74
C GLU D 101 8.90 8.48 -21.31
N LEU D 102 9.65 9.05 -20.36
CA LEU D 102 9.35 8.90 -18.94
C LEU D 102 7.94 9.35 -18.58
N THR D 103 7.46 10.38 -19.27
CA THR D 103 6.19 10.99 -18.91
C THR D 103 5.02 10.08 -19.31
N ASN D 104 5.30 9.11 -20.17
CA ASN D 104 4.31 8.09 -20.50
C ASN D 104 4.05 7.18 -19.31
N TYR D 105 5.02 7.07 -18.40
CA TYR D 105 4.92 6.11 -17.31
C TYR D 105 4.89 6.74 -15.92
N LEU D 106 5.46 7.94 -15.80
CA LEU D 106 5.58 8.58 -14.50
C LEU D 106 4.94 9.95 -14.49
N GLU D 107 4.52 10.36 -13.29
CA GLU D 107 3.98 11.68 -13.05
C GLU D 107 5.12 12.70 -13.07
N ASP D 108 4.81 13.92 -13.45
CA ASP D 108 5.81 14.98 -13.49
C ASP D 108 6.47 15.15 -12.14
N ILE D 109 5.68 15.05 -11.07
CA ILE D 109 6.24 15.31 -9.74
C ILE D 109 7.16 14.16 -9.35
N GLU D 110 6.90 12.99 -9.90
CA GLU D 110 7.75 11.83 -9.62
C GLU D 110 9.11 12.01 -10.30
N ILE D 111 9.09 12.54 -11.53
CA ILE D 111 10.33 12.81 -12.27
C ILE D 111 11.12 13.93 -11.59
N PHE D 112 10.41 14.94 -11.13
CA PHE D 112 11.05 16.06 -10.43
C PHE D 112 11.73 15.59 -9.16
N ALA D 113 11.01 14.76 -8.39
CA ALA D 113 11.55 14.20 -7.16
C ALA D 113 12.76 13.33 -7.45
N LEU D 114 12.71 12.61 -8.56
CA LEU D 114 13.84 11.75 -8.93
C LEU D 114 15.08 12.60 -9.16
N PHE D 115 14.91 13.71 -9.86
CA PHE D 115 16.04 14.58 -10.19
C PHE D 115 16.63 15.22 -8.94
N ILE D 116 15.77 15.74 -8.08
CA ILE D 116 16.24 16.34 -6.84
C ILE D 116 16.88 15.27 -5.95
N SER D 117 16.28 14.07 -5.94
CA SER D 117 16.88 12.96 -5.17
C SER D 117 18.27 12.65 -5.69
N CYS D 118 18.44 12.64 -7.01
CA CYS D 118 19.78 12.40 -7.58
C CYS D 118 20.81 13.39 -7.02
N MET D 119 20.45 14.67 -7.01
CA MET D 119 21.34 15.71 -6.50
C MET D 119 21.76 15.41 -5.06
N CYS D 120 20.82 14.89 -4.28
CA CYS D 120 20.98 14.79 -2.84
C CYS D 120 21.42 13.42 -2.33
N HIS D 121 21.47 12.44 -3.22
CA HIS D 121 21.38 11.03 -2.75
C HIS D 121 22.60 10.49 -2.02
N ASP D 122 23.75 11.16 -2.09
CA ASP D 122 24.96 10.74 -1.39
C ASP D 122 25.51 11.88 -0.51
N LEU D 123 24.66 12.85 -0.14
CA LEU D 123 25.09 13.98 0.69
C LEU D 123 25.92 13.57 1.92
N ASP D 124 27.06 14.23 2.10
CA ASP D 124 27.94 14.03 3.25
C ASP D 124 28.54 12.63 3.34
N HIS D 125 28.59 11.93 2.21
CA HIS D 125 29.26 10.63 2.14
C HIS D 125 30.71 10.77 2.61
N ARG D 126 31.19 9.75 3.34
CA ARG D 126 32.52 9.82 3.95
C ARG D 126 33.51 8.87 3.30
N GLY D 127 33.10 8.25 2.19
CA GLY D 127 33.98 7.34 1.47
C GLY D 127 33.98 5.97 2.11
N THR D 128 32.99 5.68 2.95
CA THR D 128 32.89 4.37 3.56
C THR D 128 31.48 3.81 3.35
N ASN D 129 31.33 2.49 3.48
CA ASN D 129 30.03 1.89 3.26
C ASN D 129 29.27 1.80 4.58
N ASN D 130 28.14 1.11 4.56
CA ASN D 130 27.31 1.03 5.75
C ASN D 130 27.90 0.18 6.86
N SER D 131 28.43 -0.99 6.52
CA SER D 131 28.96 -1.84 7.57
C SER D 131 30.14 -1.16 8.27
N PHE D 132 30.87 -0.31 7.57
CA PHE D 132 31.98 0.39 8.24
C PHE D 132 31.47 1.31 9.35
N GLN D 133 30.37 2.01 9.08
CA GLN D 133 29.78 2.87 10.10
C GLN D 133 29.44 2.06 11.34
N VAL D 134 28.87 0.88 11.11
CA VAL D 134 28.45 0.02 12.20
C VAL D 134 29.67 -0.51 12.96
N ALA D 135 30.68 -0.98 12.23
CA ALA D 135 31.88 -1.52 12.83
C ALA D 135 32.63 -0.46 13.64
N SER D 136 32.66 0.76 13.13
CA SER D 136 33.41 1.82 13.77
C SER D 136 32.62 2.52 14.85
N LYS D 137 31.37 2.07 15.03
CA LYS D 137 30.44 2.62 16.02
C LYS D 137 30.37 4.15 15.88
N SER D 138 30.18 4.59 14.64
CA SER D 138 30.00 6.01 14.37
C SER D 138 28.67 6.52 14.91
N VAL D 139 28.58 7.83 15.06
CA VAL D 139 27.33 8.44 15.47
C VAL D 139 26.23 8.08 14.46
N LEU D 140 26.57 7.94 13.18
CA LEU D 140 25.56 7.56 12.19
C LEU D 140 25.01 6.18 12.48
N ALA D 141 25.88 5.26 12.87
CA ALA D 141 25.43 3.92 13.24
C ALA D 141 24.57 3.97 14.50
N ALA D 142 24.97 4.77 15.48
CA ALA D 142 24.16 4.93 16.69
C ALA D 142 22.74 5.37 16.32
N LEU D 143 22.63 6.26 15.34
CA LEU D 143 21.33 6.81 14.96
C LEU D 143 20.52 5.87 14.09
N TYR D 144 21.19 5.13 13.20
CA TYR D 144 20.47 4.42 12.14
C TYR D 144 20.66 2.91 12.01
N SER D 145 21.62 2.32 12.73
CA SER D 145 22.00 0.92 12.46
C SER D 145 20.83 -0.06 12.61
N SER D 146 19.95 0.19 13.58
CA SER D 146 18.87 -0.75 13.86
C SER D 146 17.82 -0.74 12.76
N GLU D 147 17.73 0.37 12.04
CA GLU D 147 16.73 0.50 10.99
C GLU D 147 17.29 0.11 9.62
N GLY D 148 18.61 0.12 9.51
CA GLY D 148 19.26 -0.23 8.26
C GLY D 148 19.56 0.96 7.36
N SER D 149 20.35 0.70 6.33
CA SER D 149 20.76 1.68 5.32
C SER D 149 21.29 2.94 5.98
N VAL D 150 22.34 2.75 6.78
CA VAL D 150 22.87 3.84 7.61
C VAL D 150 23.19 5.11 6.82
N MET D 151 24.00 4.99 5.77
CA MET D 151 24.41 6.19 5.05
C MET D 151 23.24 6.81 4.30
N GLU D 152 22.36 5.97 3.75
CA GLU D 152 21.25 6.49 2.97
C GLU D 152 20.26 7.22 3.85
N ARG D 153 20.04 6.72 5.06
CA ARG D 153 19.24 7.49 6.01
C ARG D 153 19.91 8.84 6.35
N HIS D 154 21.23 8.84 6.45
CA HIS D 154 21.94 10.10 6.67
C HIS D 154 21.80 11.05 5.47
N HIS D 155 21.92 10.52 4.25
CA HIS D 155 21.78 11.35 3.04
C HIS D 155 20.44 12.07 3.02
N PHE D 156 19.38 11.32 3.31
CA PHE D 156 18.05 11.89 3.35
C PHE D 156 17.95 12.96 4.44
N ALA D 157 18.48 12.65 5.62
CA ALA D 157 18.38 13.58 6.74
C ALA D 157 19.10 14.88 6.40
N GLN D 158 20.18 14.78 5.64
CA GLN D 158 20.95 15.93 5.23
C GLN D 158 20.18 16.75 4.21
N ALA D 159 19.49 16.08 3.32
CA ALA D 159 18.61 16.78 2.38
C ALA D 159 17.53 17.54 3.14
N ILE D 160 16.95 16.91 4.15
CA ILE D 160 15.93 17.57 4.98
C ILE D 160 16.51 18.81 5.67
N ALA D 161 17.74 18.68 6.18
CA ALA D 161 18.41 19.80 6.84
C ALA D 161 18.63 20.97 5.88
N ILE D 162 18.96 20.68 4.63
CA ILE D 162 19.15 21.72 3.63
C ILE D 162 17.81 22.39 3.30
N LEU D 163 16.78 21.60 3.09
CA LEU D 163 15.44 22.16 2.84
C LEU D 163 14.94 22.98 4.02
N ASN D 164 15.37 22.60 5.22
CA ASN D 164 14.95 23.30 6.44
C ASN D 164 15.84 24.51 6.76
N THR D 165 16.79 24.78 5.88
CA THR D 165 17.63 25.96 6.04
C THR D 165 16.93 27.16 5.43
N HIS D 166 16.95 28.28 6.13
CA HIS D 166 16.26 29.48 5.68
C HIS D 166 16.67 29.85 4.26
N GLY D 167 15.69 30.09 3.40
CA GLY D 167 15.95 30.50 2.04
C GLY D 167 16.21 29.38 1.05
N CYS D 168 16.15 28.13 1.51
CA CYS D 168 16.52 27.00 0.66
C CYS D 168 15.42 26.01 0.34
N ASN D 169 14.22 26.25 0.87
CA ASN D 169 13.13 25.30 0.64
C ASN D 169 12.47 25.53 -0.72
N ILE D 170 12.96 24.84 -1.74
CA ILE D 170 12.47 25.04 -3.09
C ILE D 170 11.02 24.59 -3.26
N PHE D 171 10.51 23.87 -2.26
CA PHE D 171 9.14 23.32 -2.28
C PHE D 171 8.12 24.05 -1.43
N ASP D 172 8.52 25.12 -0.75
CA ASP D 172 7.68 25.59 0.35
C ASP D 172 6.41 26.32 -0.10
N HIS D 173 6.26 26.53 -1.41
CA HIS D 173 5.03 27.10 -1.97
C HIS D 173 4.10 26.03 -2.48
N PHE D 174 4.55 24.77 -2.46
CA PHE D 174 3.72 23.64 -2.89
C PHE D 174 2.53 23.53 -1.96
N SER D 175 1.41 23.04 -2.48
CA SER D 175 0.28 22.69 -1.63
C SER D 175 0.77 21.69 -0.59
N ARG D 176 0.05 21.57 0.53
CA ARG D 176 0.49 20.67 1.59
C ARG D 176 0.65 19.26 1.05
N LYS D 177 -0.29 18.84 0.21
CA LYS D 177 -0.27 17.51 -0.38
C LYS D 177 0.94 17.27 -1.28
N ASP D 178 1.26 18.24 -2.14
CA ASP D 178 2.36 18.07 -3.09
C ASP D 178 3.70 18.17 -2.36
N TYR D 179 3.73 18.98 -1.31
CA TYR D 179 4.90 19.09 -0.46
C TYR D 179 5.19 17.76 0.20
N GLN D 180 4.15 17.15 0.75
CA GLN D 180 4.32 15.87 1.43
C GLN D 180 4.75 14.81 0.42
N ARG D 181 4.17 14.87 -0.78
CA ARG D 181 4.52 13.93 -1.83
C ARG D 181 6.01 14.02 -2.16
N MET D 182 6.54 15.23 -2.29
CA MET D 182 7.98 15.38 -2.51
C MET D 182 8.84 14.73 -1.44
N LEU D 183 8.51 14.95 -0.17
CA LEU D 183 9.29 14.37 0.92
C LEU D 183 9.24 12.85 0.87
N ASP D 184 8.05 12.31 0.64
CA ASP D 184 7.89 10.86 0.63
C ASP D 184 8.65 10.25 -0.53
N LEU D 185 8.58 10.90 -1.69
CA LEU D 185 9.30 10.43 -2.87
C LEU D 185 10.80 10.49 -2.61
N MET D 186 11.30 11.62 -2.13
CA MET D 186 12.73 11.75 -1.85
C MET D 186 13.20 10.68 -0.89
N ARG D 187 12.41 10.44 0.17
CA ARG D 187 12.80 9.40 1.12
C ARG D 187 12.88 8.04 0.46
N ASP D 188 11.85 7.65 -0.27
CA ASP D 188 11.84 6.33 -0.88
C ASP D 188 12.98 6.19 -1.86
N ILE D 189 13.22 7.23 -2.64
CA ILE D 189 14.18 7.14 -3.75
C ILE D 189 15.60 7.11 -3.16
N ILE D 190 15.88 7.97 -2.19
CA ILE D 190 17.20 7.97 -1.59
C ILE D 190 17.47 6.67 -0.83
N LEU D 191 16.48 6.12 -0.12
CA LEU D 191 16.72 4.86 0.57
C LEU D 191 16.96 3.72 -0.41
N ALA D 192 16.38 3.85 -1.60
CA ALA D 192 16.52 2.83 -2.65
C ALA D 192 17.92 2.76 -3.23
N THR D 193 18.76 3.76 -2.90
CA THR D 193 20.12 3.74 -3.42
C THR D 193 21.05 2.80 -2.63
N ASP D 194 20.60 2.26 -1.50
CA ASP D 194 21.36 1.22 -0.83
C ASP D 194 21.38 0.00 -1.74
N LEU D 195 22.55 -0.45 -2.17
CA LEU D 195 22.55 -1.60 -3.07
C LEU D 195 21.90 -2.81 -2.41
N ALA D 196 21.96 -2.90 -1.08
CA ALA D 196 21.24 -3.96 -0.37
C ALA D 196 19.72 -3.93 -0.62
N HIS D 197 19.16 -2.73 -0.78
CA HIS D 197 17.74 -2.55 -1.10
C HIS D 197 17.45 -3.02 -2.52
N HIS D 198 18.30 -2.61 -3.46
CA HIS D 198 18.11 -3.03 -4.84
C HIS D 198 18.10 -4.55 -4.95
N LEU D 199 19.06 -5.19 -4.30
CA LEU D 199 19.15 -6.64 -4.33
C LEU D 199 17.92 -7.30 -3.72
N ARG D 200 17.37 -6.68 -2.68
CA ARG D 200 16.15 -7.20 -2.07
C ARG D 200 14.94 -7.11 -3.02
N ILE D 201 14.84 -6.02 -3.79
CA ILE D 201 13.64 -5.79 -4.58
C ILE D 201 13.79 -6.19 -6.04
N PHE D 202 14.94 -6.78 -6.37
CA PHE D 202 15.22 -7.14 -7.75
C PHE D 202 14.13 -8.05 -8.29
N LYS D 203 13.68 -8.99 -7.48
CA LYS D 203 12.68 -9.95 -7.93
C LYS D 203 11.37 -9.22 -8.24
N ASP D 204 11.09 -8.14 -7.51
CA ASP D 204 9.88 -7.35 -7.74
C ASP D 204 10.01 -6.55 -9.03
N LEU D 205 11.21 -6.03 -9.28
CA LEU D 205 11.48 -5.37 -10.55
C LEU D 205 11.27 -6.35 -11.71
N GLN D 206 11.82 -7.54 -11.56
CA GLN D 206 11.68 -8.58 -12.59
C GLN D 206 10.21 -8.87 -12.84
N LYS D 207 9.45 -9.05 -11.76
CA LYS D 207 8.02 -9.38 -11.90
C LYS D 207 7.29 -8.28 -12.63
N MET D 208 7.61 -7.02 -12.33
CA MET D 208 6.99 -5.89 -13.00
C MET D 208 7.29 -5.92 -14.49
N ALA D 209 8.54 -6.16 -14.84
CA ALA D 209 8.91 -6.27 -16.25
C ALA D 209 8.19 -7.44 -16.92
N GLU D 210 7.97 -8.50 -16.16
CA GLU D 210 7.33 -9.70 -16.69
C GLU D 210 5.87 -9.48 -17.03
N VAL D 211 5.13 -8.89 -16.11
CA VAL D 211 3.70 -8.66 -16.35
C VAL D 211 3.49 -7.43 -17.22
N GLY D 212 4.51 -6.60 -17.30
CA GLY D 212 4.42 -5.35 -18.03
C GLY D 212 4.00 -4.22 -17.12
N TYR D 213 4.58 -3.05 -17.36
CA TYR D 213 4.33 -1.88 -16.54
C TYR D 213 2.86 -1.46 -16.61
N ASP D 214 2.30 -1.21 -15.44
CA ASP D 214 0.91 -0.77 -15.29
C ASP D 214 0.90 0.65 -14.79
N ARG D 215 0.59 1.59 -15.68
CA ARG D 215 0.54 3.02 -15.38
C ARG D 215 -0.36 3.37 -14.19
N ASN D 216 -1.33 2.50 -13.93
CA ASN D 216 -2.31 2.76 -12.87
C ASN D 216 -1.99 2.02 -11.60
N ASN D 217 -0.85 1.34 -11.58
CA ASN D 217 -0.40 0.63 -10.39
C ASN D 217 0.64 1.47 -9.64
N LYS D 218 0.27 1.95 -8.47
CA LYS D 218 1.16 2.83 -7.71
C LYS D 218 2.44 2.13 -7.26
N GLN D 219 2.38 0.81 -7.08
CA GLN D 219 3.58 0.07 -6.70
C GLN D 219 4.55 0.01 -7.88
N HIS D 220 4.01 -0.08 -9.09
CA HIS D 220 4.85 -0.06 -10.28
C HIS D 220 5.55 1.29 -10.42
N HIS D 221 4.85 2.39 -10.14
CA HIS D 221 5.50 3.69 -10.12
C HIS D 221 6.68 3.69 -9.15
N ARG D 222 6.47 3.21 -7.93
CA ARG D 222 7.50 3.16 -6.91
C ARG D 222 8.69 2.33 -7.36
N LEU D 223 8.40 1.15 -7.90
CA LEU D 223 9.48 0.27 -8.36
C LEU D 223 10.24 0.88 -9.52
N LEU D 224 9.55 1.51 -10.46
CA LEU D 224 10.23 2.12 -11.59
C LEU D 224 11.15 3.25 -11.12
N LEU D 225 10.69 4.03 -10.14
CA LEU D 225 11.52 5.10 -9.61
C LEU D 225 12.80 4.53 -9.01
N CYS D 226 12.69 3.41 -8.29
CA CYS D 226 13.87 2.73 -7.73
C CYS D 226 14.82 2.33 -8.84
N LEU D 227 14.27 1.70 -9.88
CA LEU D 227 15.11 1.23 -11.00
C LEU D 227 15.82 2.39 -11.70
N LEU D 228 15.10 3.47 -11.95
CA LEU D 228 15.67 4.64 -12.60
C LEU D 228 16.76 5.27 -11.73
N MET D 229 16.51 5.40 -10.44
CA MET D 229 17.52 5.91 -9.50
C MET D 229 18.80 5.09 -9.57
N THR D 230 18.67 3.76 -9.46
CA THR D 230 19.87 2.91 -9.56
C THR D 230 20.54 3.10 -10.92
N SER D 231 19.74 3.22 -11.99
CA SER D 231 20.28 3.41 -13.34
C SER D 231 21.11 4.69 -13.41
N CYS D 232 20.68 5.70 -12.68
CA CYS D 232 21.41 6.95 -12.63
C CYS D 232 22.68 6.80 -11.81
N ASP D 233 22.57 6.11 -10.67
CA ASP D 233 23.70 5.90 -9.75
C ASP D 233 24.85 5.17 -10.46
N LEU D 234 24.50 4.27 -11.37
CA LEU D 234 25.50 3.45 -12.05
C LEU D 234 25.86 3.93 -13.45
N SER D 235 25.37 5.11 -13.83
CA SER D 235 25.48 5.58 -15.21
C SER D 235 26.90 5.83 -15.74
N ASP D 236 27.92 5.87 -14.87
CA ASP D 236 29.30 5.95 -15.39
C ASP D 236 29.62 4.74 -16.26
N GLN D 237 28.89 3.65 -16.06
CA GLN D 237 29.16 2.42 -16.81
C GLN D 237 28.61 2.48 -18.23
N THR D 238 27.81 3.49 -18.51
CA THR D 238 27.14 3.63 -19.81
C THR D 238 27.84 4.58 -20.78
N LYS D 239 29.02 5.04 -20.40
CA LYS D 239 29.79 5.95 -21.25
C LYS D 239 30.84 5.13 -22.03
N GLY D 240 32.00 5.70 -22.28
CA GLY D 240 33.06 4.98 -23.00
C GLY D 240 33.98 4.25 -22.03
N TRP D 241 34.96 3.54 -22.60
CA TRP D 241 35.95 2.83 -21.80
C TRP D 241 36.68 3.74 -20.82
N LYS D 242 37.07 4.92 -21.29
CA LYS D 242 37.83 5.86 -20.46
C LYS D 242 37.09 6.16 -19.16
N THR D 243 35.78 6.32 -19.26
CA THR D 243 34.99 6.65 -18.08
C THR D 243 34.95 5.49 -17.09
N THR D 244 34.71 4.27 -17.58
CA THR D 244 34.59 3.16 -16.64
C THR D 244 35.96 2.85 -16.03
N ARG D 245 37.03 3.03 -16.80
CA ARG D 245 38.37 2.81 -16.27
C ARG D 245 38.68 3.83 -15.18
N LYS D 246 38.42 5.10 -15.45
CA LYS D 246 38.68 6.15 -14.47
C LYS D 246 37.83 5.97 -13.22
N ILE D 247 36.56 5.61 -13.40
CA ILE D 247 35.70 5.49 -12.23
C ILE D 247 36.10 4.25 -11.42
N ALA D 248 36.62 3.21 -12.06
CA ALA D 248 37.13 2.07 -11.30
C ALA D 248 38.30 2.51 -10.42
N GLU D 249 39.17 3.37 -10.95
CA GLU D 249 40.27 3.94 -10.17
C GLU D 249 39.76 4.65 -8.92
N LEU D 250 38.73 5.48 -9.09
CA LEU D 250 38.21 6.25 -7.99
C LEU D 250 37.53 5.37 -6.95
N ILE D 251 36.74 4.41 -7.41
CA ILE D 251 36.01 3.54 -6.51
C ILE D 251 36.97 2.70 -5.69
N TYR D 252 37.96 2.10 -6.33
CA TYR D 252 38.86 1.22 -5.59
C TYR D 252 39.80 2.02 -4.71
N LYS D 253 40.15 3.24 -5.09
CA LYS D 253 40.94 4.09 -4.19
C LYS D 253 40.13 4.29 -2.91
N GLU D 254 38.85 4.58 -3.09
CA GLU D 254 37.97 4.77 -1.97
C GLU D 254 37.82 3.49 -1.14
N PHE D 255 37.47 2.39 -1.79
CA PHE D 255 37.37 1.09 -1.13
C PHE D 255 38.63 0.72 -0.33
N PHE D 256 39.79 0.80 -0.97
CA PHE D 256 41.02 0.36 -0.32
C PHE D 256 41.38 1.23 0.87
N SER D 257 41.03 2.51 0.81
CA SER D 257 41.26 3.38 1.97
C SER D 257 40.38 2.92 3.14
N GLN D 258 39.16 2.49 2.87
CA GLN D 258 38.33 1.93 3.94
C GLN D 258 38.97 0.65 4.48
N GLY D 259 39.42 -0.21 3.58
CA GLY D 259 40.03 -1.47 3.97
C GLY D 259 41.25 -1.28 4.86
N ASP D 260 42.06 -0.28 4.52
CA ASP D 260 43.23 0.02 5.35
C ASP D 260 42.78 0.40 6.77
N LEU D 261 41.74 1.22 6.88
CA LEU D 261 41.20 1.61 8.18
C LEU D 261 40.73 0.41 8.98
N GLU D 262 40.01 -0.50 8.32
CA GLU D 262 39.50 -1.70 8.95
C GLU D 262 40.62 -2.57 9.51
N LYS D 263 41.68 -2.73 8.73
CA LYS D 263 42.83 -3.50 9.19
C LYS D 263 43.44 -2.83 10.44
N ALA D 264 43.48 -1.50 10.43
CA ALA D 264 44.11 -0.77 11.54
C ALA D 264 43.23 -0.87 12.79
N MET D 265 41.96 -1.20 12.58
CA MET D 265 41.01 -1.35 13.68
C MET D 265 41.00 -2.79 14.19
N GLY D 266 41.71 -3.67 13.50
CA GLY D 266 41.75 -5.08 13.87
C GLY D 266 40.81 -6.00 13.12
N ASN D 267 40.08 -5.47 12.15
CA ASN D 267 39.11 -6.28 11.41
C ASN D 267 39.56 -6.66 10.01
N ARG D 268 38.96 -7.71 9.46
CA ARG D 268 39.28 -8.16 8.12
C ARG D 268 38.29 -7.54 7.16
N PRO D 269 38.81 -6.71 6.24
CA PRO D 269 37.93 -6.07 5.24
C PRO D 269 37.38 -7.10 4.27
N MET D 270 36.27 -6.74 3.61
CA MET D 270 35.78 -7.56 2.52
C MET D 270 36.88 -7.59 1.46
N GLU D 271 36.91 -8.67 0.69
CA GLU D 271 37.90 -8.85 -0.37
C GLU D 271 38.04 -7.62 -1.26
N MET D 272 36.92 -7.04 -1.70
CA MET D 272 37.00 -5.95 -2.65
C MET D 272 37.52 -4.65 -2.05
N MET D 273 37.64 -4.58 -0.73
CA MET D 273 38.24 -3.42 -0.08
C MET D 273 39.64 -3.67 0.45
N ASP D 274 40.14 -4.88 0.22
CA ASP D 274 41.47 -5.25 0.68
C ASP D 274 42.45 -5.15 -0.48
N ARG D 275 43.31 -4.15 -0.45
CA ARG D 275 44.20 -3.89 -1.58
C ARG D 275 45.24 -5.01 -1.78
N GLU D 276 45.33 -5.95 -0.83
CA GLU D 276 46.22 -7.11 -0.97
C GLU D 276 45.51 -8.33 -1.59
N LYS D 277 44.19 -8.27 -1.70
CA LYS D 277 43.38 -9.39 -2.18
C LYS D 277 42.52 -9.04 -3.38
N ALA D 278 42.19 -7.76 -3.51
CA ALA D 278 41.23 -7.34 -4.51
C ALA D 278 41.79 -7.44 -5.93
N TYR D 279 41.20 -8.31 -6.75
CA TYR D 279 41.64 -8.47 -8.13
C TYR D 279 40.66 -7.68 -8.99
N ILE D 280 41.03 -6.44 -9.29
CA ILE D 280 40.07 -5.48 -9.87
C ILE D 280 39.36 -5.94 -11.14
N PRO D 281 40.05 -6.56 -12.11
CA PRO D 281 39.26 -6.91 -13.31
C PRO D 281 38.16 -7.92 -13.02
N GLU D 282 38.37 -8.91 -12.15
CA GLU D 282 37.32 -9.88 -11.86
C GLU D 282 36.19 -9.19 -11.09
N LEU D 283 36.54 -8.30 -10.17
CA LEU D 283 35.55 -7.60 -9.35
C LEU D 283 34.72 -6.67 -10.21
N GLN D 284 35.39 -5.95 -11.10
CA GLN D 284 34.68 -5.00 -11.97
C GLN D 284 33.79 -5.77 -12.96
N ILE D 285 34.29 -6.86 -13.52
CA ILE D 285 33.50 -7.64 -14.46
C ILE D 285 32.29 -8.26 -13.74
N SER D 286 32.47 -8.71 -12.49
CA SER D 286 31.37 -9.28 -11.74
C SER D 286 30.30 -8.23 -11.44
N PHE D 287 30.74 -7.05 -11.02
CA PHE D 287 29.80 -5.96 -10.77
C PHE D 287 29.00 -5.65 -12.04
N MET D 288 29.70 -5.53 -13.15
CA MET D 288 29.03 -5.18 -14.40
C MET D 288 28.06 -6.27 -14.85
N GLU D 289 28.50 -7.52 -14.74
CA GLU D 289 27.72 -8.64 -15.25
C GLU D 289 26.51 -8.98 -14.37
N HIS D 290 26.67 -8.82 -13.07
CA HIS D 290 25.66 -9.33 -12.14
C HIS D 290 24.90 -8.24 -11.38
N ILE D 291 25.38 -7.00 -11.42
CA ILE D 291 24.62 -5.89 -10.87
C ILE D 291 24.21 -4.88 -11.94
N ALA D 292 25.16 -4.30 -12.67
CA ALA D 292 24.80 -3.23 -13.60
C ALA D 292 24.07 -3.74 -14.83
N MET D 293 24.56 -4.79 -15.47
CA MET D 293 23.88 -5.25 -16.69
C MET D 293 22.41 -5.65 -16.47
N PRO D 294 22.07 -6.40 -15.37
CA PRO D 294 20.65 -6.72 -15.19
C PRO D 294 19.78 -5.49 -14.95
N ILE D 295 20.33 -4.45 -14.34
CA ILE D 295 19.60 -3.19 -14.17
C ILE D 295 19.29 -2.54 -15.53
N TYR D 296 20.29 -2.45 -16.41
CA TYR D 296 20.06 -1.81 -17.68
C TYR D 296 19.27 -2.71 -18.62
N LYS D 297 19.29 -4.03 -18.37
CA LYS D 297 18.46 -4.93 -19.14
C LYS D 297 16.99 -4.71 -18.78
N LEU D 298 16.70 -4.60 -17.49
CA LEU D 298 15.36 -4.25 -17.04
C LEU D 298 14.92 -2.91 -17.65
N LEU D 299 15.83 -1.93 -17.67
CA LEU D 299 15.52 -0.62 -18.22
C LEU D 299 15.15 -0.74 -19.70
N GLN D 300 15.88 -1.57 -20.43
CA GLN D 300 15.63 -1.79 -21.85
C GLN D 300 14.32 -2.53 -22.06
N ASP D 301 14.01 -3.46 -21.15
CA ASP D 301 12.74 -4.17 -21.21
C ASP D 301 11.58 -3.17 -21.12
N LEU D 302 11.74 -2.20 -20.24
CA LEU D 302 10.65 -1.25 -19.99
C LEU D 302 10.62 -0.12 -21.00
N PHE D 303 11.81 0.29 -21.45
CA PHE D 303 11.97 1.36 -22.43
C PHE D 303 12.85 0.88 -23.57
N PRO D 304 12.25 0.54 -24.72
CA PRO D 304 13.04 0.04 -25.84
C PRO D 304 14.17 0.99 -26.27
N LYS D 305 13.98 2.30 -26.10
CA LYS D 305 15.00 3.26 -26.50
C LYS D 305 16.24 3.22 -25.58
N ALA D 306 16.12 2.51 -24.46
CA ALA D 306 17.25 2.38 -23.53
C ALA D 306 18.21 1.26 -23.93
N ALA D 307 17.93 0.61 -25.05
CA ALA D 307 18.74 -0.52 -25.49
C ALA D 307 20.21 -0.18 -25.62
N GLU D 308 20.52 1.02 -26.12
CA GLU D 308 21.92 1.39 -26.34
C GLU D 308 22.67 1.50 -25.02
N LEU D 309 21.94 1.76 -23.93
CA LEU D 309 22.57 1.85 -22.62
C LEU D 309 23.07 0.48 -22.18
N TYR D 310 22.20 -0.52 -22.28
CA TYR D 310 22.57 -1.90 -21.97
C TYR D 310 23.73 -2.35 -22.85
N GLU D 311 23.62 -2.07 -24.14
CA GLU D 311 24.67 -2.46 -25.09
C GLU D 311 26.00 -1.84 -24.73
N ARG D 312 25.98 -0.60 -24.27
CA ARG D 312 27.20 0.08 -23.88
C ARG D 312 27.84 -0.57 -22.66
N VAL D 313 27.04 -0.90 -21.66
CA VAL D 313 27.58 -1.55 -20.47
C VAL D 313 28.19 -2.89 -20.84
N ALA D 314 27.51 -3.64 -21.70
CA ALA D 314 28.01 -4.93 -22.14
C ALA D 314 29.32 -4.77 -22.91
N SER D 315 29.40 -3.72 -23.72
CA SER D 315 30.61 -3.45 -24.51
C SER D 315 31.77 -3.11 -23.59
N ASN D 316 31.48 -2.32 -22.56
CA ASN D 316 32.49 -1.93 -21.58
C ASN D 316 32.92 -3.14 -20.74
N ARG D 317 31.97 -4.03 -20.45
CA ARG D 317 32.32 -5.28 -19.76
C ARG D 317 33.30 -6.06 -20.61
N GLU D 318 33.00 -6.18 -21.90
CA GLU D 318 33.85 -6.94 -22.81
C GLU D 318 35.25 -6.31 -22.87
N HIS D 319 35.32 -4.99 -22.75
CA HIS D 319 36.62 -4.32 -22.79
C HIS D 319 37.45 -4.70 -21.57
N TRP D 320 36.79 -4.81 -20.42
CA TRP D 320 37.46 -5.20 -19.20
C TRP D 320 38.01 -6.62 -19.30
N THR D 321 37.24 -7.51 -19.90
CA THR D 321 37.71 -8.86 -20.14
C THR D 321 38.97 -8.86 -21.02
N LYS D 322 39.00 -7.96 -21.99
CA LYS D 322 40.11 -7.91 -22.95
C LYS D 322 41.41 -7.35 -22.37
N VAL D 323 41.33 -6.52 -21.34
CA VAL D 323 42.52 -5.93 -20.75
C VAL D 323 42.90 -6.60 -19.45
N SER D 324 42.10 -7.58 -19.05
CA SER D 324 42.31 -8.34 -17.81
C SER D 324 43.73 -8.90 -17.70
N HIS D 325 44.24 -9.41 -18.82
CA HIS D 325 45.57 -10.05 -18.83
C HIS D 325 46.68 -9.12 -18.40
N LYS D 326 46.47 -7.81 -18.56
CA LYS D 326 47.52 -6.84 -18.26
C LYS D 326 47.79 -6.70 -16.76
N PHE D 327 46.90 -7.25 -15.94
CA PHE D 327 47.08 -7.22 -14.50
C PHE D 327 48.05 -8.32 -14.07
N THR D 328 48.39 -9.20 -15.01
CA THR D 328 49.42 -10.21 -14.79
C THR D 328 50.74 -9.66 -15.30
N ILE D 329 51.72 -9.54 -14.41
CA ILE D 329 53.03 -9.04 -14.83
C ILE D 329 53.82 -10.13 -15.55
N ARG D 330 53.82 -10.06 -16.87
CA ARG D 330 54.70 -10.93 -17.65
C ARG D 330 55.96 -10.16 -17.94
N GLY D 331 57.07 -10.88 -18.03
CA GLY D 331 58.34 -10.22 -18.15
C GLY D 331 58.65 -9.43 -16.89
N LEU D 332 59.32 -8.31 -17.06
CA LEU D 332 59.64 -7.42 -15.96
C LEU D 332 58.67 -6.26 -15.94
N PRO D 333 58.44 -5.66 -14.76
CA PRO D 333 57.64 -4.43 -14.70
C PRO D 333 58.24 -3.34 -15.57
N SER D 334 57.50 -2.25 -15.75
CA SER D 334 57.92 -1.14 -16.61
C SER D 334 59.35 -0.66 -16.34
N ASN D 335 59.74 -0.62 -15.06
CA ASN D 335 61.04 -0.08 -14.67
C ASN D 335 62.18 -1.10 -14.66
N ASN D 336 61.91 -2.28 -15.23
CA ASN D 336 62.92 -3.35 -15.30
C ASN D 336 63.46 -3.76 -13.94
N SER D 337 62.60 -3.68 -12.92
CA SER D 337 63.04 -3.96 -11.57
C SER D 337 62.10 -4.91 -10.83
N LEU D 338 62.67 -5.81 -10.05
CA LEU D 338 61.88 -6.69 -9.18
C LEU D 338 61.91 -6.17 -7.74
N ASP D 339 62.25 -4.91 -7.57
CA ASP D 339 62.31 -4.30 -6.24
C ASP D 339 60.96 -4.39 -5.54
N PHE D 340 59.88 -4.43 -6.32
CA PHE D 340 58.53 -4.46 -5.77
C PHE D 340 58.23 -5.74 -5.00
N LEU D 341 59.07 -6.76 -5.15
CA LEU D 341 58.87 -8.03 -4.44
C LEU D 341 59.21 -7.93 -2.96
#